data_3CJZ
# 
_entry.id   3CJZ 
# 
_audit_conform.dict_name       mmcif_pdbx.dic 
_audit_conform.dict_version    5.389 
_audit_conform.dict_location   http://mmcif.pdb.org/dictionaries/ascii/mmcif_pdbx.dic 
# 
loop_
_database_2.database_id 
_database_2.database_code 
_database_2.pdbx_database_accession 
_database_2.pdbx_DOI 
PDB   3CJZ         pdb_00003cjz 10.2210/pdb3cjz/pdb 
NDB   AR0097       ?            ?                   
RCSB  RCSB046868   ?            ?                   
WWPDB D_1000046868 ?            ?                   
# 
loop_
_pdbx_audit_revision_history.ordinal 
_pdbx_audit_revision_history.data_content_type 
_pdbx_audit_revision_history.major_revision 
_pdbx_audit_revision_history.minor_revision 
_pdbx_audit_revision_history.revision_date 
1 'Structure model' 1 0 2008-10-14 
2 'Structure model' 1 1 2011-07-13 
3 'Structure model' 1 2 2020-07-22 
4 'Structure model' 1 3 2024-02-21 
5 'Structure model' 1 4 2024-04-03 
# 
_pdbx_audit_revision_details.ordinal             1 
_pdbx_audit_revision_details.revision_ordinal    1 
_pdbx_audit_revision_details.data_content_type   'Structure model' 
_pdbx_audit_revision_details.provider            repository 
_pdbx_audit_revision_details.type                'Initial release' 
_pdbx_audit_revision_details.description         ? 
_pdbx_audit_revision_details.details             ? 
# 
loop_
_pdbx_audit_revision_group.ordinal 
_pdbx_audit_revision_group.revision_ordinal 
_pdbx_audit_revision_group.data_content_type 
_pdbx_audit_revision_group.group 
1 2 'Structure model' 'Version format compliance' 
2 3 'Structure model' Advisory                    
3 3 'Structure model' 'Database references'       
4 3 'Structure model' 'Derived calculations'      
5 4 'Structure model' 'Data collection'           
6 4 'Structure model' 'Database references'       
7 5 'Structure model' 'Refinement description'    
# 
loop_
_pdbx_audit_revision_category.ordinal 
_pdbx_audit_revision_category.revision_ordinal 
_pdbx_audit_revision_category.data_content_type 
_pdbx_audit_revision_category.category 
1  3 'Structure model' ndb_struct_conf_na            
2  3 'Structure model' ndb_struct_na_base_pair       
3  3 'Structure model' ndb_struct_na_base_pair_step  
4  3 'Structure model' pdbx_distant_solvent_atoms    
5  3 'Structure model' pdbx_struct_assembly          
6  3 'Structure model' pdbx_struct_assembly_gen      
7  3 'Structure model' pdbx_struct_assembly_prop     
8  3 'Structure model' struct_conn                   
9  3 'Structure model' struct_ref_seq                
10 4 'Structure model' chem_comp_atom                
11 4 'Structure model' chem_comp_bond                
12 4 'Structure model' database_2                    
13 5 'Structure model' pdbx_initial_refinement_model 
# 
loop_
_pdbx_audit_revision_item.ordinal 
_pdbx_audit_revision_item.revision_ordinal 
_pdbx_audit_revision_item.data_content_type 
_pdbx_audit_revision_item.item 
1  3 'Structure model' '_ndb_struct_na_base_pair.buckle'              
2  3 'Structure model' '_ndb_struct_na_base_pair.hbond_type_12'       
3  3 'Structure model' '_ndb_struct_na_base_pair_step.inclination'    
4  3 'Structure model' '_ndb_struct_na_base_pair_step.y_displacement' 
5  3 'Structure model' '_pdbx_struct_assembly_prop.value'             
6  3 'Structure model' '_struct_conn.pdbx_leaving_atom_flag'          
7  3 'Structure model' '_struct_ref_seq.db_align_beg'                 
8  3 'Structure model' '_struct_ref_seq.db_align_end'                 
9  4 'Structure model' '_database_2.pdbx_DOI'                         
10 4 'Structure model' '_database_2.pdbx_database_accession'          
# 
_pdbx_database_status.status_code                     REL 
_pdbx_database_status.entry_id                        3CJZ 
_pdbx_database_status.recvd_initial_deposition_date   2008-03-14 
_pdbx_database_status.deposit_site                    RCSB 
_pdbx_database_status.process_site                    RCSB 
_pdbx_database_status.status_code_sf                  REL 
_pdbx_database_status.status_code_mr                  ? 
_pdbx_database_status.SG_entry                        ? 
_pdbx_database_status.pdb_format_compatible           Y 
_pdbx_database_status.status_code_cs                  ? 
_pdbx_database_status.status_code_nmr_data            ? 
_pdbx_database_status.methods_development_category    ? 
# 
loop_
_audit_author.name 
_audit_author.pdbx_ordinal 
'Pallan, P.S.' 1 
'Kreutz, C.'   2 
'Bosio, S.'    3 
'Micura, R.'   4 
'Egli, M.'     5 
# 
_citation.id                        primary 
_citation.title                     
'Effects of N2,N2-dimethylguanosine on RNA structure and stability: crystal structure of an RNA duplex with tandem m2 2G:A pairs.' 
_citation.journal_abbrev            Rna 
_citation.journal_volume            14 
_citation.page_first                2125 
_citation.page_last                 2135 
_citation.year                      2008 
_citation.journal_id_ASTM           RNARFU 
_citation.country                   UK 
_citation.journal_id_ISSN           1355-8382 
_citation.journal_id_CSD            2122 
_citation.book_publisher            ? 
_citation.pdbx_database_id_PubMed   18772248 
_citation.pdbx_database_id_DOI      10.1261/rna.1078508 
# 
loop_
_citation_author.citation_id 
_citation_author.name 
_citation_author.ordinal 
_citation_author.identifier_ORCID 
primary 'Pallan, P.S.' 1 ? 
primary 'Kreutz, C.'   2 ? 
primary 'Bosio, S.'    3 ? 
primary 'Micura, R.'   4 ? 
primary 'Egli, M.'     5 ? 
# 
loop_
_entity.id 
_entity.type 
_entity.src_method 
_entity.pdbx_description 
_entity.formula_weight 
_entity.pdbx_number_of_molecules 
_entity.pdbx_ec 
_entity.pdbx_mutation 
_entity.pdbx_fragment 
_entity.details 
1 polymer syn 
;RNA (5'-R(*GP*GP*AP*CP*GP*(M2G)P*AP*CP*GP*UP*CP*CP*U)-3')
;
4200.595 2   ? ? ? ? 
2 water   nat water                                                       18.015   115 ? ? ? ? 
# 
_entity_poly.entity_id                      1 
_entity_poly.type                           polyribonucleotide 
_entity_poly.nstd_linkage                   no 
_entity_poly.nstd_monomer                   yes 
_entity_poly.pdbx_seq_one_letter_code       'GGACG(M2G)ACGUCCU' 
_entity_poly.pdbx_seq_one_letter_code_can   GGACGGACGUCCU 
_entity_poly.pdbx_strand_id                 A,B 
_entity_poly.pdbx_target_identifier         ? 
# 
_pdbx_entity_nonpoly.entity_id   2 
_pdbx_entity_nonpoly.name        water 
_pdbx_entity_nonpoly.comp_id     HOH 
# 
loop_
_entity_poly_seq.entity_id 
_entity_poly_seq.num 
_entity_poly_seq.mon_id 
_entity_poly_seq.hetero 
1 1  G   n 
1 2  G   n 
1 3  A   n 
1 4  C   n 
1 5  G   n 
1 6  M2G n 
1 7  A   n 
1 8  C   n 
1 9  G   n 
1 10 U   n 
1 11 C   n 
1 12 C   n 
1 13 U   n 
# 
loop_
_chem_comp.id 
_chem_comp.type 
_chem_comp.mon_nstd_flag 
_chem_comp.name 
_chem_comp.pdbx_synonyms 
_chem_comp.formula 
_chem_comp.formula_weight 
A   'RNA linking' y "ADENOSINE-5'-MONOPHOSPHATE"            ? 'C10 H14 N5 O7 P' 347.221 
C   'RNA linking' y "CYTIDINE-5'-MONOPHOSPHATE"             ? 'C9 H14 N3 O8 P'  323.197 
G   'RNA linking' y "GUANOSINE-5'-MONOPHOSPHATE"            ? 'C10 H14 N5 O8 P' 363.221 
HOH non-polymer   . WATER                                   ? 'H2 O'            18.015  
M2G 'RNA linking' n "N2-DIMETHYLGUANOSINE-5'-MONOPHOSPHATE" ? 'C12 H18 N5 O8 P' 391.274 
U   'RNA linking' y "URIDINE-5'-MONOPHOSPHATE"              ? 'C9 H13 N2 O9 P'  324.181 
# 
loop_
_pdbx_poly_seq_scheme.asym_id 
_pdbx_poly_seq_scheme.entity_id 
_pdbx_poly_seq_scheme.seq_id 
_pdbx_poly_seq_scheme.mon_id 
_pdbx_poly_seq_scheme.ndb_seq_num 
_pdbx_poly_seq_scheme.pdb_seq_num 
_pdbx_poly_seq_scheme.auth_seq_num 
_pdbx_poly_seq_scheme.pdb_mon_id 
_pdbx_poly_seq_scheme.auth_mon_id 
_pdbx_poly_seq_scheme.pdb_strand_id 
_pdbx_poly_seq_scheme.pdb_ins_code 
_pdbx_poly_seq_scheme.hetero 
A 1 1  G   1  1  1  G   G   A . n 
A 1 2  G   2  2  2  G   G   A . n 
A 1 3  A   3  3  3  A   A   A . n 
A 1 4  C   4  4  4  C   C   A . n 
A 1 5  G   5  5  5  G   G   A . n 
A 1 6  M2G 6  6  6  M2G M2G A . n 
A 1 7  A   7  7  7  A   A   A . n 
A 1 8  C   8  8  8  C   C   A . n 
A 1 9  G   9  9  9  G   G   A . n 
A 1 10 U   10 10 10 U   U   A . n 
A 1 11 C   11 11 11 C   C   A . n 
A 1 12 C   12 12 12 C   C   A . n 
A 1 13 U   13 13 13 U   U   A . n 
B 1 1  G   1  14 14 G   G   B . n 
B 1 2  G   2  15 15 G   G   B . n 
B 1 3  A   3  16 16 A   A   B . n 
B 1 4  C   4  17 17 C   C   B . n 
B 1 5  G   5  18 18 G   G   B . n 
B 1 6  M2G 6  19 19 M2G M2G B . n 
B 1 7  A   7  20 20 A   A   B . n 
B 1 8  C   8  21 21 C   C   B . n 
B 1 9  G   9  22 22 G   G   B . n 
B 1 10 U   10 23 23 U   U   B . n 
B 1 11 C   11 24 24 C   C   B . n 
B 1 12 C   12 25 25 C   C   B . n 
B 1 13 U   13 26 26 U   U   B . n 
# 
loop_
_pdbx_nonpoly_scheme.asym_id 
_pdbx_nonpoly_scheme.entity_id 
_pdbx_nonpoly_scheme.mon_id 
_pdbx_nonpoly_scheme.ndb_seq_num 
_pdbx_nonpoly_scheme.pdb_seq_num 
_pdbx_nonpoly_scheme.auth_seq_num 
_pdbx_nonpoly_scheme.pdb_mon_id 
_pdbx_nonpoly_scheme.auth_mon_id 
_pdbx_nonpoly_scheme.pdb_strand_id 
_pdbx_nonpoly_scheme.pdb_ins_code 
C 2 HOH 1  102 102 HOH HOH A . 
C 2 HOH 2  103 103 HOH HOH A . 
C 2 HOH 3  104 104 HOH HOH A . 
C 2 HOH 4  107 107 HOH HOH A . 
C 2 HOH 5  112 112 HOH HOH A . 
C 2 HOH 6  114 114 HOH HOH A . 
C 2 HOH 7  116 116 HOH HOH A . 
C 2 HOH 8  121 121 HOH HOH A . 
C 2 HOH 9  125 125 HOH HOH A . 
C 2 HOH 10 126 126 HOH HOH A . 
C 2 HOH 11 127 127 HOH HOH A . 
C 2 HOH 12 134 134 HOH HOH A . 
C 2 HOH 13 136 136 HOH HOH A . 
C 2 HOH 14 140 140 HOH HOH A . 
C 2 HOH 15 144 144 HOH HOH A . 
C 2 HOH 16 148 148 HOH HOH A . 
C 2 HOH 17 151 151 HOH HOH A . 
C 2 HOH 18 152 152 HOH HOH A . 
C 2 HOH 19 154 154 HOH HOH A . 
C 2 HOH 20 156 156 HOH HOH A . 
C 2 HOH 21 161 161 HOH HOH A . 
C 2 HOH 22 169 169 HOH HOH A . 
C 2 HOH 23 171 171 HOH HOH A . 
C 2 HOH 24 173 173 HOH HOH A . 
C 2 HOH 25 179 179 HOH HOH A . 
C 2 HOH 26 180 180 HOH HOH A . 
C 2 HOH 27 181 181 HOH HOH A . 
C 2 HOH 28 183 183 HOH HOH A . 
C 2 HOH 29 189 189 HOH HOH A . 
C 2 HOH 30 190 190 HOH HOH A . 
C 2 HOH 31 191 191 HOH HOH A . 
C 2 HOH 32 192 192 HOH HOH A . 
C 2 HOH 33 193 193 HOH HOH A . 
C 2 HOH 34 194 194 HOH HOH A . 
C 2 HOH 35 196 196 HOH HOH A . 
C 2 HOH 36 198 198 HOH HOH A . 
C 2 HOH 37 199 199 HOH HOH A . 
C 2 HOH 38 202 202 HOH HOH A . 
C 2 HOH 39 211 211 HOH HOH A . 
C 2 HOH 40 212 212 HOH HOH A . 
C 2 HOH 41 215 215 HOH HOH A . 
C 2 HOH 42 218 218 HOH HOH A . 
C 2 HOH 43 219 219 HOH HOH A . 
C 2 HOH 44 221 221 HOH HOH A . 
C 2 HOH 45 224 224 HOH HOH A . 
C 2 HOH 46 229 229 HOH HOH A . 
C 2 HOH 47 234 234 HOH HOH A . 
C 2 HOH 48 235 235 HOH HOH A . 
C 2 HOH 49 236 236 HOH HOH A . 
C 2 HOH 50 238 238 HOH HOH A . 
D 2 HOH 1  101 101 HOH HOH B . 
D 2 HOH 2  105 105 HOH HOH B . 
D 2 HOH 3  106 106 HOH HOH B . 
D 2 HOH 4  108 108 HOH HOH B . 
D 2 HOH 5  109 109 HOH HOH B . 
D 2 HOH 6  110 110 HOH HOH B . 
D 2 HOH 7  111 111 HOH HOH B . 
D 2 HOH 8  113 113 HOH HOH B . 
D 2 HOH 9  115 115 HOH HOH B . 
D 2 HOH 10 117 117 HOH HOH B . 
D 2 HOH 11 118 118 HOH HOH B . 
D 2 HOH 12 119 119 HOH HOH B . 
D 2 HOH 13 120 120 HOH HOH B . 
D 2 HOH 14 122 122 HOH HOH B . 
D 2 HOH 15 123 123 HOH HOH B . 
D 2 HOH 16 124 124 HOH HOH B . 
D 2 HOH 17 129 129 HOH HOH B . 
D 2 HOH 18 130 130 HOH HOH B . 
D 2 HOH 19 131 131 HOH HOH B . 
D 2 HOH 20 132 132 HOH HOH B . 
D 2 HOH 21 133 133 HOH HOH B . 
D 2 HOH 22 135 135 HOH HOH B . 
D 2 HOH 23 137 137 HOH HOH B . 
D 2 HOH 24 138 138 HOH HOH B . 
D 2 HOH 25 139 139 HOH HOH B . 
D 2 HOH 26 141 141 HOH HOH B . 
D 2 HOH 27 145 145 HOH HOH B . 
D 2 HOH 28 149 149 HOH HOH B . 
D 2 HOH 29 153 153 HOH HOH B . 
D 2 HOH 30 155 155 HOH HOH B . 
D 2 HOH 31 158 158 HOH HOH B . 
D 2 HOH 32 159 159 HOH HOH B . 
D 2 HOH 33 160 160 HOH HOH B . 
D 2 HOH 34 162 162 HOH HOH B . 
D 2 HOH 35 163 163 HOH HOH B . 
D 2 HOH 36 164 164 HOH HOH B . 
D 2 HOH 37 166 166 HOH HOH B . 
D 2 HOH 38 168 168 HOH HOH B . 
D 2 HOH 39 170 170 HOH HOH B . 
D 2 HOH 40 172 172 HOH HOH B . 
D 2 HOH 41 177 177 HOH HOH B . 
D 2 HOH 42 184 184 HOH HOH B . 
D 2 HOH 43 186 186 HOH HOH B . 
D 2 HOH 44 187 187 HOH HOH B . 
D 2 HOH 45 188 188 HOH HOH B . 
D 2 HOH 46 203 203 HOH HOH B . 
D 2 HOH 47 204 204 HOH HOH B . 
D 2 HOH 48 205 205 HOH HOH B . 
D 2 HOH 49 207 207 HOH HOH B . 
D 2 HOH 50 208 208 HOH HOH B . 
D 2 HOH 51 209 209 HOH HOH B . 
D 2 HOH 52 210 210 HOH HOH B . 
D 2 HOH 53 213 213 HOH HOH B . 
D 2 HOH 54 217 217 HOH HOH B . 
D 2 HOH 55 222 222 HOH HOH B . 
D 2 HOH 56 223 223 HOH HOH B . 
D 2 HOH 57 226 226 HOH HOH B . 
D 2 HOH 58 230 230 HOH HOH B . 
D 2 HOH 59 232 232 HOH HOH B . 
D 2 HOH 60 233 233 HOH HOH B . 
D 2 HOH 61 239 239 HOH HOH B . 
D 2 HOH 62 241 241 HOH HOH B . 
D 2 HOH 63 242 242 HOH HOH B . 
D 2 HOH 64 243 243 HOH HOH B . 
D 2 HOH 65 244 244 HOH HOH B . 
# 
loop_
_software.name 
_software.classification 
_software.version 
_software.citation_id 
_software.pdbx_ordinal 
REFMAC   refinement        5.2.0003 ? 1 
HKL-2000 'data collection' .        ? 2 
X-GEN    'data reduction'  .        ? 3 
X-GEN    'data scaling'    .        ? 4 
MOLREP   phasing           '(CCP4)' ? 5 
# 
_cell.entry_id           3CJZ 
_cell.length_a           58.118 
_cell.length_b           25.970 
_cell.length_c           45.393 
_cell.angle_alpha        90.00 
_cell.angle_beta         97.41 
_cell.angle_gamma        90.00 
_cell.Z_PDB              8 
_cell.pdbx_unique_axis   ? 
_cell.length_a_esd       ? 
_cell.length_b_esd       ? 
_cell.length_c_esd       ? 
_cell.angle_alpha_esd    ? 
_cell.angle_beta_esd     ? 
_cell.angle_gamma_esd    ? 
# 
_symmetry.entry_id                         3CJZ 
_symmetry.space_group_name_H-M             'C 1 2 1' 
_symmetry.pdbx_full_space_group_name_H-M   ? 
_symmetry.cell_setting                     ? 
_symmetry.Int_Tables_number                5 
_symmetry.space_group_name_Hall            ? 
# 
_exptl.entry_id          3CJZ 
_exptl.method            'X-RAY DIFFRACTION' 
_exptl.crystals_number   1 
# 
_exptl_crystal.id                    1 
_exptl_crystal.density_meas          ? 
_exptl_crystal.density_Matthews      2.02 
_exptl_crystal.density_percent_sol   39.16 
_exptl_crystal.description           ? 
_exptl_crystal.F_000                 ? 
_exptl_crystal.preparation           ? 
# 
_exptl_crystal_grow.crystal_id      1 
_exptl_crystal_grow.method          'VAPOR DIFFUSION, HANGING DROP' 
_exptl_crystal_grow.temp            301 
_exptl_crystal_grow.temp_details    ? 
_exptl_crystal_grow.pH              7.0 
_exptl_crystal_grow.pdbx_details    
;2ul droplets containing 0.5mM oligonucleotide, 5% 2-methyl -2,4-pentanediol (MPD), 20mM 
sodium cacodylate, pH 7.0, 6mM spermine-4HCl, 40mM sodium chloride that were equilibrated against a reservoir of 1ml of 35% MPD., VAPOR DIFFUSION, HANGING DROP, temperature 301K
;
_exptl_crystal_grow.pdbx_pH_range   . 
# 
loop_
_exptl_crystal_grow_comp.crystal_id 
_exptl_crystal_grow_comp.id 
_exptl_crystal_grow_comp.sol_id 
_exptl_crystal_grow_comp.name 
_exptl_crystal_grow_comp.volume 
_exptl_crystal_grow_comp.conc 
_exptl_crystal_grow_comp.details 
1 1 1 '5% MPD'            ? ? ? 
1 2 1 'sodium cacodylate' ? ? ? 
1 3 1 spermine-4HCl       ? ? ? 
1 4 1 'sodium chloride'   ? ? ? 
1 5 2 '35% MPD'           ? ? ? 
# 
_diffrn.id                     1 
_diffrn.ambient_temp           120 
_diffrn.ambient_temp_details   ? 
_diffrn.crystal_id             1 
# 
_diffrn_detector.diffrn_id              1 
_diffrn_detector.detector               CCD 
_diffrn_detector.type                   'MARMOSAIC 225 mm CCD' 
_diffrn_detector.pdbx_collection_date   2004-11-09 
_diffrn_detector.details                ? 
# 
_diffrn_radiation.diffrn_id                        1 
_diffrn_radiation.wavelength_id                    1 
_diffrn_radiation.pdbx_monochromatic_or_laue_m_l   M 
_diffrn_radiation.monochromator                    ? 
_diffrn_radiation.pdbx_diffrn_protocol             'SINGLE WAVELENGTH' 
_diffrn_radiation.pdbx_scattering_type             x-ray 
# 
_diffrn_radiation_wavelength.id           1 
_diffrn_radiation_wavelength.wavelength   1.00 
_diffrn_radiation_wavelength.wt           1.0 
# 
_diffrn_source.diffrn_id                   1 
_diffrn_source.source                      SYNCHROTRON 
_diffrn_source.type                        'APS BEAMLINE 22-BM' 
_diffrn_source.pdbx_synchrotron_site       APS 
_diffrn_source.pdbx_synchrotron_beamline   22-BM 
_diffrn_source.pdbx_wavelength             ? 
_diffrn_source.pdbx_wavelength_list        1.00 
# 
_reflns.entry_id                     3CJZ 
_reflns.observed_criterion_sigma_F   0 
_reflns.observed_criterion_sigma_I   0 
_reflns.d_resolution_high            1.80 
_reflns.d_resolution_low             44.99 
_reflns.number_all                   6420 
_reflns.number_obs                   6027 
_reflns.percent_possible_obs         93.9 
_reflns.pdbx_Rmerge_I_obs            0.099 
_reflns.pdbx_Rsym_value              ? 
_reflns.pdbx_netI_over_sigmaI        26.4 
_reflns.B_iso_Wilson_estimate        ? 
_reflns.pdbx_redundancy              2.0 
_reflns.R_free_details               ? 
_reflns.pdbx_chi_squared             ? 
_reflns.pdbx_scaling_rejects         ? 
_reflns.pdbx_diffrn_id               1 
_reflns.pdbx_ordinal                 1 
# 
_reflns_shell.d_res_high             1.80 
_reflns_shell.d_res_low              1.86 
_reflns_shell.percent_possible_all   81.4 
_reflns_shell.Rmerge_I_obs           0.3539 
_reflns_shell.pdbx_Rsym_value        ? 
_reflns_shell.meanI_over_sigI_obs    4.8 
_reflns_shell.pdbx_redundancy        1.9 
_reflns_shell.percent_possible_obs   ? 
_reflns_shell.number_unique_all      661 
_reflns_shell.number_measured_all    ? 
_reflns_shell.number_measured_obs    ? 
_reflns_shell.number_unique_obs      ? 
_reflns_shell.pdbx_chi_squared       ? 
_reflns_shell.pdbx_diffrn_id         ? 
_reflns_shell.pdbx_ordinal           1 
# 
_refine.entry_id                                 3CJZ 
_refine.ls_number_reflns_obs                     4816 
_refine.ls_number_reflns_all                     6420 
_refine.pdbx_ls_sigma_I                          0 
_refine.pdbx_ls_sigma_F                          0 
_refine.pdbx_data_cutoff_high_absF               ? 
_refine.pdbx_data_cutoff_low_absF                ? 
_refine.pdbx_data_cutoff_high_rms_absF           ? 
_refine.ls_d_res_low                             44.99 
_refine.ls_d_res_high                            1.80 
_refine.ls_percent_reflns_obs                    84.12 
_refine.ls_R_factor_obs                          0.19938 
_refine.ls_R_factor_all                          ? 
_refine.ls_R_factor_R_work                       0.19005 
_refine.ls_R_factor_R_free                       0.27742 
_refine.ls_R_factor_R_free_error                 ? 
_refine.ls_R_factor_R_free_error_details         ? 
_refine.ls_percent_reflns_R_free                 10.8 
_refine.ls_number_reflns_R_free                  582 
_refine.ls_number_parameters                     ? 
_refine.ls_number_restraints                     ? 
_refine.occupancy_min                            ? 
_refine.occupancy_max                            ? 
_refine.correlation_coeff_Fo_to_Fc               0.960 
_refine.correlation_coeff_Fo_to_Fc_free          0.927 
_refine.B_iso_mean                               25.807 
_refine.aniso_B[1][1]                            -1.88 
_refine.aniso_B[2][2]                            0.18 
_refine.aniso_B[3][3]                            1.86 
_refine.aniso_B[1][2]                            0.00 
_refine.aniso_B[1][3]                            0.63 
_refine.aniso_B[2][3]                            0.00 
_refine.solvent_model_details                    'BABINET MODEL WITH MASK' 
_refine.solvent_model_param_ksol                 ? 
_refine.solvent_model_param_bsol                 ? 
_refine.pdbx_solvent_vdw_probe_radii             1.20 
_refine.pdbx_solvent_ion_probe_radii             0.80 
_refine.pdbx_solvent_shrinkage_radii             0.80 
_refine.pdbx_ls_cross_valid_method               THROUGHOUT 
_refine.details                                  'HYDROGENS HAVE BEEN ADDED IN THE RIDING POSITIONS' 
_refine.pdbx_starting_model                      
'A cononical A-RNA dodecamer generated with the program TURBO-FRODO omitting U13 and U26.' 
_refine.pdbx_method_to_determine_struct          'MOLECULAR REPLACEMENT' 
_refine.pdbx_isotropic_thermal_model             Anisotropic 
_refine.pdbx_stereochemistry_target_values       
;Standard Refmac parameters and the parameters generated by PRODRG (Schuettelkopf, A. W.  and van Aalten, D.M.F. 2004. PRODRG: a tool for 
high-throughput crystallography of protein-ligand complexes Acta 
Crystallogr. D Biol. Crystallogr. 60: 1355-1363.) for the residue M2G.
;
_refine.pdbx_stereochem_target_val_spec_case     ? 
_refine.pdbx_R_Free_selection_details            RANDOM 
_refine.pdbx_overall_ESU_R                       ? 
_refine.pdbx_overall_ESU_R_Free                  0.210 
_refine.overall_SU_ML                            0.135 
_refine.overall_SU_B                             9.576 
_refine.ls_redundancy_reflns_obs                 ? 
_refine.overall_SU_R_Cruickshank_DPI             ? 
_refine.overall_SU_R_free                        ? 
_refine.ls_wR_factor_R_free                      ? 
_refine.ls_wR_factor_R_work                      ? 
_refine.overall_FOM_free_R_set                   ? 
_refine.overall_FOM_work_R_set                   ? 
_refine.pdbx_overall_phase_error                 ? 
_refine.pdbx_refine_id                           'X-RAY DIFFRACTION' 
_refine.pdbx_diffrn_id                           1 
_refine.pdbx_TLS_residual_ADP_flag               ? 
_refine.pdbx_overall_SU_R_free_Cruickshank_DPI   ? 
_refine.pdbx_overall_SU_R_Blow_DPI               ? 
_refine.pdbx_overall_SU_R_free_Blow_DPI          ? 
# 
_refine_hist.pdbx_refine_id                   'X-RAY DIFFRACTION' 
_refine_hist.cycle_id                         LAST 
_refine_hist.pdbx_number_atoms_protein        0 
_refine_hist.pdbx_number_atoms_nucleic_acid   556 
_refine_hist.pdbx_number_atoms_ligand         0 
_refine_hist.number_atoms_solvent             115 
_refine_hist.number_atoms_total               671 
_refine_hist.d_res_high                       1.80 
_refine_hist.d_res_low                        44.99 
# 
loop_
_refine_ls_restr.type 
_refine_ls_restr.dev_ideal 
_refine_ls_restr.dev_ideal_target 
_refine_ls_restr.weight 
_refine_ls_restr.number 
_refine_ls_restr.pdbx_refine_id 
_refine_ls_restr.pdbx_restraint_function 
r_bond_refined_d         0.008 0.021 ? 620 'X-RAY DIFFRACTION' ? 
r_bond_other_d           0.002 0.020 ? 222 'X-RAY DIFFRACTION' ? 
r_angle_refined_deg      1.356 3.007 ? 948 'X-RAY DIFFRACTION' ? 
r_angle_other_deg        1.124 3.000 ? 576 'X-RAY DIFFRACTION' ? 
r_chiral_restr           0.051 0.200 ? 126 'X-RAY DIFFRACTION' ? 
r_gen_planes_refined     0.006 0.020 ? 276 'X-RAY DIFFRACTION' ? 
r_gen_planes_other       0.004 0.020 ? 2   'X-RAY DIFFRACTION' ? 
r_nbd_refined            0.108 0.200 ? 76  'X-RAY DIFFRACTION' ? 
r_nbd_other              0.249 0.200 ? 276 'X-RAY DIFFRACTION' ? 
r_nbtor_refined          0.236 0.200 ? 230 'X-RAY DIFFRACTION' ? 
r_nbtor_other            0.077 0.200 ? 128 'X-RAY DIFFRACTION' ? 
r_xyhbond_nbd_refined    0.146 0.200 ? 85  'X-RAY DIFFRACTION' ? 
r_xyhbond_nbd_other      0.075 0.200 ? 2   'X-RAY DIFFRACTION' ? 
r_symmetry_vdw_refined   0.084 0.200 ? 14  'X-RAY DIFFRACTION' ? 
r_symmetry_vdw_other     0.212 0.200 ? 27  'X-RAY DIFFRACTION' ? 
r_symmetry_hbond_refined 0.154 0.200 ? 28  'X-RAY DIFFRACTION' ? 
r_scbond_it              1.582 3.000 ? 931 'X-RAY DIFFRACTION' ? 
r_scangle_it             1.993 4.500 ? 948 'X-RAY DIFFRACTION' ? 
# 
_refine_ls_shell.pdbx_total_number_of_bins_used   20 
_refine_ls_shell.d_res_high                       1.80 
_refine_ls_shell.d_res_low                        1.847 
_refine_ls_shell.number_reflns_R_work             235 
_refine_ls_shell.R_factor_R_work                  0.209 
_refine_ls_shell.percent_reflns_obs               56.16 
_refine_ls_shell.R_factor_R_free                  0.248 
_refine_ls_shell.R_factor_R_free_error            ? 
_refine_ls_shell.percent_reflns_R_free            ? 
_refine_ls_shell.number_reflns_R_free             25 
_refine_ls_shell.number_reflns_all                ? 
_refine_ls_shell.R_factor_all                     ? 
_refine_ls_shell.number_reflns_obs                235 
_refine_ls_shell.redundancy_reflns_obs            ? 
_refine_ls_shell.pdbx_refine_id                   'X-RAY DIFFRACTION' 
# 
_struct.entry_id                  3CJZ 
_struct.title                     
'Effects of N2,N2-dimethylguanosine on RNA structure and stability: crystal structure of an RNA duplex with tandem m22G:A pairs' 
_struct.pdbx_model_details        ? 
_struct.pdbx_CASP_flag            N 
_struct.pdbx_model_type_details   ? 
# 
_struct_keywords.entry_id        3CJZ 
_struct_keywords.pdbx_keywords   RNA 
_struct_keywords.text            'RNA, N2, N2-dimethyl guanosine, X-ray crystal structure, m22G:A pair, rRNA, tRNA' 
# 
loop_
_struct_asym.id 
_struct_asym.pdbx_blank_PDB_chainid_flag 
_struct_asym.pdbx_modified 
_struct_asym.entity_id 
_struct_asym.details 
A N N 1 ? 
B N N 1 ? 
C N N 2 ? 
D N N 2 ? 
# 
_struct_ref.id                         1 
_struct_ref.db_name                    PDB 
_struct_ref.db_code                    3CJZ 
_struct_ref.pdbx_db_accession          3CJZ 
_struct_ref.entity_id                  1 
_struct_ref.pdbx_seq_one_letter_code   GGACGGACGUCCU 
_struct_ref.pdbx_align_begin           1 
_struct_ref.pdbx_db_isoform            ? 
# 
loop_
_struct_ref_seq.align_id 
_struct_ref_seq.ref_id 
_struct_ref_seq.pdbx_PDB_id_code 
_struct_ref_seq.pdbx_strand_id 
_struct_ref_seq.seq_align_beg 
_struct_ref_seq.pdbx_seq_align_beg_ins_code 
_struct_ref_seq.seq_align_end 
_struct_ref_seq.pdbx_seq_align_end_ins_code 
_struct_ref_seq.pdbx_db_accession 
_struct_ref_seq.db_align_beg 
_struct_ref_seq.pdbx_db_align_beg_ins_code 
_struct_ref_seq.db_align_end 
_struct_ref_seq.pdbx_db_align_end_ins_code 
_struct_ref_seq.pdbx_auth_seq_align_beg 
_struct_ref_seq.pdbx_auth_seq_align_end 
1 1 3CJZ A 1 ? 13 ? 3CJZ 1  ? 13 ? 1  13 
2 1 3CJZ B 1 ? 13 ? 3CJZ 14 ? 26 ? 14 26 
# 
_pdbx_struct_assembly.id                   1 
_pdbx_struct_assembly.details              author_and_software_defined_assembly 
_pdbx_struct_assembly.method_details       PISA 
_pdbx_struct_assembly.oligomeric_details   dimeric 
_pdbx_struct_assembly.oligomeric_count     2 
# 
loop_
_pdbx_struct_assembly_prop.biol_id 
_pdbx_struct_assembly_prop.type 
_pdbx_struct_assembly_prop.value 
_pdbx_struct_assembly_prop.details 
1 'ABSA (A^2)' 2460 ? 
1 MORE         1    ? 
1 'SSA (A^2)'  4790 ? 
# 
_pdbx_struct_assembly_gen.assembly_id       1 
_pdbx_struct_assembly_gen.oper_expression   1 
_pdbx_struct_assembly_gen.asym_id_list      A,B,C,D 
# 
_pdbx_struct_oper_list.id                   1 
_pdbx_struct_oper_list.type                 'identity operation' 
_pdbx_struct_oper_list.name                 1_555 
_pdbx_struct_oper_list.symmetry_operation   x,y,z 
_pdbx_struct_oper_list.matrix[1][1]         1.0000000000 
_pdbx_struct_oper_list.matrix[1][2]         0.0000000000 
_pdbx_struct_oper_list.matrix[1][3]         0.0000000000 
_pdbx_struct_oper_list.vector[1]            0.0000000000 
_pdbx_struct_oper_list.matrix[2][1]         0.0000000000 
_pdbx_struct_oper_list.matrix[2][2]         1.0000000000 
_pdbx_struct_oper_list.matrix[2][3]         0.0000000000 
_pdbx_struct_oper_list.vector[2]            0.0000000000 
_pdbx_struct_oper_list.matrix[3][1]         0.0000000000 
_pdbx_struct_oper_list.matrix[3][2]         0.0000000000 
_pdbx_struct_oper_list.matrix[3][3]         1.0000000000 
_pdbx_struct_oper_list.vector[3]            0.0000000000 
# 
loop_
_struct_conn.id 
_struct_conn.conn_type_id 
_struct_conn.pdbx_leaving_atom_flag 
_struct_conn.pdbx_PDB_id 
_struct_conn.ptnr1_label_asym_id 
_struct_conn.ptnr1_label_comp_id 
_struct_conn.ptnr1_label_seq_id 
_struct_conn.ptnr1_label_atom_id 
_struct_conn.pdbx_ptnr1_label_alt_id 
_struct_conn.pdbx_ptnr1_PDB_ins_code 
_struct_conn.pdbx_ptnr1_standard_comp_id 
_struct_conn.ptnr1_symmetry 
_struct_conn.ptnr2_label_asym_id 
_struct_conn.ptnr2_label_comp_id 
_struct_conn.ptnr2_label_seq_id 
_struct_conn.ptnr2_label_atom_id 
_struct_conn.pdbx_ptnr2_label_alt_id 
_struct_conn.pdbx_ptnr2_PDB_ins_code 
_struct_conn.ptnr1_auth_asym_id 
_struct_conn.ptnr1_auth_comp_id 
_struct_conn.ptnr1_auth_seq_id 
_struct_conn.ptnr2_auth_asym_id 
_struct_conn.ptnr2_auth_comp_id 
_struct_conn.ptnr2_auth_seq_id 
_struct_conn.ptnr2_symmetry 
_struct_conn.pdbx_ptnr3_label_atom_id 
_struct_conn.pdbx_ptnr3_label_seq_id 
_struct_conn.pdbx_ptnr3_label_comp_id 
_struct_conn.pdbx_ptnr3_label_asym_id 
_struct_conn.pdbx_ptnr3_label_alt_id 
_struct_conn.pdbx_ptnr3_PDB_ins_code 
_struct_conn.details 
_struct_conn.pdbx_dist_value 
_struct_conn.pdbx_value_order 
_struct_conn.pdbx_role 
covale1  covale both ? A G   5  "O3'" ? ? ? 1_555 A M2G 6  P  ? ? A G   5  A M2G 6  1_555 ? ? ? ? ? ? ?            1.601 ? ? 
covale2  covale both ? A M2G 6  "O3'" ? ? ? 1_555 A A   7  P  ? ? A M2G 6  A A   7  1_555 ? ? ? ? ? ? ?            1.603 ? ? 
covale3  covale both ? B G   5  "O3'" ? ? ? 1_555 B M2G 6  P  ? ? B G   18 B M2G 19 1_555 ? ? ? ? ? ? ?            1.606 ? ? 
covale4  covale both ? B M2G 6  "O3'" ? ? ? 1_555 B A   7  P  ? ? B M2G 19 B A   20 1_555 ? ? ? ? ? ? ?            1.585 ? ? 
hydrog1  hydrog ?    ? A G   1  N1    ? ? ? 1_555 B C   12 N3 ? ? A G   1  B C   25 1_555 ? ? ? ? ? ? WATSON-CRICK ?     ? ? 
hydrog2  hydrog ?    ? A G   1  N2    ? ? ? 1_555 B C   12 O2 ? ? A G   1  B C   25 1_555 ? ? ? ? ? ? WATSON-CRICK ?     ? ? 
hydrog3  hydrog ?    ? A G   1  O6    ? ? ? 1_555 B C   12 N4 ? ? A G   1  B C   25 1_555 ? ? ? ? ? ? WATSON-CRICK ?     ? ? 
hydrog4  hydrog ?    ? A G   2  N1    ? ? ? 1_555 B C   11 N3 ? ? A G   2  B C   24 1_555 ? ? ? ? ? ? WATSON-CRICK ?     ? ? 
hydrog5  hydrog ?    ? A G   2  N2    ? ? ? 1_555 B C   11 O2 ? ? A G   2  B C   24 1_555 ? ? ? ? ? ? WATSON-CRICK ?     ? ? 
hydrog6  hydrog ?    ? A G   2  O6    ? ? ? 1_555 B C   11 N4 ? ? A G   2  B C   24 1_555 ? ? ? ? ? ? WATSON-CRICK ?     ? ? 
hydrog7  hydrog ?    ? A A   3  N1    ? ? ? 1_555 B U   10 N3 ? ? A A   3  B U   23 1_555 ? ? ? ? ? ? WATSON-CRICK ?     ? ? 
hydrog8  hydrog ?    ? A A   3  N6    ? ? ? 1_555 B U   10 O4 ? ? A A   3  B U   23 1_555 ? ? ? ? ? ? WATSON-CRICK ?     ? ? 
hydrog9  hydrog ?    ? A C   4  N3    ? ? ? 1_555 B G   9  N1 ? ? A C   4  B G   22 1_555 ? ? ? ? ? ? WATSON-CRICK ?     ? ? 
hydrog10 hydrog ?    ? A C   4  N4    ? ? ? 1_555 B G   9  O6 ? ? A C   4  B G   22 1_555 ? ? ? ? ? ? WATSON-CRICK ?     ? ? 
hydrog11 hydrog ?    ? A C   4  O2    ? ? ? 1_555 B G   9  N2 ? ? A C   4  B G   22 1_555 ? ? ? ? ? ? WATSON-CRICK ?     ? ? 
hydrog12 hydrog ?    ? A G   5  N1    ? ? ? 1_555 B C   8  N3 ? ? A G   5  B C   21 1_555 ? ? ? ? ? ? WATSON-CRICK ?     ? ? 
hydrog13 hydrog ?    ? A G   5  N2    ? ? ? 1_555 B C   8  O2 ? ? A G   5  B C   21 1_555 ? ? ? ? ? ? WATSON-CRICK ?     ? ? 
hydrog14 hydrog ?    ? A G   5  O6    ? ? ? 1_555 B C   8  N4 ? ? A G   5  B C   21 1_555 ? ? ? ? ? ? WATSON-CRICK ?     ? ? 
hydrog15 hydrog ?    ? A M2G 6  N1    ? ? ? 1_555 B A   7  N1 ? ? A M2G 6  B A   20 1_555 ? ? ? ? ? ? TYPE_8_PAIR  ?     ? ? 
hydrog16 hydrog ?    ? A M2G 6  O6    ? ? ? 1_555 B A   7  N6 ? ? A M2G 6  B A   20 1_555 ? ? ? ? ? ? TYPE_8_PAIR  ?     ? ? 
hydrog17 hydrog ?    ? A A   7  N1    ? ? ? 1_555 B M2G 6  N1 ? ? A A   7  B M2G 19 1_555 ? ? ? ? ? ? TYPE_8_PAIR  ?     ? ? 
hydrog18 hydrog ?    ? A A   7  N6    ? ? ? 1_555 B M2G 6  O6 ? ? A A   7  B M2G 19 1_555 ? ? ? ? ? ? TYPE_8_PAIR  ?     ? ? 
hydrog19 hydrog ?    ? A C   8  N3    ? ? ? 1_555 B G   5  N1 ? ? A C   8  B G   18 1_555 ? ? ? ? ? ? WATSON-CRICK ?     ? ? 
hydrog20 hydrog ?    ? A C   8  N4    ? ? ? 1_555 B G   5  O6 ? ? A C   8  B G   18 1_555 ? ? ? ? ? ? WATSON-CRICK ?     ? ? 
hydrog21 hydrog ?    ? A C   8  O2    ? ? ? 1_555 B G   5  N2 ? ? A C   8  B G   18 1_555 ? ? ? ? ? ? WATSON-CRICK ?     ? ? 
hydrog22 hydrog ?    ? A G   9  N1    ? ? ? 1_555 B C   4  N3 ? ? A G   9  B C   17 1_555 ? ? ? ? ? ? WATSON-CRICK ?     ? ? 
hydrog23 hydrog ?    ? A G   9  N2    ? ? ? 1_555 B C   4  O2 ? ? A G   9  B C   17 1_555 ? ? ? ? ? ? WATSON-CRICK ?     ? ? 
hydrog24 hydrog ?    ? A G   9  O6    ? ? ? 1_555 B C   4  N4 ? ? A G   9  B C   17 1_555 ? ? ? ? ? ? WATSON-CRICK ?     ? ? 
hydrog25 hydrog ?    ? A U   10 N3    ? ? ? 1_555 B A   3  N1 ? ? A U   10 B A   16 1_555 ? ? ? ? ? ? WATSON-CRICK ?     ? ? 
hydrog26 hydrog ?    ? A U   10 O4    ? ? ? 1_555 B A   3  N6 ? ? A U   10 B A   16 1_555 ? ? ? ? ? ? WATSON-CRICK ?     ? ? 
hydrog27 hydrog ?    ? A C   11 N3    ? ? ? 1_555 B G   2  N1 ? ? A C   11 B G   15 1_555 ? ? ? ? ? ? WATSON-CRICK ?     ? ? 
hydrog28 hydrog ?    ? A C   11 N4    ? ? ? 1_555 B G   2  O6 ? ? A C   11 B G   15 1_555 ? ? ? ? ? ? WATSON-CRICK ?     ? ? 
hydrog29 hydrog ?    ? A C   11 O2    ? ? ? 1_555 B G   2  N2 ? ? A C   11 B G   15 1_555 ? ? ? ? ? ? WATSON-CRICK ?     ? ? 
hydrog30 hydrog ?    ? A C   12 N3    ? ? ? 1_555 B G   1  N1 ? ? A C   12 B G   14 1_555 ? ? ? ? ? ? WATSON-CRICK ?     ? ? 
hydrog31 hydrog ?    ? A C   12 N4    ? ? ? 1_555 B G   1  O6 ? ? A C   12 B G   14 1_555 ? ? ? ? ? ? WATSON-CRICK ?     ? ? 
hydrog32 hydrog ?    ? A C   12 O2    ? ? ? 1_555 B G   1  N2 ? ? A C   12 B G   14 1_555 ? ? ? ? ? ? WATSON-CRICK ?     ? ? 
# 
loop_
_struct_conn_type.id 
_struct_conn_type.criteria 
_struct_conn_type.reference 
covale ? ? 
hydrog ? ? 
# 
loop_
_pdbx_validate_rmsd_angle.id 
_pdbx_validate_rmsd_angle.PDB_model_num 
_pdbx_validate_rmsd_angle.auth_atom_id_1 
_pdbx_validate_rmsd_angle.auth_asym_id_1 
_pdbx_validate_rmsd_angle.auth_comp_id_1 
_pdbx_validate_rmsd_angle.auth_seq_id_1 
_pdbx_validate_rmsd_angle.PDB_ins_code_1 
_pdbx_validate_rmsd_angle.label_alt_id_1 
_pdbx_validate_rmsd_angle.auth_atom_id_2 
_pdbx_validate_rmsd_angle.auth_asym_id_2 
_pdbx_validate_rmsd_angle.auth_comp_id_2 
_pdbx_validate_rmsd_angle.auth_seq_id_2 
_pdbx_validate_rmsd_angle.PDB_ins_code_2 
_pdbx_validate_rmsd_angle.label_alt_id_2 
_pdbx_validate_rmsd_angle.auth_atom_id_3 
_pdbx_validate_rmsd_angle.auth_asym_id_3 
_pdbx_validate_rmsd_angle.auth_comp_id_3 
_pdbx_validate_rmsd_angle.auth_seq_id_3 
_pdbx_validate_rmsd_angle.PDB_ins_code_3 
_pdbx_validate_rmsd_angle.label_alt_id_3 
_pdbx_validate_rmsd_angle.angle_value 
_pdbx_validate_rmsd_angle.angle_target_value 
_pdbx_validate_rmsd_angle.angle_deviation 
_pdbx_validate_rmsd_angle.angle_standard_deviation 
_pdbx_validate_rmsd_angle.linker_flag 
1 1 "O4'" A C 4 ? ? "C1'" A C   4 ? ? N1  A C   4 ? ? 112.86 108.50 4.36 0.70 N 
2 1 "O3'" A G 5 ? ? P     A M2G 6 ? ? OP2 A M2G 6 ? ? 118.06 110.50 7.56 1.10 Y 
# 
loop_
_pdbx_struct_mod_residue.id 
_pdbx_struct_mod_residue.label_asym_id 
_pdbx_struct_mod_residue.label_comp_id 
_pdbx_struct_mod_residue.label_seq_id 
_pdbx_struct_mod_residue.auth_asym_id 
_pdbx_struct_mod_residue.auth_comp_id 
_pdbx_struct_mod_residue.auth_seq_id 
_pdbx_struct_mod_residue.PDB_ins_code 
_pdbx_struct_mod_residue.parent_comp_id 
_pdbx_struct_mod_residue.details 
1 A M2G 6 A M2G 6  ? G "N2-DIMETHYLGUANOSINE-5'-MONOPHOSPHATE" 
2 B M2G 6 B M2G 19 ? G "N2-DIMETHYLGUANOSINE-5'-MONOPHOSPHATE" 
# 
loop_
_pdbx_struct_special_symmetry.id 
_pdbx_struct_special_symmetry.PDB_model_num 
_pdbx_struct_special_symmetry.auth_asym_id 
_pdbx_struct_special_symmetry.auth_comp_id 
_pdbx_struct_special_symmetry.auth_seq_id 
_pdbx_struct_special_symmetry.PDB_ins_code 
_pdbx_struct_special_symmetry.label_asym_id 
_pdbx_struct_special_symmetry.label_comp_id 
_pdbx_struct_special_symmetry.label_seq_id 
1 1 A HOH 171 ? C HOH . 
2 1 B HOH 243 ? D HOH . 
# 
_pdbx_refine_tls.id               1 
_pdbx_refine_tls.details          ? 
_pdbx_refine_tls.method           refined 
_pdbx_refine_tls.origin_x         -0.0828 
_pdbx_refine_tls.origin_y         0.0708 
_pdbx_refine_tls.origin_z         -0.0924 
_pdbx_refine_tls.T[1][1]          -0.0456 
_pdbx_refine_tls.T[2][2]          -0.0235 
_pdbx_refine_tls.T[3][3]          -0.0679 
_pdbx_refine_tls.T[1][2]          0.0028 
_pdbx_refine_tls.T[1][3]          0.0033 
_pdbx_refine_tls.T[2][3]          -0.0027 
_pdbx_refine_tls.L[1][1]          0.6146 
_pdbx_refine_tls.L[2][2]          2.1319 
_pdbx_refine_tls.L[3][3]          0.3238 
_pdbx_refine_tls.L[1][2]          -0.3445 
_pdbx_refine_tls.L[1][3]          0.3101 
_pdbx_refine_tls.L[2][3]          -0.1017 
_pdbx_refine_tls.S[1][1]          0.0437 
_pdbx_refine_tls.S[1][2]          0.0143 
_pdbx_refine_tls.S[1][3]          0.0239 
_pdbx_refine_tls.S[2][1]          0.0296 
_pdbx_refine_tls.S[2][2]          -0.0938 
_pdbx_refine_tls.S[2][3]          0.0328 
_pdbx_refine_tls.S[3][1]          -0.0184 
_pdbx_refine_tls.S[3][2]          -0.0039 
_pdbx_refine_tls.S[3][3]          0.0499 
_pdbx_refine_tls.pdbx_refine_id   'X-RAY DIFFRACTION' 
# 
loop_
_pdbx_refine_tls_group.id 
_pdbx_refine_tls_group.refine_tls_id 
_pdbx_refine_tls_group.beg_auth_asym_id 
_pdbx_refine_tls_group.beg_auth_seq_id 
_pdbx_refine_tls_group.beg_label_asym_id 
_pdbx_refine_tls_group.beg_label_seq_id 
_pdbx_refine_tls_group.end_auth_asym_id 
_pdbx_refine_tls_group.end_auth_seq_id 
_pdbx_refine_tls_group.end_label_asym_id 
_pdbx_refine_tls_group.end_label_seq_id 
_pdbx_refine_tls_group.selection 
_pdbx_refine_tls_group.pdbx_refine_id 
_pdbx_refine_tls_group.selection_details 
1 1 A 1  A 1 A 13 A 13 ? 'X-RAY DIFFRACTION' ? 
2 1 B 14 B 1 B 26 B 13 ? 'X-RAY DIFFRACTION' ? 
# 
loop_
_pdbx_distant_solvent_atoms.id 
_pdbx_distant_solvent_atoms.PDB_model_num 
_pdbx_distant_solvent_atoms.auth_atom_id 
_pdbx_distant_solvent_atoms.label_alt_id 
_pdbx_distant_solvent_atoms.auth_asym_id 
_pdbx_distant_solvent_atoms.auth_comp_id 
_pdbx_distant_solvent_atoms.auth_seq_id 
_pdbx_distant_solvent_atoms.PDB_ins_code 
_pdbx_distant_solvent_atoms.neighbor_macromolecule_distance 
_pdbx_distant_solvent_atoms.neighbor_ligand_distance 
1 1 O ? A HOH 112 ? 5.94 . 
2 1 O ? A HOH 238 ? 7.01 . 
3 1 O ? B HOH 166 ? 6.85 . 
4 1 O ? B HOH 230 ? 6.20 . 
5 1 O ? B HOH 233 ? 6.18 . 
# 
loop_
_chem_comp_atom.comp_id 
_chem_comp_atom.atom_id 
_chem_comp_atom.type_symbol 
_chem_comp_atom.pdbx_aromatic_flag 
_chem_comp_atom.pdbx_stereo_config 
_chem_comp_atom.pdbx_ordinal 
A   OP3    O N N 1   
A   P      P N N 2   
A   OP1    O N N 3   
A   OP2    O N N 4   
A   "O5'"  O N N 5   
A   "C5'"  C N N 6   
A   "C4'"  C N R 7   
A   "O4'"  O N N 8   
A   "C3'"  C N S 9   
A   "O3'"  O N N 10  
A   "C2'"  C N R 11  
A   "O2'"  O N N 12  
A   "C1'"  C N R 13  
A   N9     N Y N 14  
A   C8     C Y N 15  
A   N7     N Y N 16  
A   C5     C Y N 17  
A   C6     C Y N 18  
A   N6     N N N 19  
A   N1     N Y N 20  
A   C2     C Y N 21  
A   N3     N Y N 22  
A   C4     C Y N 23  
A   HOP3   H N N 24  
A   HOP2   H N N 25  
A   "H5'"  H N N 26  
A   "H5''" H N N 27  
A   "H4'"  H N N 28  
A   "H3'"  H N N 29  
A   "HO3'" H N N 30  
A   "H2'"  H N N 31  
A   "HO2'" H N N 32  
A   "H1'"  H N N 33  
A   H8     H N N 34  
A   H61    H N N 35  
A   H62    H N N 36  
A   H2     H N N 37  
C   OP3    O N N 38  
C   P      P N N 39  
C   OP1    O N N 40  
C   OP2    O N N 41  
C   "O5'"  O N N 42  
C   "C5'"  C N N 43  
C   "C4'"  C N R 44  
C   "O4'"  O N N 45  
C   "C3'"  C N S 46  
C   "O3'"  O N N 47  
C   "C2'"  C N R 48  
C   "O2'"  O N N 49  
C   "C1'"  C N R 50  
C   N1     N N N 51  
C   C2     C N N 52  
C   O2     O N N 53  
C   N3     N N N 54  
C   C4     C N N 55  
C   N4     N N N 56  
C   C5     C N N 57  
C   C6     C N N 58  
C   HOP3   H N N 59  
C   HOP2   H N N 60  
C   "H5'"  H N N 61  
C   "H5''" H N N 62  
C   "H4'"  H N N 63  
C   "H3'"  H N N 64  
C   "HO3'" H N N 65  
C   "H2'"  H N N 66  
C   "HO2'" H N N 67  
C   "H1'"  H N N 68  
C   H41    H N N 69  
C   H42    H N N 70  
C   H5     H N N 71  
C   H6     H N N 72  
G   OP3    O N N 73  
G   P      P N N 74  
G   OP1    O N N 75  
G   OP2    O N N 76  
G   "O5'"  O N N 77  
G   "C5'"  C N N 78  
G   "C4'"  C N R 79  
G   "O4'"  O N N 80  
G   "C3'"  C N S 81  
G   "O3'"  O N N 82  
G   "C2'"  C N R 83  
G   "O2'"  O N N 84  
G   "C1'"  C N R 85  
G   N9     N Y N 86  
G   C8     C Y N 87  
G   N7     N Y N 88  
G   C5     C Y N 89  
G   C6     C N N 90  
G   O6     O N N 91  
G   N1     N N N 92  
G   C2     C N N 93  
G   N2     N N N 94  
G   N3     N N N 95  
G   C4     C Y N 96  
G   HOP3   H N N 97  
G   HOP2   H N N 98  
G   "H5'"  H N N 99  
G   "H5''" H N N 100 
G   "H4'"  H N N 101 
G   "H3'"  H N N 102 
G   "HO3'" H N N 103 
G   "H2'"  H N N 104 
G   "HO2'" H N N 105 
G   "H1'"  H N N 106 
G   H8     H N N 107 
G   H1     H N N 108 
G   H21    H N N 109 
G   H22    H N N 110 
HOH O      O N N 111 
HOH H1     H N N 112 
HOH H2     H N N 113 
M2G P      P N N 114 
M2G OP1    O N N 115 
M2G OP2    O N N 116 
M2G OP3    O N N 117 
M2G "O5'"  O N N 118 
M2G "C5'"  C N N 119 
M2G "C4'"  C N R 120 
M2G "O4'"  O N N 121 
M2G "C3'"  C N S 122 
M2G "O3'"  O N N 123 
M2G "C2'"  C N R 124 
M2G "O2'"  O N N 125 
M2G "C1'"  C N R 126 
M2G N9     N Y N 127 
M2G C8     C Y N 128 
M2G N7     N Y N 129 
M2G C5     C Y N 130 
M2G C6     C N N 131 
M2G O6     O N N 132 
M2G N1     N N N 133 
M2G C2     C N N 134 
M2G N2     N N N 135 
M2G N3     N N N 136 
M2G C4     C Y N 137 
M2G CM1    C N N 138 
M2G CM2    C N N 139 
M2G HOP2   H N N 140 
M2G HOP3   H N N 141 
M2G "H5'"  H N N 142 
M2G "H5''" H N N 143 
M2G "H4'"  H N N 144 
M2G "H3'"  H N N 145 
M2G "HO3'" H N N 146 
M2G "H2'"  H N N 147 
M2G "HO2'" H N N 148 
M2G "H1'"  H N N 149 
M2G H8     H N N 150 
M2G HN1    H N N 151 
M2G HM11   H N N 152 
M2G HM12   H N N 153 
M2G HM13   H N N 154 
M2G HM21   H N N 155 
M2G HM22   H N N 156 
M2G HM23   H N N 157 
U   OP3    O N N 158 
U   P      P N N 159 
U   OP1    O N N 160 
U   OP2    O N N 161 
U   "O5'"  O N N 162 
U   "C5'"  C N N 163 
U   "C4'"  C N R 164 
U   "O4'"  O N N 165 
U   "C3'"  C N S 166 
U   "O3'"  O N N 167 
U   "C2'"  C N R 168 
U   "O2'"  O N N 169 
U   "C1'"  C N R 170 
U   N1     N N N 171 
U   C2     C N N 172 
U   O2     O N N 173 
U   N3     N N N 174 
U   C4     C N N 175 
U   O4     O N N 176 
U   C5     C N N 177 
U   C6     C N N 178 
U   HOP3   H N N 179 
U   HOP2   H N N 180 
U   "H5'"  H N N 181 
U   "H5''" H N N 182 
U   "H4'"  H N N 183 
U   "H3'"  H N N 184 
U   "HO3'" H N N 185 
U   "H2'"  H N N 186 
U   "HO2'" H N N 187 
U   "H1'"  H N N 188 
U   H3     H N N 189 
U   H5     H N N 190 
U   H6     H N N 191 
# 
loop_
_chem_comp_bond.comp_id 
_chem_comp_bond.atom_id_1 
_chem_comp_bond.atom_id_2 
_chem_comp_bond.value_order 
_chem_comp_bond.pdbx_aromatic_flag 
_chem_comp_bond.pdbx_stereo_config 
_chem_comp_bond.pdbx_ordinal 
A   OP3   P      sing N N 1   
A   OP3   HOP3   sing N N 2   
A   P     OP1    doub N N 3   
A   P     OP2    sing N N 4   
A   P     "O5'"  sing N N 5   
A   OP2   HOP2   sing N N 6   
A   "O5'" "C5'"  sing N N 7   
A   "C5'" "C4'"  sing N N 8   
A   "C5'" "H5'"  sing N N 9   
A   "C5'" "H5''" sing N N 10  
A   "C4'" "O4'"  sing N N 11  
A   "C4'" "C3'"  sing N N 12  
A   "C4'" "H4'"  sing N N 13  
A   "O4'" "C1'"  sing N N 14  
A   "C3'" "O3'"  sing N N 15  
A   "C3'" "C2'"  sing N N 16  
A   "C3'" "H3'"  sing N N 17  
A   "O3'" "HO3'" sing N N 18  
A   "C2'" "O2'"  sing N N 19  
A   "C2'" "C1'"  sing N N 20  
A   "C2'" "H2'"  sing N N 21  
A   "O2'" "HO2'" sing N N 22  
A   "C1'" N9     sing N N 23  
A   "C1'" "H1'"  sing N N 24  
A   N9    C8     sing Y N 25  
A   N9    C4     sing Y N 26  
A   C8    N7     doub Y N 27  
A   C8    H8     sing N N 28  
A   N7    C5     sing Y N 29  
A   C5    C6     sing Y N 30  
A   C5    C4     doub Y N 31  
A   C6    N6     sing N N 32  
A   C6    N1     doub Y N 33  
A   N6    H61    sing N N 34  
A   N6    H62    sing N N 35  
A   N1    C2     sing Y N 36  
A   C2    N3     doub Y N 37  
A   C2    H2     sing N N 38  
A   N3    C4     sing Y N 39  
C   OP3   P      sing N N 40  
C   OP3   HOP3   sing N N 41  
C   P     OP1    doub N N 42  
C   P     OP2    sing N N 43  
C   P     "O5'"  sing N N 44  
C   OP2   HOP2   sing N N 45  
C   "O5'" "C5'"  sing N N 46  
C   "C5'" "C4'"  sing N N 47  
C   "C5'" "H5'"  sing N N 48  
C   "C5'" "H5''" sing N N 49  
C   "C4'" "O4'"  sing N N 50  
C   "C4'" "C3'"  sing N N 51  
C   "C4'" "H4'"  sing N N 52  
C   "O4'" "C1'"  sing N N 53  
C   "C3'" "O3'"  sing N N 54  
C   "C3'" "C2'"  sing N N 55  
C   "C3'" "H3'"  sing N N 56  
C   "O3'" "HO3'" sing N N 57  
C   "C2'" "O2'"  sing N N 58  
C   "C2'" "C1'"  sing N N 59  
C   "C2'" "H2'"  sing N N 60  
C   "O2'" "HO2'" sing N N 61  
C   "C1'" N1     sing N N 62  
C   "C1'" "H1'"  sing N N 63  
C   N1    C2     sing N N 64  
C   N1    C6     sing N N 65  
C   C2    O2     doub N N 66  
C   C2    N3     sing N N 67  
C   N3    C4     doub N N 68  
C   C4    N4     sing N N 69  
C   C4    C5     sing N N 70  
C   N4    H41    sing N N 71  
C   N4    H42    sing N N 72  
C   C5    C6     doub N N 73  
C   C5    H5     sing N N 74  
C   C6    H6     sing N N 75  
G   OP3   P      sing N N 76  
G   OP3   HOP3   sing N N 77  
G   P     OP1    doub N N 78  
G   P     OP2    sing N N 79  
G   P     "O5'"  sing N N 80  
G   OP2   HOP2   sing N N 81  
G   "O5'" "C5'"  sing N N 82  
G   "C5'" "C4'"  sing N N 83  
G   "C5'" "H5'"  sing N N 84  
G   "C5'" "H5''" sing N N 85  
G   "C4'" "O4'"  sing N N 86  
G   "C4'" "C3'"  sing N N 87  
G   "C4'" "H4'"  sing N N 88  
G   "O4'" "C1'"  sing N N 89  
G   "C3'" "O3'"  sing N N 90  
G   "C3'" "C2'"  sing N N 91  
G   "C3'" "H3'"  sing N N 92  
G   "O3'" "HO3'" sing N N 93  
G   "C2'" "O2'"  sing N N 94  
G   "C2'" "C1'"  sing N N 95  
G   "C2'" "H2'"  sing N N 96  
G   "O2'" "HO2'" sing N N 97  
G   "C1'" N9     sing N N 98  
G   "C1'" "H1'"  sing N N 99  
G   N9    C8     sing Y N 100 
G   N9    C4     sing Y N 101 
G   C8    N7     doub Y N 102 
G   C8    H8     sing N N 103 
G   N7    C5     sing Y N 104 
G   C5    C6     sing N N 105 
G   C5    C4     doub Y N 106 
G   C6    O6     doub N N 107 
G   C6    N1     sing N N 108 
G   N1    C2     sing N N 109 
G   N1    H1     sing N N 110 
G   C2    N2     sing N N 111 
G   C2    N3     doub N N 112 
G   N2    H21    sing N N 113 
G   N2    H22    sing N N 114 
G   N3    C4     sing N N 115 
HOH O     H1     sing N N 116 
HOH O     H2     sing N N 117 
M2G P     OP1    doub N N 118 
M2G P     OP2    sing N N 119 
M2G P     OP3    sing N N 120 
M2G P     "O5'"  sing N N 121 
M2G OP2   HOP2   sing N N 122 
M2G OP3   HOP3   sing N N 123 
M2G "O5'" "C5'"  sing N N 124 
M2G "C5'" "C4'"  sing N N 125 
M2G "C5'" "H5'"  sing N N 126 
M2G "C5'" "H5''" sing N N 127 
M2G "C4'" "O4'"  sing N N 128 
M2G "C4'" "C3'"  sing N N 129 
M2G "C4'" "H4'"  sing N N 130 
M2G "O4'" "C1'"  sing N N 131 
M2G "C3'" "O3'"  sing N N 132 
M2G "C3'" "C2'"  sing N N 133 
M2G "C3'" "H3'"  sing N N 134 
M2G "O3'" "HO3'" sing N N 135 
M2G "C2'" "O2'"  sing N N 136 
M2G "C2'" "C1'"  sing N N 137 
M2G "C2'" "H2'"  sing N N 138 
M2G "O2'" "HO2'" sing N N 139 
M2G "C1'" N9     sing N N 140 
M2G "C1'" "H1'"  sing N N 141 
M2G N9    C8     sing Y N 142 
M2G N9    C4     sing Y N 143 
M2G C8    N7     doub Y N 144 
M2G C8    H8     sing N N 145 
M2G N7    C5     sing Y N 146 
M2G C5    C6     sing N N 147 
M2G C5    C4     doub Y N 148 
M2G C6    O6     doub N N 149 
M2G C6    N1     sing N N 150 
M2G N1    C2     sing N N 151 
M2G N1    HN1    sing N N 152 
M2G C2    N2     sing N N 153 
M2G C2    N3     doub N N 154 
M2G N2    CM1    sing N N 155 
M2G N2    CM2    sing N N 156 
M2G N3    C4     sing N N 157 
M2G CM1   HM11   sing N N 158 
M2G CM1   HM12   sing N N 159 
M2G CM1   HM13   sing N N 160 
M2G CM2   HM21   sing N N 161 
M2G CM2   HM22   sing N N 162 
M2G CM2   HM23   sing N N 163 
U   OP3   P      sing N N 164 
U   OP3   HOP3   sing N N 165 
U   P     OP1    doub N N 166 
U   P     OP2    sing N N 167 
U   P     "O5'"  sing N N 168 
U   OP2   HOP2   sing N N 169 
U   "O5'" "C5'"  sing N N 170 
U   "C5'" "C4'"  sing N N 171 
U   "C5'" "H5'"  sing N N 172 
U   "C5'" "H5''" sing N N 173 
U   "C4'" "O4'"  sing N N 174 
U   "C4'" "C3'"  sing N N 175 
U   "C4'" "H4'"  sing N N 176 
U   "O4'" "C1'"  sing N N 177 
U   "C3'" "O3'"  sing N N 178 
U   "C3'" "C2'"  sing N N 179 
U   "C3'" "H3'"  sing N N 180 
U   "O3'" "HO3'" sing N N 181 
U   "C2'" "O2'"  sing N N 182 
U   "C2'" "C1'"  sing N N 183 
U   "C2'" "H2'"  sing N N 184 
U   "O2'" "HO2'" sing N N 185 
U   "C1'" N1     sing N N 186 
U   "C1'" "H1'"  sing N N 187 
U   N1    C2     sing N N 188 
U   N1    C6     sing N N 189 
U   C2    O2     doub N N 190 
U   C2    N3     sing N N 191 
U   N3    C4     sing N N 192 
U   N3    H3     sing N N 193 
U   C4    O4     doub N N 194 
U   C4    C5     sing N N 195 
U   C5    C6     doub N N 196 
U   C5    H5     sing N N 197 
U   C6    H6     sing N N 198 
# 
loop_
_ndb_struct_conf_na.entry_id 
_ndb_struct_conf_na.feature 
3CJZ 'double helix'        
3CJZ 'a-form double helix' 
# 
loop_
_ndb_struct_na_base_pair.model_number 
_ndb_struct_na_base_pair.i_label_asym_id 
_ndb_struct_na_base_pair.i_label_comp_id 
_ndb_struct_na_base_pair.i_label_seq_id 
_ndb_struct_na_base_pair.i_symmetry 
_ndb_struct_na_base_pair.j_label_asym_id 
_ndb_struct_na_base_pair.j_label_comp_id 
_ndb_struct_na_base_pair.j_label_seq_id 
_ndb_struct_na_base_pair.j_symmetry 
_ndb_struct_na_base_pair.shear 
_ndb_struct_na_base_pair.stretch 
_ndb_struct_na_base_pair.stagger 
_ndb_struct_na_base_pair.buckle 
_ndb_struct_na_base_pair.propeller 
_ndb_struct_na_base_pair.opening 
_ndb_struct_na_base_pair.pair_number 
_ndb_struct_na_base_pair.pair_name 
_ndb_struct_na_base_pair.i_auth_asym_id 
_ndb_struct_na_base_pair.i_auth_seq_id 
_ndb_struct_na_base_pair.i_PDB_ins_code 
_ndb_struct_na_base_pair.j_auth_asym_id 
_ndb_struct_na_base_pair.j_auth_seq_id 
_ndb_struct_na_base_pair.j_PDB_ins_code 
_ndb_struct_na_base_pair.hbond_type_28 
_ndb_struct_na_base_pair.hbond_type_12 
1 A G   1  1_555 B C   12 1_555 -0.322 -0.392 0.047  -1.404 -3.333  -2.552  1  A_G1:C25_B   A 1  ? B 25 ? 19 1 
1 A G   2  1_555 B C   11 1_555 -0.099 -0.292 0.100  -1.918 -14.752 -1.850  2  A_G2:C24_B   A 2  ? B 24 ? 19 1 
1 A A   3  1_555 B U   10 1_555 -0.200 -0.233 0.066  -7.788 -15.409 -4.850  3  A_A3:U23_B   A 3  ? B 23 ? 20 1 
1 A C   4  1_555 B G   9  1_555 0.359  -0.166 0.272  -1.327 -17.459 1.514   4  A_C4:G22_B   A 4  ? B 22 ? 19 1 
1 A G   5  1_555 B C   8  1_555 -0.123 -0.219 -0.074 -7.320 -19.634 -3.478  5  A_G5:C21_B   A 5  ? B 21 ? 19 1 
1 A M2G 6  1_555 B A   7  1_555 -0.382 1.729  -0.230 4.240  -1.812  -35.019 6  A_M2G6:A20_B A 6  ? B 20 ? 8  1 
1 A A   7  1_555 B M2G 6  1_555 0.212  1.683  -0.248 3.995  -15.961 -28.730 7  A_A7:M2G19_B A 7  ? B 19 ? 8  1 
1 A C   8  1_555 B G   5  1_555 0.427  -0.159 0.030  13.245 -22.031 -0.800  8  A_C8:G18_B   A 8  ? B 18 ? 19 1 
1 A G   9  1_555 B C   4  1_555 -0.569 -0.219 -0.047 -2.993 -21.441 1.034   9  A_G9:C17_B   A 9  ? B 17 ? 19 1 
1 A U   10 1_555 B A   3  1_555 -0.171 -0.162 0.040  -1.165 -14.732 -1.396  10 A_U10:A16_B  A 10 ? B 16 ? 20 1 
1 A C   11 1_555 B G   2  1_555 0.274  -0.320 0.213  0.615  -15.513 -1.081  11 A_C11:G15_B  A 11 ? B 15 ? 19 1 
1 A C   12 1_555 B G   1  1_555 0.373  -0.286 0.111  2.009  -10.878 -0.763  12 A_C12:G14_B  A 12 ? B 14 ? 19 1 
# 
loop_
_ndb_struct_na_base_pair_step.model_number 
_ndb_struct_na_base_pair_step.i_label_asym_id_1 
_ndb_struct_na_base_pair_step.i_label_comp_id_1 
_ndb_struct_na_base_pair_step.i_label_seq_id_1 
_ndb_struct_na_base_pair_step.i_symmetry_1 
_ndb_struct_na_base_pair_step.j_label_asym_id_1 
_ndb_struct_na_base_pair_step.j_label_comp_id_1 
_ndb_struct_na_base_pair_step.j_label_seq_id_1 
_ndb_struct_na_base_pair_step.j_symmetry_1 
_ndb_struct_na_base_pair_step.i_label_asym_id_2 
_ndb_struct_na_base_pair_step.i_label_comp_id_2 
_ndb_struct_na_base_pair_step.i_label_seq_id_2 
_ndb_struct_na_base_pair_step.i_symmetry_2 
_ndb_struct_na_base_pair_step.j_label_asym_id_2 
_ndb_struct_na_base_pair_step.j_label_comp_id_2 
_ndb_struct_na_base_pair_step.j_label_seq_id_2 
_ndb_struct_na_base_pair_step.j_symmetry_2 
_ndb_struct_na_base_pair_step.shift 
_ndb_struct_na_base_pair_step.slide 
_ndb_struct_na_base_pair_step.rise 
_ndb_struct_na_base_pair_step.tilt 
_ndb_struct_na_base_pair_step.roll 
_ndb_struct_na_base_pair_step.twist 
_ndb_struct_na_base_pair_step.x_displacement 
_ndb_struct_na_base_pair_step.y_displacement 
_ndb_struct_na_base_pair_step.helical_rise 
_ndb_struct_na_base_pair_step.inclination 
_ndb_struct_na_base_pair_step.tip 
_ndb_struct_na_base_pair_step.helical_twist 
_ndb_struct_na_base_pair_step.step_number 
_ndb_struct_na_base_pair_step.step_name 
_ndb_struct_na_base_pair_step.i_auth_asym_id_1 
_ndb_struct_na_base_pair_step.i_auth_seq_id_1 
_ndb_struct_na_base_pair_step.i_PDB_ins_code_1 
_ndb_struct_na_base_pair_step.j_auth_asym_id_1 
_ndb_struct_na_base_pair_step.j_auth_seq_id_1 
_ndb_struct_na_base_pair_step.j_PDB_ins_code_1 
_ndb_struct_na_base_pair_step.i_auth_asym_id_2 
_ndb_struct_na_base_pair_step.i_auth_seq_id_2 
_ndb_struct_na_base_pair_step.i_PDB_ins_code_2 
_ndb_struct_na_base_pair_step.j_auth_asym_id_2 
_ndb_struct_na_base_pair_step.j_auth_seq_id_2 
_ndb_struct_na_base_pair_step.j_PDB_ins_code_2 
1 A G   1  1_555 B C   12 1_555 A G   2  1_555 B C   11 1_555 0.189  -1.746 3.214 0.401  8.484  32.703 -4.268 -0.266 2.692 14.759 
-0.698 33.759 1  AA_G1G2:C24C25_BB     A 1  ? B 25 ? A 2  ? B 24 ? 
1 A G   2  1_555 B C   11 1_555 A A   3  1_555 B U   10 1_555 -0.332 -1.501 3.353 0.803  3.751  35.758 -2.967 0.653  3.176 6.087  
-1.303 35.957 2  AA_G2A3:U23C24_BB     A 2  ? B 24 ? A 3  ? B 23 ? 
1 A A   3  1_555 B U   10 1_555 A C   4  1_555 B G   9  1_555 0.690  -1.219 3.011 1.008  5.893  33.034 -2.974 -1.047 2.778 10.259 
-1.755 33.556 3  AA_A3C4:G22U23_BB     A 3  ? B 23 ? A 4  ? B 22 ? 
1 A C   4  1_555 B G   9  1_555 A G   5  1_555 B C   8  1_555 -0.205 -1.694 3.196 4.176  15.463 31.462 -4.782 0.874  2.116 26.478 
-7.150 35.213 4  AA_C4G5:C21G22_BB     A 4  ? B 22 ? A 5  ? B 21 ? 
1 A G   5  1_555 B C   8  1_555 A M2G 6  1_555 B A   7  1_555 -1.827 -1.109 3.012 -0.145 12.599 30.124 -3.859 3.234  2.378 23.015 
0.265  32.597 5  AA_G5M2G6:A20C21_BB   A 5  ? B 21 ? A 6  ? B 20 ? 
1 A M2G 6  1_555 B A   7  1_555 A A   7  1_555 B M2G 6  1_555 0.734  -1.900 3.256 0.803  8.798  31.539 -4.774 -1.175 2.660 15.801 
-1.442 32.723 6  AA_M2G6A7:M2G19A20_BB A 6  ? B 20 ? A 7  ? B 19 ? 
1 A A   7  1_555 B M2G 6  1_555 A C   8  1_555 B G   5  1_555 1.589  -1.231 2.933 0.841  10.272 30.081 -3.839 -2.773 2.434 19.100 
-1.564 31.759 7  AA_A7C8:G18M2G19_BB   A 7  ? B 19 ? A 8  ? B 18 ? 
1 A C   8  1_555 B G   5  1_555 A G   9  1_555 B C   4  1_555 -0.028 -1.290 3.496 -1.853 16.153 33.980 -4.086 -0.195 2.636 25.883 
2.969  37.566 8  AA_C8G9:C17G18_BB     A 8  ? B 18 ? A 9  ? B 17 ? 
1 A G   9  1_555 B C   4  1_555 A U   10 1_555 B A   3  1_555 -0.454 -1.067 3.112 -2.975 9.154  32.920 -3.129 0.343  2.755 15.739 
5.115  34.261 9  AA_G9U10:A16C17_BB    A 9  ? B 17 ? A 10 ? B 16 ? 
1 A U   10 1_555 B A   3  1_555 A C   11 1_555 B G   2  1_555 0.492  -1.221 3.175 -0.074 4.225  34.626 -2.645 -0.832 3.009 7.066  
0.124  34.875 10 AA_U10C11:G15A16_BB   A 10 ? B 16 ? A 11 ? B 15 ? 
1 A C   11 1_555 B G   2  1_555 A C   12 1_555 B G   1  1_555 -0.119 -1.687 3.167 0.547  5.380  33.956 -3.636 0.281  2.872 9.139  
-0.929 34.372 11 AA_C11C12:G14G15_BB   A 11 ? B 15 ? A 12 ? B 14 ? 
# 
_pdbx_initial_refinement_model.accession_code   ? 
_pdbx_initial_refinement_model.id               1 
_pdbx_initial_refinement_model.entity_id_list   ? 
_pdbx_initial_refinement_model.type             'in silico model' 
_pdbx_initial_refinement_model.source_name      Other 
_pdbx_initial_refinement_model.details          'canonical A-form RNA dodecamer omitting U13 and U26' 
# 
_atom_sites.entry_id                    3CJZ 
_atom_sites.fract_transf_matrix[1][1]   -0.00010289 
_atom_sites.fract_transf_matrix[1][2]   0.01722049 
_atom_sites.fract_transf_matrix[1][3]   -0.00212115 
_atom_sites.fract_transf_matrix[2][1]   0.03286454 
_atom_sites.fract_transf_matrix[2][2]   -0.00225953 
_atom_sites.fract_transf_matrix[2][3]   -0.01993812 
_atom_sites.fract_transf_matrix[3][1]   -0.01149594 
_atom_sites.fract_transf_matrix[3][2]   0.00047767 
_atom_sites.fract_transf_matrix[3][3]   -0.01900320 
_atom_sites.fract_transf_vector[1]      0.025115 
_atom_sites.fract_transf_vector[2]      -0.071054 
_atom_sites.fract_transf_vector[3]      0.236978 
# 
loop_
_atom_type.symbol 
C 
N 
O 
P 
# 
loop_
_atom_site.group_PDB 
_atom_site.id 
_atom_site.type_symbol 
_atom_site.label_atom_id 
_atom_site.label_alt_id 
_atom_site.label_comp_id 
_atom_site.label_asym_id 
_atom_site.label_entity_id 
_atom_site.label_seq_id 
_atom_site.pdbx_PDB_ins_code 
_atom_site.Cartn_x 
_atom_site.Cartn_y 
_atom_site.Cartn_z 
_atom_site.occupancy 
_atom_site.B_iso_or_equiv 
_atom_site.pdbx_formal_charge 
_atom_site.auth_seq_id 
_atom_site.auth_comp_id 
_atom_site.auth_asym_id 
_atom_site.auth_atom_id 
_atom_site.pdbx_PDB_model_num 
ATOM   1   O "O5'" . G   A 1 1  ? 2.085   -11.750 -8.949  1.00 33.88 ? 1   G   A "O5'" 1 
ATOM   2   C "C5'" . G   A 1 1  ? 0.903   -11.682 -9.730  1.00 31.82 ? 1   G   A "C5'" 1 
ATOM   3   C "C4'" . G   A 1 1  ? -0.306  -12.268 -9.012  1.00 31.47 ? 1   G   A "C4'" 1 
ATOM   4   O "O4'" . G   A 1 1  ? 0.001   -13.571 -8.461  1.00 30.39 ? 1   G   A "O4'" 1 
ATOM   5   C "C3'" . G   A 1 1  ? -0.827  -11.502 -7.805  1.00 32.51 ? 1   G   A "C3'" 1 
ATOM   6   O "O3'" . G   A 1 1  ? -1.631  -10.412 -8.203  1.00 32.26 ? 1   G   A "O3'" 1 
ATOM   7   C "C2'" . G   A 1 1  ? -1.630  -12.602 -7.109  1.00 30.65 ? 1   G   A "C2'" 1 
ATOM   8   O "O2'" . G   A 1 1  ? -2.837  -12.932 -7.761  1.00 30.46 ? 1   G   A "O2'" 1 
ATOM   9   C "C1'" . G   A 1 1  ? -0.646  -13.756 -7.218  1.00 30.07 ? 1   G   A "C1'" 1 
ATOM   10  N N9    . G   A 1 1  ? 0.327   -13.746 -6.132  1.00 30.08 ? 1   G   A N9    1 
ATOM   11  C C8    . G   A 1 1  ? 1.638   -13.354 -6.204  1.00 30.81 ? 1   G   A C8    1 
ATOM   12  N N7    . G   A 1 1  ? 2.279   -13.441 -5.070  1.00 30.88 ? 1   G   A N7    1 
ATOM   13  C C5    . G   A 1 1  ? 1.316   -13.915 -4.198  1.00 29.74 ? 1   G   A C5    1 
ATOM   14  C C6    . G   A 1 1  ? 1.435   -14.201 -2.830  1.00 29.79 ? 1   G   A C6    1 
ATOM   15  O O6    . G   A 1 1  ? 2.439   -14.068 -2.136  1.00 28.85 ? 1   G   A O6    1 
ATOM   16  N N1    . G   A 1 1  ? 0.248   -14.665 -2.279  1.00 28.78 ? 1   G   A N1    1 
ATOM   17  C C2    . G   A 1 1  ? -0.920  -14.830 -2.987  1.00 30.07 ? 1   G   A C2    1 
ATOM   18  N N2    . G   A 1 1  ? -1.982  -15.277 -2.301  1.00 29.06 ? 1   G   A N2    1 
ATOM   19  N N3    . G   A 1 1  ? -1.042  -14.564 -4.277  1.00 29.79 ? 1   G   A N3    1 
ATOM   20  C C4    . G   A 1 1  ? 0.116   -14.105 -4.818  1.00 30.11 ? 1   G   A C4    1 
ATOM   21  P P     . G   A 1 2  ? -1.729  -9.070  -7.340  1.00 33.71 ? 2   G   A P     1 
ATOM   22  O OP1   . G   A 1 2  ? -2.460  -8.090  -8.183  1.00 32.46 ? 2   G   A OP1   1 
ATOM   23  O OP2   . G   A 1 2  ? -0.387  -8.737  -6.790  1.00 31.70 ? 2   G   A OP2   1 
ATOM   24  O "O5'" . G   A 1 2  ? -2.634  -9.487  -6.087  1.00 32.68 ? 2   G   A "O5'" 1 
ATOM   25  C "C5'" . G   A 1 2  ? -3.963  -9.955  -6.255  1.00 34.16 ? 2   G   A "C5'" 1 
ATOM   26  C "C4'" . G   A 1 2  ? -4.435  -10.580 -4.953  1.00 34.33 ? 2   G   A "C4'" 1 
ATOM   27  O "O4'" . G   A 1 2  ? -3.569  -11.673 -4.575  1.00 34.13 ? 2   G   A "O4'" 1 
ATOM   28  C "C3'" . G   A 1 2  ? -4.398  -9.663  -3.737  1.00 34.74 ? 2   G   A "C3'" 1 
ATOM   29  O "O3'" . G   A 1 2  ? -5.528  -8.817  -3.705  1.00 35.56 ? 2   G   A "O3'" 1 
ATOM   30  C "C2'" . G   A 1 2  ? -4.392  -10.660 -2.585  1.00 34.92 ? 2   G   A "C2'" 1 
ATOM   31  O "O2'" . G   A 1 2  ? -5.671  -11.173 -2.279  1.00 35.24 ? 2   G   A "O2'" 1 
ATOM   32  C "C1'" . G   A 1 2  ? -3.459  -11.731 -3.157  1.00 33.90 ? 2   G   A "C1'" 1 
ATOM   33  N N9    . G   A 1 2  ? -2.063  -11.524 -2.786  1.00 33.64 ? 2   G   A N9    1 
ATOM   34  C C8    . G   A 1 2  ? -1.039  -11.055 -3.586  1.00 33.70 ? 2   G   A C8    1 
ATOM   35  N N7    . G   A 1 2  ? 0.106   -10.963 -2.977  1.00 33.63 ? 2   G   A N7    1 
ATOM   36  C C5    . G   A 1 2  ? -0.167  -11.392 -1.681  1.00 33.33 ? 2   G   A C5    1 
ATOM   37  C C6    . G   A 1 2  ? 0.687   -11.503 -0.557  1.00 33.72 ? 2   G   A C6    1 
ATOM   38  O O6    . G   A 1 2  ? 1.900   -11.248 -0.475  1.00 32.88 ? 2   G   A O6    1 
ATOM   39  N N1    . G   A 1 2  ? 0.014   -11.972 0.566   1.00 33.38 ? 2   G   A N1    1 
ATOM   40  C C2    . G   A 1 2  ? -1.329  -12.287 0.594   1.00 33.51 ? 2   G   A C2    1 
ATOM   41  N N2    . G   A 1 2  ? -1.813  -12.728 1.757   1.00 34.07 ? 2   G   A N2    1 
ATOM   42  N N3    . G   A 1 2  ? -2.145  -12.180 -0.446  1.00 33.17 ? 2   G   A N3    1 
ATOM   43  C C4    . G   A 1 2  ? -1.497  -11.733 -1.547  1.00 33.51 ? 2   G   A C4    1 
ATOM   44  P P     . A   A 1 3  ? -5.492  -7.432  -2.894  1.00 36.34 ? 3   A   A P     1 
ATOM   45  O OP1   . A   A 1 3  ? -6.802  -6.772  -3.124  1.00 37.44 ? 3   A   A OP1   1 
ATOM   46  O OP2   . A   A 1 3  ? -4.249  -6.727  -3.236  1.00 35.72 ? 3   A   A OP2   1 
ATOM   47  O "O5'" . A   A 1 3  ? -5.398  -7.859  -1.354  1.00 36.01 ? 3   A   A "O5'" 1 
ATOM   48  C "C5'" . A   A 1 3  ? -6.546  -8.382  -0.689  1.00 34.58 ? 3   A   A "C5'" 1 
ATOM   49  C "C4'" . A   A 1 3  ? -6.211  -8.791  0.736   1.00 34.02 ? 3   A   A "C4'" 1 
ATOM   50  O "O4'" . A   A 1 3  ? -5.150  -9.794  0.790   1.00 31.58 ? 3   A   A "O4'" 1 
ATOM   51  C "C3'" . A   A 1 3  ? -5.699  -7.639  1.579   1.00 33.11 ? 3   A   A "C3'" 1 
ATOM   52  O "O3'" . A   A 1 3  ? -6.775  -6.820  2.035   1.00 33.31 ? 3   A   A "O3'" 1 
ATOM   53  C "C2'" . A   A 1 3  ? -5.004  -8.405  2.698   1.00 33.19 ? 3   A   A "C2'" 1 
ATOM   54  O "O2'" . A   A 1 3  ? -5.917  -8.884  3.678   1.00 31.87 ? 3   A   A "O2'" 1 
ATOM   55  C "C1'" . A   A 1 3  ? -4.331  -9.537  1.921   1.00 32.89 ? 3   A   A "C1'" 1 
ATOM   56  N N9    . A   A 1 3  ? -2.977  -9.187  1.479   1.00 32.65 ? 3   A   A N9    1 
ATOM   57  C C8    . A   A 1 3  ? -2.606  -8.748  0.241   1.00 32.68 ? 3   A   A C8    1 
ATOM   58  N N7    . A   A 1 3  ? -1.332  -8.503  0.110   1.00 30.93 ? 3   A   A N7    1 
ATOM   59  C C5    . A   A 1 3  ? -0.831  -8.783  1.355   1.00 32.37 ? 3   A   A C5    1 
ATOM   60  C C6    . A   A 1 3  ? 0.475   -8.708  1.860   1.00 32.51 ? 3   A   A C6    1 
ATOM   61  N N6    . A   A 1 3  ? 1.514   -8.323  1.109   1.00 33.36 ? 3   A   A N6    1 
ATOM   62  N N1    . A   A 1 3  ? 0.661   -9.041  3.158   1.00 33.03 ? 3   A   A N1    1 
ATOM   63  C C2    . A   A 1 3  ? -0.390  -9.434  3.887   1.00 32.26 ? 3   A   A C2    1 
ATOM   64  N N3    . A   A 1 3  ? -1.660  -9.545  3.511   1.00 33.21 ? 3   A   A N3    1 
ATOM   65  C C4    . A   A 1 3  ? -1.819  -9.196  2.219   1.00 32.42 ? 3   A   A C4    1 
ATOM   66  P P     . C   A 1 4  ? -6.537  -5.253  2.263   1.00 35.78 ? 4   C   A P     1 
ATOM   67  O OP1   . C   A 1 4  ? -7.844  -4.679  2.648   1.00 36.16 ? 4   C   A OP1   1 
ATOM   68  O OP2   . C   A 1 4  ? -5.809  -4.691  1.102   1.00 34.52 ? 4   C   A OP2   1 
ATOM   69  O "O5'" . C   A 1 4  ? -5.504  -5.255  3.485   1.00 33.94 ? 4   C   A "O5'" 1 
ATOM   70  C "C5'" . C   A 1 4  ? -5.876  -5.648  4.780   1.00 34.94 ? 4   C   A "C5'" 1 
ATOM   71  C "C4'" . C   A 1 4  ? -4.672  -5.730  5.695   1.00 35.26 ? 4   C   A "C4'" 1 
ATOM   72  O "O4'" . C   A 1 4  ? -3.742  -6.763  5.246   1.00 35.45 ? 4   C   A "O4'" 1 
ATOM   73  C "C3'" . C   A 1 4  ? -3.812  -4.476  5.762   1.00 34.65 ? 4   C   A "C3'" 1 
ATOM   74  O "O3'" . C   A 1 4  ? -4.380  -3.465  6.587   1.00 35.91 ? 4   C   A "O3'" 1 
ATOM   75  C "C2'" . C   A 1 4  ? -2.549  -5.080  6.346   1.00 36.04 ? 4   C   A "C2'" 1 
ATOM   76  O "O2'" . C   A 1 4  ? -2.699  -5.415  7.710   1.00 34.96 ? 4   C   A "O2'" 1 
ATOM   77  C "C1'" . C   A 1 4  ? -2.418  -6.336  5.481   1.00 35.23 ? 4   C   A "C1'" 1 
ATOM   78  N N1    . C   A 1 4  ? -1.666  -6.039  4.213   1.00 34.44 ? 4   C   A N1    1 
ATOM   79  C C2    . C   A 1 4  ? -0.273  -6.057  4.309   1.00 35.29 ? 4   C   A C2    1 
ATOM   80  O O2    . C   A 1 4  ? 0.233   -6.338  5.413   1.00 34.33 ? 4   C   A O2    1 
ATOM   81  N N3    . C   A 1 4  ? 0.473   -5.772  3.206   1.00 33.41 ? 4   C   A N3    1 
ATOM   82  C C4    . C   A 1 4  ? -0.117  -5.469  2.046   1.00 35.53 ? 4   C   A C4    1 
ATOM   83  N N4    . C   A 1 4  ? 0.677   -5.199  1.004   1.00 34.88 ? 4   C   A N4    1 
ATOM   84  C C5    . C   A 1 4  ? -1.547  -5.438  1.923   1.00 34.28 ? 4   C   A C5    1 
ATOM   85  C C6    . C   A 1 4  ? -2.268  -5.715  3.025   1.00 34.86 ? 4   C   A C6    1 
ATOM   86  P P     . G   A 1 5  ? -3.962  -1.922  6.368   1.00 36.98 ? 5   G   A P     1 
ATOM   87  O OP1   . G   A 1 5  ? -4.817  -1.096  7.249   1.00 39.35 ? 5   G   A OP1   1 
ATOM   88  O OP2   . G   A 1 5  ? -3.846  -1.643  4.916   1.00 37.36 ? 5   G   A OP2   1 
ATOM   89  O "O5'" . G   A 1 5  ? -2.477  -1.900  6.945   1.00 36.89 ? 5   G   A "O5'" 1 
ATOM   90  C "C5'" . G   A 1 5  ? -2.210  -2.143  8.338   1.00 35.72 ? 5   G   A "C5'" 1 
ATOM   91  C "C4'" . G   A 1 5  ? -0.718  -2.059  8.598   1.00 35.02 ? 5   G   A "C4'" 1 
ATOM   92  O "O4'" . G   A 1 5  ? 0.003   -3.072  7.836   1.00 34.43 ? 5   G   A "O4'" 1 
ATOM   93  C "C3'" . G   A 1 5  ? -0.076  -0.752  8.150   1.00 33.99 ? 5   G   A "C3'" 1 
ATOM   94  O "O3'" . G   A 1 5  ? -0.314  0.321   9.092   1.00 36.00 ? 5   G   A "O3'" 1 
ATOM   95  C "C2'" . G   A 1 5  ? 1.385   -1.178  8.060   1.00 34.35 ? 5   G   A "C2'" 1 
ATOM   96  O "O2'" . G   A 1 5  ? 1.997   -1.246  9.340   1.00 34.59 ? 5   G   A "O2'" 1 
ATOM   97  C "C1'" . G   A 1 5  ? 1.263   -2.552  7.408   1.00 33.09 ? 5   G   A "C1'" 1 
ATOM   98  N N9    . G   A 1 5  ? 1.340   -2.548  5.937   1.00 33.00 ? 5   G   A N9    1 
ATOM   99  C C8    . G   A 1 5  ? 0.305   -2.513  5.024   1.00 32.27 ? 5   G   A C8    1 
ATOM   100 N N7    . G   A 1 5  ? 0.698   -2.524  3.782   1.00 31.80 ? 5   G   A N7    1 
ATOM   101 C C5    . G   A 1 5  ? 2.073   -2.572  3.859   1.00 31.70 ? 5   G   A C5    1 
ATOM   102 C C6    . G   A 1 5  ? 3.045   -2.602  2.824   1.00 32.79 ? 5   G   A C6    1 
ATOM   103 O O6    . G   A 1 5  ? 2.855   -2.593  1.611   1.00 32.78 ? 5   G   A O6    1 
ATOM   104 N N1    . G   A 1 5  ? 4.345   -2.633  3.305   1.00 32.78 ? 5   G   A N1    1 
ATOM   105 C C2    . G   A 1 5  ? 4.654   -2.656  4.652   1.00 32.59 ? 5   G   A C2    1 
ATOM   106 N N2    . G   A 1 5  ? 5.956   -2.696  4.975   1.00 32.45 ? 5   G   A N2    1 
ATOM   107 N N3    . G   A 1 5  ? 3.755   -2.626  5.626   1.00 31.86 ? 5   G   A N3    1 
ATOM   108 C C4    . G   A 1 5  ? 2.489   -2.581  5.161   1.00 31.76 ? 5   G   A C4    1 
HETATM 109 P P     . M2G A 1 6  ? -0.938  1.660   8.477   1.00 35.39 ? 6   M2G A P     1 
HETATM 110 O OP1   . M2G A 1 6  ? -2.019  1.944   9.454   1.00 35.72 ? 6   M2G A OP1   1 
HETATM 111 O OP2   . M2G A 1 6  ? -1.309  1.662   7.042   1.00 36.78 ? 6   M2G A OP2   1 
HETATM 112 O "O5'" . M2G A 1 6  ? 0.246   2.728   8.612   1.00 35.25 ? 6   M2G A "O5'" 1 
HETATM 113 C "C5'" . M2G A 1 6  ? 0.850   3.068   9.851   1.00 35.26 ? 6   M2G A "C5'" 1 
HETATM 114 C "C4'" . M2G A 1 6  ? 2.349   3.182   9.637   1.00 35.04 ? 6   M2G A "C4'" 1 
HETATM 115 O "O4'" . M2G A 1 6  ? 2.915   1.928   9.126   1.00 32.61 ? 6   M2G A "O4'" 1 
HETATM 116 C "C3'" . M2G A 1 6  ? 2.691   4.242   8.595   1.00 34.47 ? 6   M2G A "C3'" 1 
HETATM 117 O "O3'" . M2G A 1 6  ? 2.556   5.572   9.119   1.00 33.70 ? 6   M2G A "O3'" 1 
HETATM 118 C "C2'" . M2G A 1 6  ? 4.139   3.844   8.285   1.00 34.48 ? 6   M2G A "C2'" 1 
HETATM 119 O "O2'" . M2G A 1 6  ? 5.052   4.217   9.330   1.00 34.74 ? 6   M2G A "O2'" 1 
HETATM 120 C "C1'" . M2G A 1 6  ? 3.995   2.319   8.225   1.00 33.90 ? 6   M2G A "C1'" 1 
HETATM 121 N N9    . M2G A 1 6  ? 3.736   1.801   6.852   1.00 34.32 ? 6   M2G A N9    1 
HETATM 122 C C8    . M2G A 1 6  ? 2.555   1.436   6.350   1.00 34.26 ? 6   M2G A C8    1 
HETATM 123 N N7    . M2G A 1 6  ? 2.706   1.005   5.100   1.00 33.60 ? 6   M2G A N7    1 
HETATM 124 C C5    . M2G A 1 6  ? 3.990   1.094   4.795   1.00 33.39 ? 6   M2G A C5    1 
HETATM 125 C C6    . M2G A 1 6  ? 4.707   0.803   3.650   1.00 32.97 ? 6   M2G A C6    1 
HETATM 126 O O6    . M2G A 1 6  ? 4.152   0.355   2.649   1.00 33.55 ? 6   M2G A O6    1 
HETATM 127 N N1    . M2G A 1 6  ? 6.081   1.028   3.660   1.00 34.66 ? 6   M2G A N1    1 
HETATM 128 C C2    . M2G A 1 6  ? 6.710   1.540   4.802   1.00 33.25 ? 6   M2G A C2    1 
HETATM 129 N N2    . M2G A 1 6  ? 8.031   1.752   4.796   1.00 34.18 ? 6   M2G A N2    1 
HETATM 130 N N3    . M2G A 1 6  ? 5.976   1.810   5.891   1.00 33.79 ? 6   M2G A N3    1 
HETATM 131 C C4    . M2G A 1 6  ? 4.652   1.605   5.909   1.00 33.82 ? 6   M2G A C4    1 
HETATM 132 C CM1   . M2G A 1 6  ? 8.836   1.441   3.604   1.00 33.84 ? 6   M2G A CM1   1 
HETATM 133 C CM2   . M2G A 1 6  ? 8.751   2.287   5.965   1.00 33.72 ? 6   M2G A CM2   1 
ATOM   134 P P     . A   A 1 7  ? 2.304   6.677   7.985   1.00 33.62 ? 7   A   A P     1 
ATOM   135 O OP1   . A   A 1 7  ? 2.142   7.948   8.732   1.00 31.26 ? 7   A   A OP1   1 
ATOM   136 O OP2   . A   A 1 7  ? 1.266   6.222   7.033   1.00 32.58 ? 7   A   A OP2   1 
ATOM   137 O "O5'" . A   A 1 7  ? 3.646   6.740   7.118   1.00 31.36 ? 7   A   A "O5'" 1 
ATOM   138 C "C5'" . A   A 1 7  ? 4.853   7.240   7.648   1.00 32.15 ? 7   A   A "C5'" 1 
ATOM   139 C "C4'" . A   A 1 7  ? 5.974   7.036   6.650   1.00 30.54 ? 7   A   A "C4'" 1 
ATOM   140 O "O4'" . A   A 1 7  ? 6.075   5.633   6.297   1.00 31.86 ? 7   A   A "O4'" 1 
ATOM   141 C "C3'" . A   A 1 7  ? 5.785   7.711   5.300   1.00 30.31 ? 7   A   A "C3'" 1 
ATOM   142 O "O3'" . A   A 1 7  ? 5.999   9.125   5.343   1.00 30.79 ? 7   A   A "O3'" 1 
ATOM   143 C "C2'" . A   A 1 7  ? 6.840   6.939   4.517   1.00 30.22 ? 7   A   A "C2'" 1 
ATOM   144 O "O2'" . A   A 1 7  ? 8.173   7.261   4.858   1.00 31.77 ? 7   A   A "O2'" 1 
ATOM   145 C "C1'" . A   A 1 7  ? 6.500   5.514   4.951   1.00 30.20 ? 7   A   A "C1'" 1 
ATOM   146 N N9    . A   A 1 7  ? 5.468   4.904   4.107   1.00 29.07 ? 7   A   A N9    1 
ATOM   147 C C8    . A   A 1 7  ? 4.125   4.727   4.359   1.00 30.01 ? 7   A   A C8    1 
ATOM   148 N N7    . A   A 1 7  ? 3.465   4.168   3.371   1.00 28.15 ? 7   A   A N7    1 
ATOM   149 C C5    . A   A 1 7  ? 4.440   3.961   2.413   1.00 29.17 ? 7   A   A C5    1 
ATOM   150 C C6    . A   A 1 7  ? 4.406   3.388   1.132   1.00 29.03 ? 7   A   A C6    1 
ATOM   151 N N6    . A   A 1 7  ? 3.283   2.922   0.568   1.00 28.71 ? 7   A   A N6    1 
ATOM   152 N N1    . A   A 1 7  ? 5.570   3.334   0.445   1.00 29.55 ? 7   A   A N1    1 
ATOM   153 C C2    . A   A 1 7  ? 6.689   3.815   1.002   1.00 30.23 ? 7   A   A C2    1 
ATOM   154 N N3    . A   A 1 7  ? 6.850   4.374   2.195   1.00 29.18 ? 7   A   A N3    1 
ATOM   155 C C4    . A   A 1 7  ? 5.677   4.407   2.857   1.00 28.91 ? 7   A   A C4    1 
ATOM   156 P P     . C   A 1 8  ? 5.134   10.143  4.449   1.00 31.97 ? 8   C   A P     1 
ATOM   157 O OP1   . C   A 1 8  ? 5.556   11.523  4.775   1.00 32.51 ? 8   C   A OP1   1 
ATOM   158 O OP2   . C   A 1 8  ? 3.708   9.753   4.516   1.00 32.85 ? 8   C   A OP2   1 
ATOM   159 O "O5'" . C   A 1 8  ? 5.648   9.793   2.981   1.00 32.52 ? 8   C   A "O5'" 1 
ATOM   160 C "C5'" . C   A 1 8  ? 6.992   9.995   2.603   1.00 31.87 ? 8   C   A "C5'" 1 
ATOM   161 C "C4'" . C   A 1 8  ? 7.208   9.459   1.212   1.00 32.12 ? 8   C   A "C4'" 1 
ATOM   162 O "O4'" . C   A 1 8  ? 6.919   8.031   1.170   1.00 33.05 ? 8   C   A "O4'" 1 
ATOM   163 C "C3'" . C   A 1 8  ? 6.294   10.057  0.149   1.00 31.36 ? 8   C   A "C3'" 1 
ATOM   164 O "O3'" . C   A 1 8  ? 6.797   11.312  -0.320  1.00 32.23 ? 8   C   A "O3'" 1 
ATOM   165 C "C2'" . C   A 1 8  ? 6.390   8.996   -0.927  1.00 30.82 ? 8   C   A "C2'" 1 
ATOM   166 O "O2'" . C   A 1 8  ? 7.576   9.137   -1.693  1.00 29.39 ? 8   C   A "O2'" 1 
ATOM   167 C "C1'" . C   A 1 8  ? 6.370   7.720   -0.094  1.00 30.12 ? 8   C   A "C1'" 1 
ATOM   168 N N1    . C   A 1 8  ? 4.989   7.147   0.084   1.00 29.75 ? 8   C   A N1    1 
ATOM   169 C C2    . C   A 1 8  ? 4.505   6.314   -0.919  1.00 29.71 ? 8   C   A C2    1 
ATOM   170 O O2    . C   A 1 8  ? 5.227   6.096   -1.905  1.00 31.07 ? 8   C   A O2    1 
ATOM   171 N N3    . C   A 1 8  ? 3.268   5.786   -0.793  1.00 29.45 ? 8   C   A N3    1 
ATOM   172 C C4    . C   A 1 8  ? 2.520   6.041   0.281   1.00 30.17 ? 8   C   A C4    1 
ATOM   173 N N4    . C   A 1 8  ? 1.319   5.474   0.334   1.00 30.41 ? 8   C   A N4    1 
ATOM   174 C C5    . C   A 1 8  ? 2.989   6.896   1.328   1.00 29.74 ? 8   C   A C5    1 
ATOM   175 C C6    . C   A 1 8  ? 4.212   7.420   1.178   1.00 29.51 ? 8   C   A C6    1 
ATOM   176 P P     . G   A 1 9  ? 5.806   12.425  -0.904  1.00 32.13 ? 9   G   A P     1 
ATOM   177 O OP1   . G   A 1 9  ? 6.611   13.658  -1.017  1.00 34.13 ? 9   G   A OP1   1 
ATOM   178 O OP2   . G   A 1 9  ? 4.524   12.432  -0.154  1.00 33.16 ? 9   G   A OP2   1 
ATOM   179 O "O5'" . G   A 1 9  ? 5.465   11.856  -2.346  1.00 33.28 ? 9   G   A "O5'" 1 
ATOM   180 C "C5'" . G   A 1 9  ? 6.449   11.760  -3.364  1.00 33.55 ? 9   G   A "C5'" 1 
ATOM   181 C "C4'" . G   A 1 9  ? 5.820   11.151  -4.596  1.00 33.96 ? 9   G   A "C4'" 1 
ATOM   182 O "O4'" . G   A 1 9  ? 5.517   9.750   -4.368  1.00 33.73 ? 9   G   A "O4'" 1 
ATOM   183 C "C3'" . G   A 1 9  ? 4.483   11.754  -4.987  1.00 34.35 ? 9   G   A "C3'" 1 
ATOM   184 O "O3'" . G   A 1 9  ? 4.646   12.933  -5.756  1.00 34.90 ? 9   G   A "O3'" 1 
ATOM   185 C "C2'" . G   A 1 9  ? 3.864   10.633  -5.802  1.00 34.60 ? 9   G   A "C2'" 1 
ATOM   186 O "O2'" . G   A 1 9  ? 4.373   10.591  -7.114  1.00 38.61 ? 9   G   A "O2'" 1 
ATOM   187 C "C1'" . G   A 1 9  ? 4.292   9.413   -5.003  1.00 32.66 ? 9   G   A "C1'" 1 
ATOM   188 N N9    . G   A 1 9  ? 3.298   9.025   -4.008  1.00 32.14 ? 9   G   A N9    1 
ATOM   189 C C8    . G   A 1 9  ? 3.286   9.324   -2.668  1.00 31.48 ? 9   G   A C8    1 
ATOM   190 N N7    . G   A 1 9  ? 2.277   8.819   -2.025  1.00 30.80 ? 9   G   A N7    1 
ATOM   191 C C5    . G   A 1 9  ? 1.556   8.147   -3.005  1.00 31.31 ? 9   G   A C5    1 
ATOM   192 C C6    . G   A 1 9  ? 0.363   7.402   -2.917  1.00 31.27 ? 9   G   A C6    1 
ATOM   193 O O6    . G   A 1 9  ? -0.324  7.208   -1.921  1.00 31.62 ? 9   G   A O6    1 
ATOM   194 N N1    . G   A 1 9  ? -0.042  6.878   -4.140  1.00 31.45 ? 9   G   A N1    1 
ATOM   195 C C2    . G   A 1 9  ? 0.641   7.052   -5.309  1.00 32.23 ? 9   G   A C2    1 
ATOM   196 N N2    . G   A 1 9  ? 0.116   6.475   -6.395  1.00 32.38 ? 9   G   A N2    1 
ATOM   197 N N3    . G   A 1 9  ? 1.766   7.745   -5.410  1.00 31.65 ? 9   G   A N3    1 
ATOM   198 C C4    . G   A 1 9  ? 2.174   8.252   -4.226  1.00 32.24 ? 9   G   A C4    1 
ATOM   199 P P     . U   A 1 10 ? 3.537   14.093  -5.669  1.00 37.04 ? 10  U   A P     1 
ATOM   200 O OP1   . U   A 1 10 ? 4.068   15.286  -6.385  1.00 37.20 ? 10  U   A OP1   1 
ATOM   201 O OP2   . U   A 1 10 ? 3.082   14.227  -4.265  1.00 34.84 ? 10  U   A OP2   1 
ATOM   202 O "O5'" . U   A 1 10 ? 2.339   13.475  -6.522  1.00 38.25 ? 10  U   A "O5'" 1 
ATOM   203 C "C5'" . U   A 1 10 ? 2.478   13.351  -7.925  1.00 38.44 ? 10  U   A "C5'" 1 
ATOM   204 C "C4'" . U   A 1 10 ? 1.291   12.615  -8.513  1.00 38.83 ? 10  U   A "C4'" 1 
ATOM   205 O "O4'" . U   A 1 10 ? 1.224   11.296  -7.927  1.00 38.46 ? 10  U   A "O4'" 1 
ATOM   206 C "C3'" . U   A 1 10 ? -0.077  13.202  -8.212  1.00 39.05 ? 10  U   A "C3'" 1 
ATOM   207 O "O3'" . U   A 1 10 ? -0.404  14.289  -9.058  1.00 40.18 ? 10  U   A "O3'" 1 
ATOM   208 C "C2'" . U   A 1 10 ? -0.954  11.989  -8.458  1.00 38.75 ? 10  U   A "C2'" 1 
ATOM   209 O "O2'" . U   A 1 10 ? -1.100  11.671  -9.827  1.00 39.41 ? 10  U   A "O2'" 1 
ATOM   210 C "C1'" . U   A 1 10 ? -0.135  10.921  -7.755  1.00 38.02 ? 10  U   A "C1'" 1 
ATOM   211 N N1    . U   A 1 10 ? -0.451  10.708  -6.304  1.00 36.45 ? 10  U   A N1    1 
ATOM   212 C C2    . U   A 1 10 ? -1.550  9.935   -5.960  1.00 36.00 ? 10  U   A C2    1 
ATOM   213 O O2    . U   A 1 10 ? -2.321  9.442   -6.768  1.00 35.62 ? 10  U   A O2    1 
ATOM   214 N N3    . U   A 1 10 ? -1.745  9.774   -4.611  1.00 36.06 ? 10  U   A N3    1 
ATOM   215 C C4    . U   A 1 10 ? -0.959  10.280  -3.590  1.00 36.75 ? 10  U   A C4    1 
ATOM   216 O O4    . U   A 1 10 ? -1.243  10.040  -2.428  1.00 36.77 ? 10  U   A O4    1 
ATOM   217 C C5    . U   A 1 10 ? 0.174   11.058  -4.018  1.00 36.47 ? 10  U   A C5    1 
ATOM   218 C C6    . U   A 1 10 ? 0.371   11.232  -5.330  1.00 36.77 ? 10  U   A C6    1 
ATOM   219 P P     . C   A 1 11 ? -1.282  15.483  -8.441  1.00 39.97 ? 11  C   A P     1 
ATOM   220 O OP1   . C   A 1 11 ? -1.370  16.544  -9.463  1.00 41.63 ? 11  C   A OP1   1 
ATOM   221 O OP2   . C   A 1 11 ? -0.780  15.791  -7.082  1.00 40.89 ? 11  C   A OP2   1 
ATOM   222 O "O5'" . C   A 1 11 ? -2.726  14.831  -8.219  1.00 39.84 ? 11  C   A "O5'" 1 
ATOM   223 C "C5'" . C   A 1 11 ? -3.557  14.608  -9.330  1.00 39.17 ? 11  C   A "C5'" 1 
ATOM   224 C "C4'" . C   A 1 11 ? -4.625  13.586  -9.023  1.00 38.09 ? 11  C   A "C4'" 1 
ATOM   225 O "O4'" . C   A 1 11 ? -4.068  12.484  -8.269  1.00 37.35 ? 11  C   A "O4'" 1 
ATOM   226 C "C3'" . C   A 1 11 ? -5.756  14.097  -8.148  1.00 38.17 ? 11  C   A "C3'" 1 
ATOM   227 O "O3'" . C   A 1 11 ? -6.683  14.863  -8.898  1.00 37.74 ? 11  C   A "O3'" 1 
ATOM   228 C "C2'" . C   A 1 11 ? -6.342  12.786  -7.667  1.00 37.17 ? 11  C   A "C2'" 1 
ATOM   229 O "O2'" . C   A 1 11 ? -7.076  12.107  -8.670  1.00 36.93 ? 11  C   A "O2'" 1 
ATOM   230 C "C1'" . C   A 1 11 ? -5.056  12.041  -7.339  1.00 37.01 ? 11  C   A "C1'" 1 
ATOM   231 N N1    . C   A 1 11 ? -4.553  12.217  -5.930  1.00 36.61 ? 11  C   A N1    1 
ATOM   232 C C2    . C   A 1 11 ? -5.216  11.552  -4.890  1.00 36.56 ? 11  C   A C2    1 
ATOM   233 O O2    . C   A 1 11 ? -6.222  10.883  -5.130  1.00 36.35 ? 11  C   A O2    1 
ATOM   234 N N3    . C   A 1 11 ? -4.755  11.688  -3.624  1.00 37.25 ? 11  C   A N3    1 
ATOM   235 C C4    . C   A 1 11 ? -3.675  12.422  -3.357  1.00 36.82 ? 11  C   A C4    1 
ATOM   236 N N4    . C   A 1 11 ? -3.262  12.495  -2.087  1.00 35.81 ? 11  C   A N4    1 
ATOM   237 C C5    . C   A 1 11 ? -2.978  13.098  -4.403  1.00 36.83 ? 11  C   A C5    1 
ATOM   238 C C6    . C   A 1 11 ? -3.444  12.967  -5.656  1.00 35.24 ? 11  C   A C6    1 
ATOM   239 P P     . C   A 1 12 ? -7.545  16.011  -8.191  1.00 39.90 ? 12  C   A P     1 
ATOM   240 O OP1   . C   A 1 12 ? -8.317  16.681  -9.262  1.00 37.57 ? 12  C   A OP1   1 
ATOM   241 O OP2   . C   A 1 12 ? -6.652  16.785  -7.298  1.00 37.60 ? 12  C   A OP2   1 
ATOM   242 O "O5'" . C   A 1 12 ? -8.542  15.180  -7.256  1.00 37.18 ? 12  C   A "O5'" 1 
ATOM   243 C "C5'" . C   A 1 12 ? -9.579  14.398  -7.801  1.00 37.11 ? 12  C   A "C5'" 1 
ATOM   244 C "C4'" . C   A 1 12 ? -10.381 13.780  -6.668  1.00 36.88 ? 12  C   A "C4'" 1 
ATOM   245 O "O4'" . C   A 1 12 ? -9.476  12.962  -5.892  1.00 35.46 ? 12  C   A "O4'" 1 
ATOM   246 C "C3'" . C   A 1 12 ? -10.978 14.746  -5.650  1.00 36.27 ? 12  C   A "C3'" 1 
ATOM   247 O "O3'" . C   A 1 12 ? -12.261 15.206  -6.042  1.00 38.27 ? 12  C   A "O3'" 1 
ATOM   248 C "C2'" . C   A 1 12 ? -11.086 13.879  -4.405  1.00 35.88 ? 12  C   A "C2'" 1 
ATOM   249 O "O2'" . C   A 1 12 ? -12.238 13.064  -4.373  1.00 36.23 ? 12  C   A "O2'" 1 
ATOM   250 C "C1'" . C   A 1 12 ? -9.852  13.000  -4.530  1.00 34.21 ? 12  C   A "C1'" 1 
ATOM   251 N N1    . C   A 1 12 ? -8.690  13.436  -3.682  1.00 33.52 ? 12  C   A N1    1 
ATOM   252 C C2    . C   A 1 12 ? -8.657  13.047  -2.338  1.00 32.69 ? 12  C   A C2    1 
ATOM   253 O O2    . C   A 1 12 ? -9.593  12.380  -1.884  1.00 33.08 ? 12  C   A O2    1 
ATOM   254 N N3    . C   A 1 12 ? -7.596  13.410  -1.572  1.00 31.75 ? 12  C   A N3    1 
ATOM   255 C C4    . C   A 1 12 ? -6.609  14.138  -2.097  1.00 32.90 ? 12  C   A C4    1 
ATOM   256 N N4    . C   A 1 12 ? -5.570  14.503  -1.329  1.00 32.77 ? 12  C   A N4    1 
ATOM   257 C C5    . C   A 1 12 ? -6.631  14.531  -3.456  1.00 32.53 ? 12  C   A C5    1 
ATOM   258 C C6    . C   A 1 12 ? -7.664  14.164  -4.207  1.00 32.35 ? 12  C   A C6    1 
ATOM   259 P P     . U   A 1 13 ? -12.753 16.652  -5.585  1.00 40.58 ? 13  U   A P     1 
ATOM   260 O OP1   . U   A 1 13 ? -12.381 16.841  -4.177  1.00 39.94 ? 13  U   A OP1   1 
ATOM   261 O OP2   . U   A 1 13 ? -14.151 16.841  -6.018  1.00 41.61 ? 13  U   A OP2   1 
ATOM   262 O "O5'" . U   A 1 13 ? -11.970 17.624  -6.585  1.00 41.89 ? 13  U   A "O5'" 1 
ATOM   263 C "C5'" . U   A 1 13 ? -10.739 18.202  -6.327  1.00 41.01 ? 13  U   A "C5'" 1 
ATOM   264 C "C4'" . U   A 1 13 ? -10.775 19.652  -6.759  1.00 40.68 ? 13  U   A "C4'" 1 
ATOM   265 O "O4'" . U   A 1 13 ? -12.097 20.253  -6.551  1.00 39.84 ? 13  U   A "O4'" 1 
ATOM   266 C "C3'" . U   A 1 13 ? -9.808  20.495  -5.950  1.00 40.17 ? 13  U   A "C3'" 1 
ATOM   267 O "O3'" . U   A 1 13 ? -9.378  21.626  -6.677  1.00 41.88 ? 13  U   A "O3'" 1 
ATOM   268 C "C2'" . U   A 1 13 ? -10.699 20.863  -4.780  1.00 39.66 ? 13  U   A "C2'" 1 
ATOM   269 O "O2'" . U   A 1 13 ? -10.181 21.916  -3.993  1.00 41.01 ? 13  U   A "O2'" 1 
ATOM   270 C "C1'" . U   A 1 13 ? -11.961 21.245  -5.548  1.00 39.50 ? 13  U   A "C1'" 1 
ATOM   271 N N1    . U   A 1 13 ? -13.153 21.311  -4.664  1.00 38.91 ? 13  U   A N1    1 
ATOM   272 C C2    . U   A 1 13 ? -13.716 22.546  -4.416  1.00 38.44 ? 13  U   A C2    1 
ATOM   273 O O2    . U   A 1 13 ? -13.303 23.582  -4.907  1.00 39.66 ? 13  U   A O2    1 
ATOM   274 N N3    . U   A 1 13 ? -14.798 22.538  -3.582  1.00 37.11 ? 13  U   A N3    1 
ATOM   275 C C4    . U   A 1 13 ? -15.359 21.434  -2.979  1.00 38.08 ? 13  U   A C4    1 
ATOM   276 O O4    . U   A 1 13 ? -16.329 21.598  -2.255  1.00 38.33 ? 13  U   A O4    1 
ATOM   277 C C5    . U   A 1 13 ? -14.719 20.174  -3.258  1.00 38.36 ? 13  U   A C5    1 
ATOM   278 C C6    . U   A 1 13 ? -13.654 20.163  -4.077  1.00 38.64 ? 13  U   A C6    1 
ATOM   279 O "O5'" . G   B 1 1  ? -5.803  10.445  7.990   1.00 36.00 ? 14  G   B "O5'" 1 
ATOM   280 C "C5'" . G   B 1 1  ? -6.989  10.084  8.703   1.00 33.82 ? 14  G   B "C5'" 1 
ATOM   281 C "C4'" . G   B 1 1  ? -8.179  10.000  7.767   1.00 32.53 ? 14  G   B "C4'" 1 
ATOM   282 O "O4'" . G   B 1 1  ? -8.444  11.313  7.202   1.00 32.27 ? 14  G   B "O4'" 1 
ATOM   283 C "C3'" . G   B 1 1  ? -8.028  9.092   6.552   1.00 32.79 ? 14  G   B "C3'" 1 
ATOM   284 O "O3'" . G   B 1 1  ? -8.337  7.715   6.842   1.00 33.29 ? 14  G   B "O3'" 1 
ATOM   285 C "C2'" . G   B 1 1  ? -9.081  9.682   5.629   1.00 32.26 ? 14  G   B "C2'" 1 
ATOM   286 O "O2'" . G   B 1 1  ? -10.406 9.358   5.997   1.00 31.69 ? 14  G   B "O2'" 1 
ATOM   287 C "C1'" . G   B 1 1  ? -8.853  11.158  5.853   1.00 31.49 ? 14  G   B "C1'" 1 
ATOM   288 N N9    . G   B 1 1  ? -7.845  11.694  4.940   1.00 31.37 ? 14  G   B N9    1 
ATOM   289 C C8    . G   B 1 1  ? -6.554  12.055  5.222   1.00 31.20 ? 14  G   B C8    1 
ATOM   290 N N7    . G   B 1 1  ? -5.900  12.513  4.191   1.00 29.94 ? 14  G   B N7    1 
ATOM   291 C C5    . G   B 1 1  ? -6.810  12.431  3.169   1.00 31.20 ? 14  G   B C5    1 
ATOM   292 C C6    . G   B 1 1  ? -6.665  12.801  1.816   1.00 30.75 ? 14  G   B C6    1 
ATOM   293 O O6    . G   B 1 1  ? -5.659  13.273  1.277   1.00 31.36 ? 14  G   B O6    1 
ATOM   294 N N1    . G   B 1 1  ? -7.825  12.568  1.081   1.00 30.41 ? 14  G   B N1    1 
ATOM   295 C C2    . G   B 1 1  ? -8.987  12.064  1.613   1.00 30.65 ? 14  G   B C2    1 
ATOM   296 N N2    . G   B 1 1  ? -9.996  11.923  0.747   1.00 30.35 ? 14  G   B N2    1 
ATOM   297 N N3    . G   B 1 1  ? -9.151  11.719  2.892   1.00 31.46 ? 14  G   B N3    1 
ATOM   298 C C4    . G   B 1 1  ? -8.021  11.937  3.611   1.00 30.28 ? 14  G   B C4    1 
ATOM   299 P P     . G   B 1 2  ? -7.613  6.521   6.056   1.00 34.49 ? 15  G   B P     1 
ATOM   300 O OP1   . G   B 1 2  ? -7.995  5.276   6.753   1.00 34.42 ? 15  G   B OP1   1 
ATOM   301 O OP2   . G   B 1 2  ? -6.178  6.869   5.941   1.00 34.60 ? 15  G   B OP2   1 
ATOM   302 O "O5'" . G   B 1 2  ? -8.275  6.543   4.612   1.00 33.04 ? 15  G   B "O5'" 1 
ATOM   303 C "C5'" . G   B 1 2  ? -9.670  6.304   4.489   1.00 34.30 ? 15  G   B "C5'" 1 
ATOM   304 C "C4'" . G   B 1 2  ? -10.139 6.584   3.077   1.00 34.82 ? 15  G   B "C4'" 1 
ATOM   305 O "O4'" . G   B 1 2  ? -9.918  7.972   2.735   1.00 34.86 ? 15  G   B "O4'" 1 
ATOM   306 C "C3'" . G   B 1 2  ? -9.382  5.835   1.998   1.00 34.31 ? 15  G   B "C3'" 1 
ATOM   307 O "O3'" . G   B 1 2  ? -9.881  4.512   1.883   1.00 35.62 ? 15  G   B "O3'" 1 
ATOM   308 C "C2'" . G   B 1 2  ? -9.739  6.689   0.796   1.00 35.11 ? 15  G   B "C2'" 1 
ATOM   309 O "O2'" . G   B 1 2  ? -11.072 6.515   0.387   1.00 35.24 ? 15  G   B "O2'" 1 
ATOM   310 C "C1'" . G   B 1 2  ? -9.553  8.082   1.372   1.00 33.67 ? 15  G   B "C1'" 1 
ATOM   311 N N9    . G   B 1 2  ? -8.204  8.642   1.255   1.00 33.33 ? 15  G   B N9    1 
ATOM   312 C C8    . G   B 1 2  ? -7.229  8.744   2.223   1.00 32.94 ? 15  G   B C8    1 
ATOM   313 N N7    . G   B 1 2  ? -6.132  9.314   1.803   1.00 32.90 ? 15  G   B N7    1 
ATOM   314 C C5    . G   B 1 2  ? -6.399  9.602   0.474   1.00 32.78 ? 15  G   B C5    1 
ATOM   315 C C6    . G   B 1 2  ? -5.590  10.225  -0.497  1.00 33.12 ? 15  G   B C6    1 
ATOM   316 O O6    . G   B 1 2  ? -4.447  10.659  -0.363  1.00 34.07 ? 15  G   B O6    1 
ATOM   317 N N1    . G   B 1 2  ? -6.216  10.335  -1.734  1.00 32.60 ? 15  G   B N1    1 
ATOM   318 C C2    . G   B 1 2  ? -7.484  9.893   -2.000  1.00 33.53 ? 15  G   B C2    1 
ATOM   319 N N2    . G   B 1 2  ? -7.909  10.093  -3.255  1.00 33.63 ? 15  G   B N2    1 
ATOM   320 N N3    . G   B 1 2  ? -8.267  9.298   -1.096  1.00 33.95 ? 15  G   B N3    1 
ATOM   321 C C4    . G   B 1 2  ? -7.663  9.203   0.120   1.00 33.02 ? 15  G   B C4    1 
ATOM   322 P P     . A   B 1 3  ? -8.999  3.353   1.235   1.00 35.39 ? 16  A   B P     1 
ATOM   323 O OP1   . A   B 1 3  ? -9.783  2.111   1.428   1.00 35.18 ? 16  A   B OP1   1 
ATOM   324 O OP2   . A   B 1 3  ? -7.624  3.437   1.746   1.00 35.54 ? 16  A   B OP2   1 
ATOM   325 O "O5'" . A   B 1 3  ? -8.946  3.701   -0.318  1.00 33.57 ? 16  A   B "O5'" 1 
ATOM   326 C "C5'" . A   B 1 3  ? -10.111 3.613   -1.111  1.00 34.03 ? 16  A   B "C5'" 1 
ATOM   327 C "C4'" . A   B 1 3  ? -9.799  4.089   -2.516  1.00 34.02 ? 16  A   B "C4'" 1 
ATOM   328 O "O4'" . A   B 1 3  ? -9.441  5.494   -2.487  1.00 33.34 ? 16  A   B "O4'" 1 
ATOM   329 C "C3'" . A   B 1 3  ? -8.609  3.403   -3.182  1.00 33.09 ? 16  A   B "C3'" 1 
ATOM   330 O "O3'" . A   B 1 3  ? -8.982  2.155   -3.743  1.00 33.99 ? 16  A   B "O3'" 1 
ATOM   331 C "C2'" . A   B 1 3  ? -8.254  4.434   -4.233  1.00 32.96 ? 16  A   B "C2'" 1 
ATOM   332 O "O2'" . A   B 1 3  ? -9.144  4.359   -5.334  1.00 33.34 ? 16  A   B "O2'" 1 
ATOM   333 C "C1'" . A   B 1 3  ? -8.427  5.735   -3.447  1.00 32.55 ? 16  A   B "C1'" 1 
ATOM   334 N N9    . A   B 1 3  ? -7.223  6.186   -2.736  1.00 31.97 ? 16  A   B N9    1 
ATOM   335 C C8    . A   B 1 3  ? -6.883  5.956   -1.427  1.00 31.29 ? 16  A   B C8    1 
ATOM   336 N N7    . A   B 1 3  ? -5.746  6.495   -1.061  1.00 31.70 ? 16  A   B N7    1 
ATOM   337 C C5    . A   B 1 3  ? -5.285  7.118   -2.209  1.00 31.33 ? 16  A   B C5    1 
ATOM   338 C C6    . A   B 1 3  ? -4.120  7.861   -2.479  1.00 31.40 ? 16  A   B C6    1 
ATOM   339 N N6    . A   B 1 3  ? -3.173  8.105   -1.564  1.00 30.57 ? 16  A   B N6    1 
ATOM   340 N N1    . A   B 1 3  ? -3.974  8.350   -3.732  1.00 31.59 ? 16  A   B N1    1 
ATOM   341 C C2    . A   B 1 3  ? -4.913  8.097   -4.652  1.00 31.94 ? 16  A   B C2    1 
ATOM   342 N N3    . A   B 1 3  ? -6.054  7.409   -4.510  1.00 32.61 ? 16  A   B N3    1 
ATOM   343 C C4    . A   B 1 3  ? -6.183  6.942   -3.254  1.00 32.07 ? 16  A   B C4    1 
ATOM   344 P P     . C   B 1 4  ? -7.962  0.925   -3.722  1.00 33.39 ? 17  C   B P     1 
ATOM   345 O OP1   . C   B 1 4  ? -8.688  -0.284  -4.139  1.00 33.63 ? 17  C   B OP1   1 
ATOM   346 O OP2   . C   B 1 4  ? -7.229  0.953   -2.442  1.00 31.93 ? 17  C   B OP2   1 
ATOM   347 O "O5'" . C   B 1 4  ? -6.909  1.319   -4.857  1.00 33.68 ? 17  C   B "O5'" 1 
ATOM   348 C "C5'" . C   B 1 4  ? -7.301  1.515   -6.189  1.00 35.15 ? 17  C   B "C5'" 1 
ATOM   349 C "C4'" . C   B 1 4  ? -6.244  2.326   -6.921  1.00 35.11 ? 17  C   B "C4'" 1 
ATOM   350 O "O4'" . C   B 1 4  ? -6.120  3.649   -6.324  1.00 35.38 ? 17  C   B "O4'" 1 
ATOM   351 C "C3'" . C   B 1 4  ? -4.825  1.789   -6.865  1.00 34.17 ? 17  C   B "C3'" 1 
ATOM   352 O "O3'" . C   B 1 4  ? -4.587  0.720   -7.782  1.00 32.39 ? 17  C   B "O3'" 1 
ATOM   353 C "C2'" . C   B 1 4  ? -4.059  3.023   -7.292  1.00 34.31 ? 17  C   B "C2'" 1 
ATOM   354 O "O2'" . C   B 1 4  ? -4.154  3.285   -8.687  1.00 36.34 ? 17  C   B "O2'" 1 
ATOM   355 C "C1'" . C   B 1 4  ? -4.781  4.084   -6.468  1.00 33.17 ? 17  C   B "C1'" 1 
ATOM   356 N N1    . C   B 1 4  ? -4.154  4.296   -5.112  1.00 32.43 ? 17  C   B N1    1 
ATOM   357 C C2    . C   B 1 4  ? -3.068  5.160   -5.013  1.00 31.96 ? 17  C   B C2    1 
ATOM   358 O O2    . C   B 1 4  ? -2.641  5.716   -6.026  1.00 31.24 ? 17  C   B O2    1 
ATOM   359 N N3    . C   B 1 4  ? -2.500  5.360   -3.799  1.00 32.38 ? 17  C   B N3    1 
ATOM   360 C C4    . C   B 1 4  ? -2.933  4.753   -2.709  1.00 32.72 ? 17  C   B C4    1 
ATOM   361 N N4    . C   B 1 4  ? -2.299  5.022   -1.553  1.00 30.98 ? 17  C   B N4    1 
ATOM   362 C C5    . C   B 1 4  ? -4.045  3.862   -2.784  1.00 32.13 ? 17  C   B C5    1 
ATOM   363 C C6    . C   B 1 4  ? -4.611  3.664   -3.984  1.00 31.62 ? 17  C   B C6    1 
ATOM   364 P P     . G   B 1 5  ? -3.425  -0.356  -7.558  1.00 33.30 ? 18  G   B P     1 
ATOM   365 O OP1   . G   B 1 5  ? -3.615  -1.398  -8.583  1.00 35.50 ? 18  G   B OP1   1 
ATOM   366 O OP2   . G   B 1 5  ? -3.345  -0.679  -6.134  1.00 35.06 ? 18  G   B OP2   1 
ATOM   367 O "O5'" . G   B 1 5  ? -2.088  0.401   -7.941  1.00 31.96 ? 18  G   B "O5'" 1 
ATOM   368 C "C5'" . G   B 1 5  ? -1.920  1.003   -9.199  1.00 31.09 ? 18  G   B "C5'" 1 
ATOM   369 C "C4'" . G   B 1 5  ? -0.594  1.734   -9.231  1.00 30.41 ? 18  G   B "C4'" 1 
ATOM   370 O "O4'" . G   B 1 5  ? -0.623  2.919   -8.452  1.00 30.22 ? 18  G   B "O4'" 1 
ATOM   371 C "C3'" . G   B 1 5  ? 0.546   0.925   -8.625  1.00 30.87 ? 18  G   B "C3'" 1 
ATOM   372 O "O3'" . G   B 1 5  ? 1.006   -0.083  -9.572  1.00 33.58 ? 18  G   B "O3'" 1 
ATOM   373 C "C2'" . G   B 1 5  ? 1.559   2.003   -8.292  1.00 29.84 ? 18  G   B "C2'" 1 
ATOM   374 O "O2'" . G   B 1 5  ? 2.343   2.457   -9.366  1.00 31.54 ? 18  G   B "O2'" 1 
ATOM   375 C "C1'" . G   B 1 5  ? 0.629   3.100   -7.812  1.00 29.10 ? 18  G   B "C1'" 1 
ATOM   376 N N9    . G   B 1 5  ? 0.431   2.999   -6.363  1.00 28.34 ? 18  G   B N9    1 
ATOM   377 C C8    . G   B 1 5  ? -0.596  2.378   -5.691  1.00 29.15 ? 18  G   B C8    1 
ATOM   378 N N7    . G   B 1 5  ? -0.529  2.497   -4.398  1.00 29.44 ? 18  G   B N7    1 
ATOM   379 C C5    . G   B 1 5  ? 0.613   3.254   -4.192  1.00 28.06 ? 18  G   B C5    1 
ATOM   380 C C6    . G   B 1 5  ? 1.170   3.706   -2.978  1.00 28.53 ? 18  G   B C6    1 
ATOM   381 O O6    . G   B 1 5  ? 0.749   3.512   -1.829  1.00 28.82 ? 18  G   B O6    1 
ATOM   382 N N1    . G   B 1 5  ? 2.330   4.435   -3.183  1.00 29.49 ? 18  G   B N1    1 
ATOM   383 C C2    . G   B 1 5  ? 2.861   4.714   -4.428  1.00 28.93 ? 18  G   B C2    1 
ATOM   384 N N2    . G   B 1 5  ? 3.989   5.452   -4.414  1.00 29.20 ? 18  G   B N2    1 
ATOM   385 N N3    . G   B 1 5  ? 2.352   4.296   -5.588  1.00 27.60 ? 18  G   B N3    1 
ATOM   386 C C4    . G   B 1 5  ? 1.220   3.576   -5.390  1.00 28.46 ? 18  G   B C4    1 
HETATM 387 P P     . M2G B 1 6  ? 1.459   -1.533  -9.051  1.00 36.87 ? 19  M2G B P     1 
HETATM 388 O OP1   . M2G B 1 6  ? 1.397   -2.544  -10.166 1.00 38.15 ? 19  M2G B OP1   1 
HETATM 389 O OP2   . M2G B 1 6  ? 0.728   -1.865  -7.771  1.00 35.54 ? 19  M2G B OP2   1 
HETATM 390 O "O5'" . M2G B 1 6  ? 2.998   -1.397  -8.679  1.00 36.32 ? 19  M2G B "O5'" 1 
HETATM 391 C "C5'" . M2G B 1 6  ? 3.947   -1.253  -9.719  1.00 36.18 ? 19  M2G B "C5'" 1 
HETATM 392 C "C4'" . M2G B 1 6  ? 5.161   -0.495  -9.185  1.00 36.19 ? 19  M2G B "C4'" 1 
HETATM 393 O "O4'" . M2G B 1 6  ? 4.731   0.809   -8.649  1.00 36.53 ? 19  M2G B "O4'" 1 
HETATM 394 C "C3'" . M2G B 1 6  ? 5.897   -1.184  -8.036  1.00 36.27 ? 19  M2G B "C3'" 1 
HETATM 395 O "O3'" . M2G B 1 6  ? 6.729   -2.239  -8.420  1.00 37.01 ? 19  M2G B "O3'" 1 
HETATM 396 C "C2'" . M2G B 1 6  ? 6.525   -0.023  -7.395  1.00 34.99 ? 19  M2G B "C2'" 1 
HETATM 397 O "O2'" . M2G B 1 6  ? 7.685   0.355   -8.134  1.00 35.45 ? 19  M2G B "O2'" 1 
HETATM 398 C "C1'" . M2G B 1 6  ? 5.511   1.051   -7.465  1.00 34.15 ? 19  M2G B "C1'" 1 
HETATM 399 N N9    . M2G B 1 6  ? 4.683   1.017   -6.228  1.00 33.71 ? 19  M2G B N9    1 
HETATM 400 C C8    . M2G B 1 6  ? 3.497   0.447   -6.012  1.00 33.58 ? 19  M2G B C8    1 
HETATM 401 N N7    . M2G B 1 6  ? 3.111   0.674   -4.762  1.00 33.56 ? 19  M2G B N7    1 
HETATM 402 C C5    . M2G B 1 6  ? 4.071   1.363   -4.161  1.00 33.79 ? 19  M2G B C5    1 
HETATM 403 C C6    . M2G B 1 6  ? 4.249   1.863   -2.872  1.00 32.58 ? 19  M2G B C6    1 
HETATM 404 O O6    . M2G B 1 6  ? 3.405   1.706   -1.992  1.00 32.07 ? 19  M2G B O6    1 
HETATM 405 N N1    . M2G B 1 6  ? 5.419   2.567   -2.607  1.00 32.43 ? 19  M2G B N1    1 
HETATM 406 C C2    . M2G B 1 6  ? 6.385   2.753   -3.608  1.00 32.96 ? 19  M2G B C2    1 
HETATM 407 N N2    . M2G B 1 6  ? 7.515   3.418   -3.382  1.00 33.35 ? 19  M2G B N2    1 
HETATM 408 N N3    . M2G B 1 6  ? 6.179   2.253   -4.828  1.00 32.93 ? 19  M2G B N3    1 
HETATM 409 C C4    . M2G B 1 6  ? 5.067   1.576   -5.109  1.00 33.33 ? 19  M2G B C4    1 
HETATM 410 C CM1   . M2G B 1 6  ? 8.527   3.603   -4.445  1.00 33.41 ? 19  M2G B CM1   1 
HETATM 411 C CM2   . M2G B 1 6  ? 7.795   4.000   -2.074  1.00 33.32 ? 19  M2G B CM2   1 
ATOM   412 P P     . A   B 1 7  ? 7.127   -3.363  -7.375  1.00 39.46 ? 20  A   B P     1 
ATOM   413 O OP1   . A   B 1 7  ? 7.977   -4.350  -8.080  1.00 39.78 ? 20  A   B OP1   1 
ATOM   414 O OP2   . A   B 1 7  ? 5.927   -3.801  -6.619  1.00 38.59 ? 20  A   B OP2   1 
ATOM   415 O "O5'" . A   B 1 7  ? 8.058   -2.608  -6.323  1.00 40.40 ? 20  A   B "O5'" 1 
ATOM   416 C "C5'" . A   B 1 7  ? 9.436   -2.465  -6.626  1.00 37.66 ? 20  A   B "C5'" 1 
ATOM   417 C "C4'" . A   B 1 7  ? 10.127  -1.702  -5.548  1.00 39.19 ? 20  A   B "C4'" 1 
ATOM   418 O "O4'" . A   B 1 7  ? 9.358   -0.537  -5.160  1.00 38.91 ? 20  A   B "O4'" 1 
ATOM   419 C "C3'" . A   B 1 7  ? 10.282  -2.485  -4.261  1.00 38.94 ? 20  A   B "C3'" 1 
ATOM   420 O "O3'" . A   B 1 7  ? 11.338  -3.426  -4.314  1.00 39.54 ? 20  A   B "O3'" 1 
ATOM   421 C "C2'" . A   B 1 7  ? 10.532  -1.363  -3.267  1.00 38.74 ? 20  A   B "C2'" 1 
ATOM   422 O "O2'" . A   B 1 7  ? 11.849  -0.881  -3.280  1.00 39.38 ? 20  A   B "O2'" 1 
ATOM   423 C "C1'" . A   B 1 7  ? 9.556   -0.301  -3.778  1.00 38.64 ? 20  A   B "C1'" 1 
ATOM   424 N N9    . A   B 1 7  ? 8.272   -0.376  -3.095  1.00 38.32 ? 20  A   B N9    1 
ATOM   425 C C8    . A   B 1 7  ? 7.069   -0.794  -3.586  1.00 38.40 ? 20  A   B C8    1 
ATOM   426 N N7    . A   B 1 7  ? 6.095   -0.757  -2.709  1.00 37.08 ? 20  A   B N7    1 
ATOM   427 C C5    . A   B 1 7  ? 6.703   -0.268  -1.568  1.00 38.52 ? 20  A   B C5    1 
ATOM   428 C C6    . A   B 1 7  ? 6.219   0.015   -0.277  1.00 38.15 ? 20  A   B C6    1 
ATOM   429 N N6    . A   B 1 7  ? 4.939   -0.177  0.070   1.00 38.81 ? 20  A   B N6    1 
ATOM   430 N N1    . A   B 1 7  ? 7.100   0.484   0.637   1.00 37.83 ? 20  A   B N1    1 
ATOM   431 C C2    . A   B 1 7  ? 8.378   0.652   0.276   1.00 37.89 ? 20  A   B C2    1 
ATOM   432 N N3    . A   B 1 7  ? 8.948   0.430   -0.905  1.00 37.15 ? 20  A   B N3    1 
ATOM   433 C C4    . A   B 1 7  ? 8.048   -0.036  -1.786  1.00 38.04 ? 20  A   B C4    1 
ATOM   434 P P     . C   B 1 8  ? 11.099  -4.843  -3.628  1.00 39.44 ? 21  C   B P     1 
ATOM   435 O OP1   . C   B 1 8  ? 12.226  -5.734  -3.951  1.00 39.32 ? 21  C   B OP1   1 
ATOM   436 O OP2   . C   B 1 8  ? 9.735   -5.332  -3.927  1.00 39.24 ? 21  C   B OP2   1 
ATOM   437 O "O5'" . C   B 1 8  ? 11.107  -4.456  -2.084  1.00 38.96 ? 21  C   B "O5'" 1 
ATOM   438 C "C5'" . C   B 1 8  ? 12.232  -3.880  -1.440  1.00 38.26 ? 21  C   B "C5'" 1 
ATOM   439 C "C4'" . C   B 1 8  ? 11.902  -3.552  0.005   1.00 37.36 ? 21  C   B "C4'" 1 
ATOM   440 O "O4'" . C   B 1 8  ? 10.913  -2.503  0.060   1.00 36.68 ? 21  C   B "O4'" 1 
ATOM   441 C "C3'" . C   B 1 8  ? 11.246  -4.635  0.844   1.00 36.55 ? 21  C   B "C3'" 1 
ATOM   442 O "O3'" . C   B 1 8  ? 12.173  -5.605  1.259   1.00 37.47 ? 21  C   B "O3'" 1 
ATOM   443 C "C2'" . C   B 1 8  ? 10.714  -3.792  1.998   1.00 35.75 ? 21  C   B "C2'" 1 
ATOM   444 O "O2'" . C   B 1 8  ? 11.710  -3.283  2.867   1.00 37.86 ? 21  C   B "O2'" 1 
ATOM   445 C "C1'" . C   B 1 8  ? 10.103  -2.651  1.215   1.00 34.32 ? 21  C   B "C1'" 1 
ATOM   446 N N1    . C   B 1 8  ? 8.689   -2.893  0.809   1.00 33.14 ? 21  C   B N1    1 
ATOM   447 C C2    . C   B 1 8  ? 7.668   -2.619  1.730   1.00 31.95 ? 21  C   B C2    1 
ATOM   448 O O2    . C   B 1 8  ? 7.930   -2.178  2.855   1.00 31.66 ? 21  C   B O2    1 
ATOM   449 N N3    . C   B 1 8  ? 6.385   -2.826  1.364   1.00 32.35 ? 21  C   B N3    1 
ATOM   450 C C4    . C   B 1 8  ? 6.072   -3.289  0.154   1.00 33.60 ? 21  C   B C4    1 
ATOM   451 N N4    . C   B 1 8  ? 4.773   -3.457  -0.119  1.00 32.06 ? 21  C   B N4    1 
ATOM   452 C C5    . C   B 1 8  ? 7.095   -3.589  -0.806  1.00 32.67 ? 21  C   B C5    1 
ATOM   453 C C6    . C   B 1 8  ? 8.375   -3.373  -0.433  1.00 32.52 ? 21  C   B C6    1 
ATOM   454 P P     . G   B 1 9  ? 11.687  -7.119  1.503   1.00 36.38 ? 22  G   B P     1 
ATOM   455 O OP1   . G   B 1 9  ? 12.881  -7.944  1.718   1.00 39.83 ? 22  G   B OP1   1 
ATOM   456 O OP2   . G   B 1 9  ? 10.717  -7.476  0.446   1.00 38.22 ? 22  G   B OP2   1 
ATOM   457 O "O5'" . G   B 1 9  ? 10.823  -7.073  2.841   1.00 36.87 ? 22  G   B "O5'" 1 
ATOM   458 C "C5'" . G   B 1 9  ? 11.425  -6.792  4.094   1.00 35.46 ? 22  G   B "C5'" 1 
ATOM   459 C "C4'" . G   B 1 9  ? 10.366  -6.577  5.155   1.00 33.48 ? 22  G   B "C4'" 1 
ATOM   460 O "O4'" . G   B 1 9  ? 9.451   -5.499  4.814   1.00 32.85 ? 22  G   B "O4'" 1 
ATOM   461 C "C3'" . G   B 1 9  ? 9.441   -7.765  5.369   1.00 32.49 ? 22  G   B "C3'" 1 
ATOM   462 O "O3'" . G   B 1 9  ? 10.078  -8.791  6.121   1.00 32.65 ? 22  G   B "O3'" 1 
ATOM   463 C "C2'" . G   B 1 9  ? 8.306   -7.097  6.121   1.00 31.74 ? 22  G   B "C2'" 1 
ATOM   464 O "O2'" . G   B 1 9  ? 8.637   -6.776  7.451   1.00 29.51 ? 22  G   B "O2'" 1 
ATOM   465 C "C1'" . G   B 1 9  ? 8.150   -5.838  5.288   1.00 31.53 ? 22  G   B "C1'" 1 
ATOM   466 N N9    . G   B 1 9  ? 7.248   -5.934  4.141   1.00 31.44 ? 22  G   B N9    1 
ATOM   467 C C8    . G   B 1 9  ? 7.580   -6.000  2.815   1.00 32.04 ? 22  G   B C8    1 
ATOM   468 N N7    . G   B 1 9  ? 6.551   -6.038  2.009   1.00 30.90 ? 22  G   B N7    1 
ATOM   469 C C5    . G   B 1 9  ? 5.472   -5.983  2.853   1.00 32.15 ? 22  G   B C5    1 
ATOM   470 C C6    . G   B 1 9  ? 4.092   -5.983  2.544   1.00 31.52 ? 22  G   B C6    1 
ATOM   471 O O6    . G   B 1 9  ? 3.560   -6.043  1.430   1.00 31.28 ? 22  G   B O6    1 
ATOM   472 N N1    . G   B 1 9  ? 3.307   -5.920  3.687   1.00 31.48 ? 22  G   B N1    1 
ATOM   473 C C2    . G   B 1 9  ? 3.799   -5.861  4.971   1.00 32.35 ? 22  G   B C2    1 
ATOM   474 N N2    . G   B 1 9  ? 2.878   -5.805  5.936   1.00 31.46 ? 22  G   B N2    1 
ATOM   475 N N3    . G   B 1 9  ? 5.092   -5.860  5.285   1.00 31.67 ? 22  G   B N3    1 
ATOM   476 C C4    . G   B 1 9  ? 5.873   -5.920  4.171   1.00 31.39 ? 22  G   B C4    1 
ATOM   477 P P     . U   B 1 10 ? 9.845   -10.319 5.693   1.00 33.79 ? 23  U   B P     1 
ATOM   478 O OP1   . U   B 1 10 ? 10.881  -11.095 6.403   1.00 34.60 ? 23  U   B OP1   1 
ATOM   479 O OP2   . U   B 1 10 ? 9.716   -10.354 4.218   1.00 33.13 ? 23  U   B OP2   1 
ATOM   480 O "O5'" . U   B 1 10 ? 8.414   -10.716 6.300   1.00 34.27 ? 23  U   B "O5'" 1 
ATOM   481 C "C5'" . U   B 1 10 ? 8.271   -10.998 7.671   1.00 33.10 ? 23  U   B "C5'" 1 
ATOM   482 C "C4'" . U   B 1 10 ? 6.843   -10.776 8.101   1.00 32.95 ? 23  U   B "C4'" 1 
ATOM   483 O "O4'" . U   B 1 10 ? 6.312   -9.527  7.577   1.00 31.87 ? 23  U   B "O4'" 1 
ATOM   484 C "C3'" . U   B 1 10 ? 5.866   -11.828 7.617   1.00 33.06 ? 23  U   B "C3'" 1 
ATOM   485 O "O3'" . U   B 1 10 ? 5.985   -12.980 8.439   1.00 33.86 ? 23  U   B "O3'" 1 
ATOM   486 C "C2'" . U   B 1 10 ? 4.565   -11.074 7.828   1.00 32.89 ? 23  U   B "C2'" 1 
ATOM   487 O "O2'" . U   B 1 10 ? 4.231   -10.981 9.195   1.00 33.74 ? 23  U   B "O2'" 1 
ATOM   488 C "C1'" . U   B 1 10 ? 4.944   -9.706  7.274   1.00 31.95 ? 23  U   B "C1'" 1 
ATOM   489 N N1    . U   B 1 10 ? 4.743   -9.535  5.790   1.00 31.68 ? 23  U   B N1    1 
ATOM   490 C C2    . U   B 1 10 ? 3.455   -9.365  5.332   1.00 31.41 ? 23  U   B C2    1 
ATOM   491 O O2    . U   B 1 10 ? 2.485   -9.374  6.078   1.00 31.85 ? 23  U   B O2    1 
ATOM   492 N N3    . U   B 1 10 ? 3.341   -9.178  3.981   1.00 29.88 ? 23  U   B N3    1 
ATOM   493 C C4    . U   B 1 10 ? 4.365   -9.190  3.058   1.00 30.14 ? 23  U   B C4    1 
ATOM   494 O O4    . U   B 1 10 ? 4.110   -9.030  1.870   1.00 31.91 ? 23  U   B O4    1 
ATOM   495 C C5    . U   B 1 10 ? 5.685   -9.357  3.601   1.00 31.49 ? 23  U   B C5    1 
ATOM   496 C C6    . U   B 1 10 ? 5.813   -9.522  4.917   1.00 30.81 ? 23  U   B C6    1 
ATOM   497 P P     . C   B 1 11 ? 5.644   -14.433 7.895   1.00 33.39 ? 24  C   B P     1 
ATOM   498 O OP1   . C   B 1 11 ? 6.012   -15.372 8.969   1.00 32.55 ? 24  C   B OP1   1 
ATOM   499 O OP2   . C   B 1 11 ? 6.221   -14.559 6.540   1.00 31.58 ? 24  C   B OP2   1 
ATOM   500 O "O5'" . C   B 1 11 ? 4.072   -14.443 7.684   1.00 32.37 ? 24  C   B "O5'" 1 
ATOM   501 C "C5'" . C   B 1 11 ? 3.217   -14.365 8.788   1.00 34.11 ? 24  C   B "C5'" 1 
ATOM   502 C "C4'" . C   B 1 11 ? 1.812   -14.135 8.294   1.00 33.66 ? 24  C   B "C4'" 1 
ATOM   503 O "O4'" . C   B 1 11 ? 1.733   -12.881 7.581   1.00 32.60 ? 24  C   B "O4'" 1 
ATOM   504 C "C3'" . C   B 1 11 ? 1.335   -15.177 7.292   1.00 33.59 ? 24  C   B "C3'" 1 
ATOM   505 O "O3'" . C   B 1 11 ? 0.862   -16.324 7.965   1.00 33.36 ? 24  C   B "O3'" 1 
ATOM   506 C "C2'" . C   B 1 11 ? 0.258   -14.421 6.532   1.00 32.20 ? 24  C   B "C2'" 1 
ATOM   507 O "O2'" . C   B 1 11 ? -0.989  -14.326 7.179   1.00 32.26 ? 24  C   B "O2'" 1 
ATOM   508 C "C1'" . C   B 1 11 ? 0.890   -13.042 6.451   1.00 32.16 ? 24  C   B "C1'" 1 
ATOM   509 N N1    . C   B 1 11 ? 1.628   -12.814 5.165   1.00 31.30 ? 24  C   B N1    1 
ATOM   510 C C2    . C   B 1 11 ? 0.875   -12.572 4.009   1.00 31.60 ? 24  C   B C2    1 
ATOM   511 O O2    . C   B 1 11 ? -0.354  -12.566 4.099   1.00 31.70 ? 24  C   B O2    1 
ATOM   512 N N3    . C   B 1 11 ? 1.512   -12.359 2.827   1.00 30.15 ? 24  C   B N3    1 
ATOM   513 C C4    . C   B 1 11 ? 2.842   -12.380 2.765   1.00 31.78 ? 24  C   B C4    1 
ATOM   514 N N4    . C   B 1 11 ? 3.426   -12.162 1.590   1.00 31.24 ? 24  C   B N4    1 
ATOM   515 C C5    . C   B 1 11 ? 3.631   -12.638 3.927   1.00 31.71 ? 24  C   B C5    1 
ATOM   516 C C6    . C   B 1 11 ? 2.988   -12.852 5.080   1.00 31.67 ? 24  C   B C6    1 
ATOM   517 P P     . C   B 1 12 ? 1.056   -17.766 7.312   1.00 33.48 ? 25  C   B P     1 
ATOM   518 O OP1   . C   B 1 12 ? 0.569   -18.758 8.287   1.00 32.56 ? 25  C   B OP1   1 
ATOM   519 O OP2   . C   B 1 12 ? 2.415   -17.875 6.774   1.00 34.49 ? 25  C   B OP2   1 
ATOM   520 O "O5'" . C   B 1 12 ? 0.077   -17.718 6.048   1.00 32.34 ? 25  C   B "O5'" 1 
ATOM   521 C "C5'" . C   B 1 12 ? -1.310  -17.876 6.238   1.00 31.66 ? 25  C   B "C5'" 1 
ATOM   522 C "C4'" . C   B 1 12 ? -2.045  -17.782 4.920   1.00 31.46 ? 25  C   B "C4'" 1 
ATOM   523 O "O4'" . C   B 1 12 ? -1.841  -16.462 4.348   1.00 30.72 ? 25  C   B "O4'" 1 
ATOM   524 C "C3'" . C   B 1 12 ? -1.600  -18.750 3.828   1.00 30.05 ? 25  C   B "C3'" 1 
ATOM   525 O "O3'" . C   B 1 12 ? -2.165  -20.077 3.971   1.00 31.73 ? 25  C   B "O3'" 1 
ATOM   526 C "C2'" . C   B 1 12 ? -2.172  -18.021 2.615   1.00 31.07 ? 25  C   B "C2'" 1 
ATOM   527 O "O2'" . C   B 1 12 ? -3.553  -18.230 2.460   1.00 31.49 ? 25  C   B "O2'" 1 
ATOM   528 C "C1'" . C   B 1 12 ? -1.893  -16.554 2.936   1.00 29.64 ? 25  C   B "C1'" 1 
ATOM   529 N N1    . C   B 1 12 ? -0.609  -16.070 2.292   1.00 28.73 ? 25  C   B N1    1 
ATOM   530 C C2    . C   B 1 12 ? -0.613  -15.714 0.926   1.00 28.64 ? 25  C   B C2    1 
ATOM   531 O O2    . C   B 1 12 ? -1.650  -15.805 0.282   1.00 26.82 ? 25  C   B O2    1 
ATOM   532 N N3    . C   B 1 12 ? 0.534   -15.285 0.322   1.00 27.84 ? 25  C   B N3    1 
ATOM   533 C C4    . C   B 1 12 ? 1.658   -15.221 1.027   1.00 29.42 ? 25  C   B C4    1 
ATOM   534 N N4    . C   B 1 12 ? 2.744   -14.804 0.389   1.00 29.08 ? 25  C   B N4    1 
ATOM   535 C C5    . C   B 1 12 ? 1.702   -15.589 2.416   1.00 29.25 ? 25  C   B C5    1 
ATOM   536 C C6    . C   B 1 12 ? 0.564   -16.001 2.993   1.00 28.51 ? 25  C   B C6    1 
ATOM   537 P P     . U   B 1 13 ? -1.351  -21.343 4.542   1.00 33.44 ? 26  U   B P     1 
ATOM   538 O OP1   . U   B 1 13 ? 0.084   -21.069 4.388   1.00 32.26 ? 26  U   B OP1   1 
ATOM   539 O OP2   . U   B 1 13 ? -1.937  -22.585 3.971   1.00 32.52 ? 26  U   B OP2   1 
ATOM   540 O "O5'" . U   B 1 13 ? -1.687  -21.333 6.107   1.00 32.66 ? 26  U   B "O5'" 1 
ATOM   541 C "C5'" . U   B 1 13 ? -3.046  -21.364 6.518   1.00 33.59 ? 26  U   B "C5'" 1 
ATOM   542 C "C4'" . U   B 1 13 ? -3.228  -22.219 7.749   1.00 34.67 ? 26  U   B "C4'" 1 
ATOM   543 O "O4'" . U   B 1 13 ? -2.805  -23.580 7.470   1.00 35.22 ? 26  U   B "O4'" 1 
ATOM   544 C "C3'" . U   B 1 13 ? -2.409  -21.749 8.934   1.00 34.39 ? 26  U   B "C3'" 1 
ATOM   545 O "O3'" . U   B 1 13 ? -3.132  -20.744 9.650   1.00 34.51 ? 26  U   B "O3'" 1 
ATOM   546 C "C2'" . U   B 1 13 ? -2.243  -23.045 9.710   1.00 34.44 ? 26  U   B "C2'" 1 
ATOM   547 O "O2'" . U   B 1 13 ? -3.366  -23.325 10.523  1.00 33.37 ? 26  U   B "O2'" 1 
ATOM   548 C "C1'" . U   B 1 13 ? -2.122  -24.087 8.605   1.00 36.01 ? 26  U   B "C1'" 1 
ATOM   549 N N1    . U   B 1 13 ? -0.691  -24.455 8.286   1.00 36.34 ? 26  U   B N1    1 
ATOM   550 C C2    . U   B 1 13 ? -0.014  -25.199 9.232   1.00 37.65 ? 26  U   B C2    1 
ATOM   551 O O2    . U   B 1 13 ? -0.536  -25.564 10.277  1.00 36.87 ? 26  U   B O2    1 
ATOM   552 N N3    . U   B 1 13 ? 1.287   -25.530 8.898   1.00 38.86 ? 26  U   B N3    1 
ATOM   553 C C4    . U   B 1 13 ? 1.960   -25.168 7.735   1.00 37.69 ? 26  U   B C4    1 
ATOM   554 O O4    . U   B 1 13 ? 3.122   -25.531 7.571   1.00 37.60 ? 26  U   B O4    1 
ATOM   555 C C5    . U   B 1 13 ? 1.192   -24.379 6.802   1.00 37.18 ? 26  U   B C5    1 
ATOM   556 C C6    . U   B 1 13 ? -0.079  -24.064 7.108   1.00 36.68 ? 26  U   B C6    1 
HETATM 557 O O     . HOH C 2 .  ? -2.101  0.305   4.784   1.00 31.96 ? 102 HOH A O     1 
HETATM 558 O O     . HOH C 2 .  ? -2.964  0.795   11.412  1.00 46.25 ? 103 HOH A O     1 
HETATM 559 O O     . HOH C 2 .  ? -0.627  -3.628  -0.673  1.00 31.63 ? 104 HOH A O     1 
HETATM 560 O O     . HOH C 2 .  ? 0.684   0.886   3.110   0.50 25.19 ? 107 HOH A O     1 
HETATM 561 O O     . HOH C 2 .  ? -4.564  -0.125  14.407  0.50 31.17 ? 112 HOH A O     1 
HETATM 562 O O     . HOH C 2 .  ? 7.787   13.076  4.648   1.00 40.87 ? 114 HOH A O     1 
HETATM 563 O O     . HOH C 2 .  ? -1.090  -1.981  1.520   1.00 32.12 ? 116 HOH A O     1 
HETATM 564 O O     . HOH C 2 .  ? -2.971  -11.154 5.335   1.00 40.64 ? 121 HOH A O     1 
HETATM 565 O O     . HOH C 2 .  ? -4.817  16.431  -5.356  1.00 43.95 ? 125 HOH A O     1 
HETATM 566 O O     . HOH C 2 .  ? -0.755  14.383  -1.872  1.00 37.38 ? 126 HOH A O     1 
HETATM 567 O O     . HOH C 2 .  ? 5.225   5.890   11.634  1.00 30.90 ? 127 HOH A O     1 
HETATM 568 O O     . HOH C 2 .  ? -4.106  -6.242  -7.175  1.00 39.29 ? 134 HOH A O     1 
HETATM 569 O O     . HOH C 2 .  ? -4.364  -13.426 2.759   1.00 37.76 ? 136 HOH A O     1 
HETATM 570 O O     . HOH C 2 .  ? -3.649  -5.059  -1.222  1.00 35.23 ? 140 HOH A O     1 
HETATM 571 O O     . HOH C 2 .  ? -0.799  11.144  -0.316  1.00 43.55 ? 144 HOH A O     1 
HETATM 572 O O     . HOH C 2 .  ? 0.429   -7.332  -4.619  1.00 39.07 ? 148 HOH A O     1 
HETATM 573 O O     . HOH C 2 .  ? -2.971  4.827   7.464   1.00 50.37 ? 151 HOH A O     1 
HETATM 574 O O     . HOH C 2 .  ? -1.364  -1.732  12.070  1.00 37.42 ? 152 HOH A O     1 
HETATM 575 O O     . HOH C 2 .  ? 5.244   14.462  3.107   0.50 21.33 ? 154 HOH A O     1 
HETATM 576 O O     . HOH C 2 .  ? 1.655   10.455  0.262   1.00 52.45 ? 156 HOH A O     1 
HETATM 577 O O     . HOH C 2 .  ? 6.753   11.321  -8.422  1.00 59.65 ? 161 HOH A O     1 
HETATM 578 O O     . HOH C 2 .  ? -14.019 10.255  -3.471  1.00 50.84 ? 169 HOH A O     1 
HETATM 579 O O     . HOH C 2 .  ? 1.287   -0.037  11.809  0.50 43.93 ? 171 HOH A O     1 
HETATM 580 O O     . HOH C 2 .  ? -1.535  18.826  -2.704  1.00 20.75 ? 173 HOH A O     1 
HETATM 581 O O     . HOH C 2 .  ? -5.548  19.331  -9.281  1.00 43.69 ? 179 HOH A O     1 
HETATM 582 O O     . HOH C 2 .  ? 1.990   9.408   -10.683 1.00 50.77 ? 180 HOH A O     1 
HETATM 583 O O     . HOH C 2 .  ? -0.080  7.557   -9.493  1.00 35.93 ? 181 HOH A O     1 
HETATM 584 O O     . HOH C 2 .  ? -3.371  9.930   -9.282  1.00 55.71 ? 183 HOH A O     1 
HETATM 585 O O     . HOH C 2 .  ? -11.318 10.913  -8.993  1.00 49.55 ? 189 HOH A O     1 
HETATM 586 O O     . HOH C 2 .  ? -16.123 25.432  -3.700  1.00 44.61 ? 190 HOH A O     1 
HETATM 587 O O     . HOH C 2 .  ? -3.708  16.169  -2.466  1.00 41.06 ? 191 HOH A O     1 
HETATM 588 O O     . HOH C 2 .  ? -16.232 23.452  -0.155  1.00 49.10 ? 192 HOH A O     1 
HETATM 589 O O     . HOH C 2 .  ? -17.312 19.767  -0.667  1.00 38.98 ? 193 HOH A O     1 
HETATM 590 O O     . HOH C 2 .  ? -15.086 16.959  -2.765  1.00 43.52 ? 194 HOH A O     1 
HETATM 591 O O     . HOH C 2 .  ? -0.953  -7.409  -2.263  1.00 56.64 ? 196 HOH A O     1 
HETATM 592 O O     . HOH C 2 .  ? 7.410   4.767   8.941   1.00 32.64 ? 198 HOH A O     1 
HETATM 593 O O     . HOH C 2 .  ? 4.322   13.590  4.073   0.50 47.01 ? 199 HOH A O     1 
HETATM 594 O O     . HOH C 2 .  ? 3.181   8.332   -8.201  1.00 43.40 ? 202 HOH A O     1 
HETATM 595 O O     . HOH C 2 .  ? -4.682  6.472   9.372   0.50 34.60 ? 211 HOH A O     1 
HETATM 596 O O     . HOH C 2 .  ? 7.395   7.016   -3.439  1.00 33.90 ? 212 HOH A O     1 
HETATM 597 O O     . HOH C 2 .  ? -7.768  -4.636  -1.531  1.00 46.81 ? 215 HOH A O     1 
HETATM 598 O O     . HOH C 2 .  ? 5.597   -15.466 -1.810  1.00 44.23 ? 218 HOH A O     1 
HETATM 599 O O     . HOH C 2 .  ? -4.585  1.406   7.880   1.00 42.18 ? 219 HOH A O     1 
HETATM 600 O O     . HOH C 2 .  ? -1.155  6.396   11.828  1.00 50.49 ? 221 HOH A O     1 
HETATM 601 O O     . HOH C 2 .  ? 4.019   17.027  4.788   1.00 52.89 ? 224 HOH A O     1 
HETATM 602 O O     . HOH C 2 .  ? -1.451  5.784   8.904   1.00 57.96 ? 229 HOH A O     1 
HETATM 603 O O     . HOH C 2 .  ? 0.153   0.964   0.719   1.00 41.76 ? 234 HOH A O     1 
HETATM 604 O O     . HOH C 2 .  ? -6.762  -12.089 4.490   1.00 45.48 ? 235 HOH A O     1 
HETATM 605 O O     . HOH C 2 .  ? 2.142   17.164  -2.191  0.50 30.70 ? 236 HOH A O     1 
HETATM 606 O O     . HOH C 2 .  ? -2.918  7.170   14.038  0.50 34.92 ? 238 HOH A O     1 
HETATM 607 O O     . HOH D 2 .  ? 1.563   -12.398 11.389  1.00 57.97 ? 101 HOH B O     1 
HETATM 608 O O     . HOH D 2 .  ? 0.384   -8.623  7.400   1.00 36.40 ? 105 HOH B O     1 
HETATM 609 O O     . HOH D 2 .  ? -1.255  1.428   -1.432  1.00 39.53 ? 106 HOH B O     1 
HETATM 610 O O     . HOH D 2 .  ? -6.272  1.563   3.259   1.00 44.51 ? 108 HOH B O     1 
HETATM 611 O O     . HOH D 2 .  ? -2.970  -13.807 5.192   1.00 39.15 ? 109 HOH B O     1 
HETATM 612 O O     . HOH D 2 .  ? -2.814  12.104  1.568   1.00 41.88 ? 110 HOH B O     1 
HETATM 613 O O     . HOH D 2 .  ? -4.816  6.347   3.737   0.50 21.47 ? 111 HOH B O     1 
HETATM 614 O O     . HOH D 2 .  ? 14.424  -6.571  -0.323  1.00 47.34 ? 113 HOH B O     1 
HETATM 615 O O     . HOH D 2 .  ? 12.791  -11.374 7.973   1.00 30.41 ? 115 HOH B O     1 
HETATM 616 O O     . HOH D 2 .  ? -4.717  -20.404 1.114   1.00 52.51 ? 117 HOH B O     1 
HETATM 617 O O     . HOH D 2 .  ? 5.272   -15.105 1.460   1.00 31.45 ? 118 HOH B O     1 
HETATM 618 O O     . HOH D 2 .  ? -4.525  7.972   10.773  0.50 32.29 ? 119 HOH B O     1 
HETATM 619 O O     . HOH D 2 .  ? 4.129   -16.643 4.549   0.50 33.14 ? 120 HOH B O     1 
HETATM 620 O O     . HOH D 2 .  ? -3.459  10.097  3.142   1.00 47.33 ? 122 HOH B O     1 
HETATM 621 O O     . HOH D 2 .  ? -5.971  3.278   6.686   1.00 47.34 ? 123 HOH B O     1 
HETATM 622 O O     . HOH D 2 .  ? -5.532  5.187   1.576   1.00 45.07 ? 124 HOH B O     1 
HETATM 623 O O     . HOH D 2 .  ? 16.842  -7.161  0.501   0.50 49.05 ? 129 HOH B O     1 
HETATM 624 O O     . HOH D 2 .  ? 3.893   -5.021  -7.515  1.00 43.34 ? 130 HOH B O     1 
HETATM 625 O O     . HOH D 2 .  ? -0.672  -1.442  -5.302  1.00 34.64 ? 131 HOH B O     1 
HETATM 626 O O     . HOH D 2 .  ? -2.277  5.028   -9.183  1.00 42.82 ? 132 HOH B O     1 
HETATM 627 O O     . HOH D 2 .  ? -11.654 10.635  4.004   1.00 35.11 ? 133 HOH B O     1 
HETATM 628 O O     . HOH D 2 .  ? 4.776   -17.620 10.197  1.00 61.15 ? 135 HOH B O     1 
HETATM 629 O O     . HOH D 2 .  ? 12.897  -5.505  -7.591  1.00 55.53 ? 137 HOH B O     1 
HETATM 630 O O     . HOH D 2 .  ? -5.148  -2.521  -4.490  1.00 54.39 ? 138 HOH B O     1 
HETATM 631 O O     . HOH D 2 .  ? -10.093 -1.014  5.143   1.00 44.33 ? 139 HOH B O     1 
HETATM 632 O O     . HOH D 2 .  ? 14.393  -3.697  2.865   1.00 39.54 ? 141 HOH B O     1 
HETATM 633 O O     . HOH D 2 .  ? -2.719  -0.250  -2.633  1.00 50.11 ? 145 HOH B O     1 
HETATM 634 O O     . HOH D 2 .  ? 5.041   -12.397 11.272  1.00 34.79 ? 149 HOH B O     1 
HETATM 635 O O     . HOH D 2 .  ? 3.560   -2.840  -5.788  1.00 47.83 ? 153 HOH B O     1 
HETATM 636 O O     . HOH D 2 .  ? 5.946   4.604   -7.110  0.50 27.73 ? 155 HOH B O     1 
HETATM 637 O O     . HOH D 2 .  ? 3.214   -20.115 10.835  1.00 56.09 ? 158 HOH B O     1 
HETATM 638 O O     . HOH D 2 .  ? 2.783   -16.642 11.860  1.00 48.62 ? 159 HOH B O     1 
HETATM 639 O O     . HOH D 2 .  ? 5.483   -7.035  -8.918  1.00 41.04 ? 160 HOH B O     1 
HETATM 640 O O     . HOH D 2 .  ? 7.709   -1.201  -13.278 0.50 38.73 ? 162 HOH B O     1 
HETATM 641 O O     . HOH D 2 .  ? 15.068  -10.143 0.452   1.00 46.32 ? 163 HOH B O     1 
HETATM 642 O O     . HOH D 2 .  ? 11.756  -10.983 2.460   1.00 55.93 ? 164 HOH B O     1 
HETATM 643 O O     . HOH D 2 .  ? 10.227  -12.967 -3.620  1.00 48.35 ? 166 HOH B O     1 
HETATM 644 O O     . HOH D 2 .  ? -4.405  11.876  10.018  0.50 29.81 ? 168 HOH B O     1 
HETATM 645 O O     . HOH D 2 .  ? 0.917   -0.626  -3.404  1.00 30.79 ? 170 HOH B O     1 
HETATM 646 O O     . HOH D 2 .  ? 9.210   -7.458  -6.406  1.00 20.16 ? 172 HOH B O     1 
HETATM 647 O O     . HOH D 2 .  ? 13.174  -8.139  -2.209  1.00 20.43 ? 177 HOH B O     1 
HETATM 648 O O     . HOH D 2 .  ? 6.037   -2.838  -12.613 1.00 54.92 ? 184 HOH B O     1 
HETATM 649 O O     . HOH D 2 .  ? 6.222   -9.166  -6.170  1.00 50.49 ? 186 HOH B O     1 
HETATM 650 O O     . HOH D 2 .  ? 4.276   -18.505 7.938   1.00 20.54 ? 187 HOH B O     1 
HETATM 651 O O     . HOH D 2 .  ? 11.627  -1.373  5.247   0.50 54.32 ? 188 HOH B O     1 
HETATM 652 O O     . HOH D 2 .  ? 7.744   -3.164  -10.853 1.00 61.86 ? 203 HOH B O     1 
HETATM 653 O O     . HOH D 2 .  ? 1.730   1.217   -12.254 0.50 21.66 ? 204 HOH B O     1 
HETATM 654 O O     . HOH D 2 .  ? 3.194   3.504   -14.042 0.50 36.23 ? 205 HOH B O     1 
HETATM 655 O O     . HOH D 2 .  ? 14.833  -8.544  4.878   0.50 30.83 ? 207 HOH B O     1 
HETATM 656 O O     . HOH D 2 .  ? 1.819   -21.080 6.458   1.00 20.84 ? 208 HOH B O     1 
HETATM 657 O O     . HOH D 2 .  ? -5.923  2.007   -0.422  1.00 34.40 ? 209 HOH B O     1 
HETATM 658 O O     . HOH D 2 .  ? -7.771  3.395   4.548   1.00 50.92 ? 210 HOH B O     1 
HETATM 659 O O     . HOH D 2 .  ? 4.108   3.927   -7.721  0.50 28.29 ? 213 HOH B O     1 
HETATM 660 O O     . HOH D 2 .  ? -11.615 0.236   0.668   0.50 35.43 ? 217 HOH B O     1 
HETATM 661 O O     . HOH D 2 .  ? -5.648  3.820   9.222   1.00 80.60 ? 222 HOH B O     1 
HETATM 662 O O     . HOH D 2 .  ? -3.015  7.086   4.096   0.50 28.21 ? 223 HOH B O     1 
HETATM 663 O O     . HOH D 2 .  ? 5.482   -9.608  -10.049 1.00 20.43 ? 226 HOH B O     1 
HETATM 664 O O     . HOH D 2 .  ? 8.833   -11.067 -6.096  1.00 72.59 ? 230 HOH B O     1 
HETATM 665 O O     . HOH D 2 .  ? 6.861   -6.468  -7.068  1.00 50.85 ? 232 HOH B O     1 
HETATM 666 O O     . HOH D 2 .  ? 5.529   -6.213  -13.439 1.00 52.11 ? 233 HOH B O     1 
HETATM 667 O O     . HOH D 2 .  ? 4.700   -19.464 5.089   0.50 38.95 ? 239 HOH B O     1 
HETATM 668 O O     . HOH D 2 .  ? 4.471   0.804   -13.396 1.00 20.26 ? 241 HOH B O     1 
HETATM 669 O O     . HOH D 2 .  ? -0.675  -27.745 8.472   1.00 29.72 ? 242 HOH B O     1 
HETATM 670 O O     . HOH D 2 .  ? 15.041  -0.917  3.287   0.50 24.64 ? 243 HOH B O     1 
HETATM 671 O O     . HOH D 2 .  ? -0.999  -25.208 3.933   1.00 26.21 ? 244 HOH B O     1 
# 
loop_
_atom_site_anisotrop.id 
_atom_site_anisotrop.type_symbol 
_atom_site_anisotrop.pdbx_label_atom_id 
_atom_site_anisotrop.pdbx_label_alt_id 
_atom_site_anisotrop.pdbx_label_comp_id 
_atom_site_anisotrop.pdbx_label_asym_id 
_atom_site_anisotrop.pdbx_label_seq_id 
_atom_site_anisotrop.pdbx_PDB_ins_code 
_atom_site_anisotrop.U[1][1] 
_atom_site_anisotrop.U[2][2] 
_atom_site_anisotrop.U[3][3] 
_atom_site_anisotrop.U[1][2] 
_atom_site_anisotrop.U[1][3] 
_atom_site_anisotrop.U[2][3] 
_atom_site_anisotrop.pdbx_auth_seq_id 
_atom_site_anisotrop.pdbx_auth_comp_id 
_atom_site_anisotrop.pdbx_auth_asym_id 
_atom_site_anisotrop.pdbx_auth_atom_id 
1   O "O5'" . G   A 1  ? 0.4246 0.4183 0.4441 -0.0104 0.0128  0.0057  1   G   A "O5'" 
2   C "C5'" . G   A 1  ? 0.4045 0.3967 0.4076 -0.0017 -0.0089 0.0128  1   G   A "C5'" 
3   C "C4'" . G   A 1  ? 0.3947 0.4017 0.3992 0.0076  0.0058  0.0088  1   G   A "C4'" 
4   O "O4'" . G   A 1  ? 0.3775 0.3905 0.3866 0.0066  0.0118  0.0161  1   G   A "O4'" 
5   C "C3'" . G   A 1  ? 0.4093 0.4081 0.4176 0.0064  -0.0052 0.0198  1   G   A "C3'" 
6   O "O3'" . G   A 1  ? 0.4086 0.3906 0.4264 0.0237  -0.0111 0.0513  1   G   A "O3'" 
7   C "C2'" . G   A 1  ? 0.3780 0.3948 0.3914 -0.0008 0.0007  0.0141  1   G   A "C2'" 
8   O "O2'" . G   A 1  ? 0.3938 0.4100 0.3534 -0.0117 -0.0067 0.0222  1   G   A "O2'" 
9   C "C1'" . G   A 1  ? 0.3767 0.3833 0.3825 0.0024  0.0044  0.0110  1   G   A "C1'" 
10  N N9    . G   A 1  ? 0.3662 0.3927 0.3839 -0.0021 0.0063  0.0135  1   G   A N9    
11  C C8    . G   A 1  ? 0.3860 0.3972 0.3873 -0.0037 0.0045  0.0085  1   G   A C8    
12  N N7    . G   A 1  ? 0.3971 0.3890 0.3870 0.0015  -0.0015 0.0209  1   G   A N7    
13  C C5    . G   A 1  ? 0.3731 0.3831 0.3734 0.0135  0.0134  0.0115  1   G   A C5    
14  C C6    . G   A 1  ? 0.3760 0.3863 0.3693 0.0172  0.0084  0.0211  1   G   A C6    
15  O O6    . G   A 1  ? 0.3538 0.3723 0.3701 -0.0013 0.0092  0.0074  1   G   A O6    
16  N N1    . G   A 1  ? 0.3533 0.3681 0.3719 0.0073  0.0019  0.0209  1   G   A N1    
17  C C2    . G   A 1  ? 0.3940 0.3679 0.3806 -0.0020 0.0021  0.0095  1   G   A C2    
18  N N2    . G   A 1  ? 0.3559 0.3667 0.3813 0.0041  0.0088  0.0134  1   G   A N2    
19  N N3    . G   A 1  ? 0.3833 0.3801 0.3683 -0.0032 0.0013  0.0106  1   G   A N3    
20  C C4    . G   A 1  ? 0.3712 0.3983 0.3745 -0.0070 0.0055  0.0069  1   G   A C4    
21  P P     . G   A 2  ? 0.4077 0.4229 0.4501 0.0127  -0.0204 0.0569  2   G   A P     
22  O OP1   . G   A 2  ? 0.3926 0.3744 0.4663 0.0298  0.0063  0.0750  2   G   A OP1   
23  O OP2   . G   A 2  ? 0.3872 0.3804 0.4367 0.0183  -0.0039 0.0909  2   G   A OP2   
24  O "O5'" . G   A 2  ? 0.3985 0.3914 0.4515 0.0063  -0.0077 0.0347  2   G   A "O5'" 
25  C "C5'" . G   A 2  ? 0.4219 0.4325 0.4433 0.0159  0.0070  0.0052  2   G   A "C5'" 
26  C "C4'" . G   A 2  ? 0.4315 0.4282 0.4444 0.0056  0.0036  0.0144  2   G   A "C4'" 
27  O "O4'" . G   A 2  ? 0.4411 0.4298 0.4259 -0.0042 -0.0008 0.0062  2   G   A "O4'" 
28  C "C3'" . G   A 2  ? 0.4475 0.4323 0.4399 0.0088  0.0012  0.0121  2   G   A "C3'" 
29  O "O3'" . G   A 2  ? 0.4390 0.4546 0.4573 0.0249  0.0117  0.0230  2   G   A "O3'" 
30  C "C2'" . G   A 2  ? 0.4401 0.4422 0.4445 0.0028  -0.0005 0.0042  2   G   A "C2'" 
31  O "O2'" . G   A 2  ? 0.4683 0.4376 0.4328 -0.0086 0.0123  0.0069  2   G   A "O2'" 
32  C "C1'" . G   A 2  ? 0.4399 0.4222 0.4257 -0.0033 0.0032  -0.0187 2   G   A "C1'" 
33  N N9    . G   A 2  ? 0.4302 0.4301 0.4178 -0.0058 -0.0021 -0.0166 2   G   A N9    
34  C C8    . G   A 2  ? 0.4328 0.4335 0.4138 -0.0025 0.0026  -0.0286 2   G   A C8    
35  N N7    . G   A 2  ? 0.4224 0.4291 0.4262 0.0062  0.0027  -0.0284 2   G   A N7    
36  C C5    . G   A 2  ? 0.4189 0.4239 0.4236 0.0034  -0.0017 -0.0185 2   G   A C5    
37  C C6    . G   A 2  ? 0.4345 0.4260 0.4207 -0.0041 0.0074  -0.0302 2   G   A C6    
38  O O6    . G   A 2  ? 0.4227 0.4134 0.4132 -0.0089 0.0000  -0.0400 2   G   A O6    
39  N N1    . G   A 2  ? 0.4351 0.4187 0.4143 -0.0072 -0.0050 -0.0273 2   G   A N1    
40  C C2    . G   A 2  ? 0.4338 0.4200 0.4194 0.0006  0.0067  -0.0299 2   G   A C2    
41  N N2    . G   A 2  ? 0.4455 0.4234 0.4255 -0.0004 0.0046  -0.0265 2   G   A N2    
42  N N3    . G   A 2  ? 0.4159 0.4217 0.4227 -0.0048 -0.0082 -0.0250 2   G   A N3    
43  C C4    . G   A 2  ? 0.4328 0.4174 0.4229 -0.0047 0.0027  -0.0146 2   G   A C4    
44  P P     . A   A 3  ? 0.4653 0.4561 0.4595 0.0453  0.0032  0.0214  3   A   A P     
45  O OP1   . A   A 3  ? 0.4623 0.4760 0.4841 0.0542  0.0109  0.0441  3   A   A OP1   
46  O OP2   . A   A 3  ? 0.4457 0.4188 0.4926 0.0363  0.0222  0.0298  3   A   A OP2   
47  O "O5'" . A   A 3  ? 0.4507 0.4517 0.4658 0.0149  0.0060  0.0075  3   A   A "O5'" 
48  C "C5'" . A   A 3  ? 0.4432 0.4360 0.4343 0.0047  0.0096  0.0092  3   A   A "C5'" 
49  C "C4'" . A   A 3  ? 0.4233 0.4336 0.4355 -0.0011 -0.0052 -0.0058 3   A   A "C4'" 
50  O "O4'" . A   A 3  ? 0.3952 0.3921 0.4124 -0.0030 0.0112  -0.0174 3   A   A "O4'" 
51  C "C3'" . A   A 3  ? 0.4219 0.4215 0.4143 0.0005  0.0025  -0.0130 3   A   A "C3'" 
52  O "O3'" . A   A 3  ? 0.4018 0.4263 0.4373 0.0019  -0.0274 -0.0160 3   A   A "O3'" 
53  C "C2'" . A   A 3  ? 0.4228 0.4148 0.4232 0.0043  -0.0007 -0.0063 3   A   A "C2'" 
54  O "O2'" . A   A 3  ? 0.4008 0.4357 0.3743 -0.0007 0.0122  0.0101  3   A   A "O2'" 
55  C "C1'" . A   A 3  ? 0.4167 0.4088 0.4238 0.0017  0.0051  -0.0062 3   A   A "C1'" 
56  N N9    . A   A 3  ? 0.4242 0.3933 0.4230 0.0028  0.0009  -0.0126 3   A   A N9    
57  C C8    . A   A 3  ? 0.4247 0.3917 0.4251 -0.0006 0.0085  -0.0143 3   A   A C8    
58  N N7    . A   A 3  ? 0.3946 0.3628 0.4177 -0.0077 -0.0139 -0.0243 3   A   A N7    
59  C C5    . A   A 3  ? 0.4191 0.3725 0.4382 -0.0009 0.0050  -0.0052 3   A   A C5    
60  C C6    . A   A 3  ? 0.4200 0.3846 0.4304 -0.0077 -0.0047 0.0031  3   A   A C6    
61  N N6    . A   A 3  ? 0.4283 0.4017 0.4375 0.0076  0.0050  -0.0086 3   A   A N6    
62  N N1    . A   A 3  ? 0.4301 0.3923 0.4325 -0.0001 0.0053  -0.0093 3   A   A N1    
63  C C2    . A   A 3  ? 0.4113 0.3841 0.4304 0.0005  0.0026  -0.0092 3   A   A C2    
64  N N3    . A   A 3  ? 0.4324 0.3828 0.4464 0.0031  0.0000  -0.0153 3   A   A N3    
65  C C4    . A   A 3  ? 0.4216 0.3801 0.4301 0.0012  0.0049  -0.0105 3   A   A C4    
66  P P     . C   A 4  ? 0.4331 0.4726 0.4536 0.0327  -0.0135 -0.0347 4   C   A P     
67  O OP1   . C   A 4  ? 0.4534 0.4795 0.4407 0.0261  0.0033  -0.0436 4   C   A OP1   
68  O OP2   . C   A 4  ? 0.4327 0.4512 0.4275 0.0146  -0.0038 -0.0396 4   C   A OP2   
69  O "O5'" . C   A 4  ? 0.4035 0.4476 0.4385 -0.0019 -0.0059 -0.0372 4   C   A "O5'" 
70  C "C5'" . C   A 4  ? 0.4337 0.4380 0.4558 -0.0026 -0.0079 -0.0092 4   C   A "C5'" 
71  C "C4'" . C   A 4  ? 0.4423 0.4438 0.4537 0.0018  -0.0045 -0.0139 4   C   A "C4'" 
72  O "O4'" . C   A 4  ? 0.4468 0.4390 0.4609 -0.0107 -0.0128 -0.0239 4   C   A "O4'" 
73  C "C3'" . C   A 4  ? 0.4413 0.4299 0.4451 0.0031  -0.0011 -0.0059 4   C   A "C3'" 
74  O "O3'" . C   A 4  ? 0.4559 0.4681 0.4402 -0.0038 0.0119  -0.0146 4   C   A "O3'" 
75  C "C2'" . C   A 4  ? 0.4599 0.4548 0.4544 -0.0037 -0.0068 -0.0112 4   C   A "C2'" 
76  O "O2'" . C   A 4  ? 0.4565 0.4547 0.4171 0.0059  0.0086  0.0085  4   C   A "O2'" 
77  C "C1'" . C   A 4  ? 0.4487 0.4326 0.4570 0.0056  0.0011  -0.0087 4   C   A "C1'" 
78  N N1    . C   A 4  ? 0.4436 0.4236 0.4412 0.0021  -0.0049 -0.0054 4   C   A N1    
79  C C2    . C   A 4  ? 0.4484 0.4331 0.4593 -0.0007 -0.0061 -0.0014 4   C   A C2    
80  O O2    . C   A 4  ? 0.4434 0.4321 0.4286 -0.0189 -0.0092 0.0236  4   C   A O2    
81  N N3    . C   A 4  ? 0.4380 0.4170 0.4143 -0.0048 -0.0169 0.0087  4   C   A N3    
82  C C4    . C   A 4  ? 0.4593 0.4295 0.4611 0.0026  0.0043  -0.0044 4   C   A C4    
83  N N4    . C   A 4  ? 0.4508 0.4282 0.4462 -0.0011 0.0022  0.0075  4   C   A N4    
84  C C5    . C   A 4  ? 0.4390 0.4174 0.4458 0.0024  -0.0015 0.0012  4   C   A C5    
85  C C6    . C   A 4  ? 0.4417 0.4243 0.4583 0.0028  0.0069  -0.0055 4   C   A C6    
86  P P     . G   A 5  ? 0.4736 0.4823 0.4490 0.0117  0.0197  -0.0295 5   G   A P     
87  O OP1   . G   A 5  ? 0.4827 0.5114 0.5009 0.0323  0.0010  -0.0358 5   G   A OP1   
88  O OP2   . G   A 5  ? 0.4628 0.4907 0.4660 -0.0113 -0.0098 -0.0455 5   G   A OP2   
89  O "O5'" . G   A 5  ? 0.4703 0.4803 0.4510 -0.0118 0.0035  -0.0284 5   G   A "O5'" 
90  C "C5'" . G   A 5  ? 0.4556 0.4508 0.4505 -0.0005 0.0109  -0.0056 5   G   A "C5'" 
91  C "C4'" . G   A 5  ? 0.4423 0.4401 0.4481 -0.0040 0.0144  -0.0107 5   G   A "C4'" 
92  O "O4'" . G   A 5  ? 0.4452 0.4151 0.4478 -0.0123 0.0305  -0.0151 5   G   A "O4'" 
93  C "C3'" . G   A 5  ? 0.4305 0.4200 0.4405 -0.0054 0.0177  -0.0050 5   G   A "C3'" 
94  O "O3'" . G   A 5  ? 0.4536 0.4479 0.4663 0.0044  0.0306  0.0047  5   G   A "O3'" 
95  C "C2'" . G   A 5  ? 0.4320 0.4274 0.4459 -0.0117 0.0121  0.0048  5   G   A "C2'" 
96  O "O2'" . G   A 5  ? 0.4285 0.4316 0.4540 -0.0336 0.0250  0.0090  5   G   A "O2'" 
97  C "C1'" . G   A 5  ? 0.4251 0.4084 0.4236 -0.0046 0.0186  -0.0078 5   G   A "C1'" 
98  N N9    . G   A 5  ? 0.4169 0.4061 0.4308 -0.0045 0.0226  0.0008  5   G   A N9    
99  C C8    . G   A 5  ? 0.4208 0.3910 0.4141 -0.0108 0.0183  -0.0026 5   G   A C8    
100 N N7    . G   A 5  ? 0.4205 0.3746 0.4132 -0.0144 0.0179  -0.0034 5   G   A N7    
101 C C5    . G   A 5  ? 0.4227 0.3712 0.4104 -0.0038 0.0332  0.0035  5   G   A C5    
102 C C6    . G   A 5  ? 0.4311 0.3945 0.4202 0.0016  0.0210  -0.0006 5   G   A C6    
103 O O6    . G   A 5  ? 0.4306 0.3962 0.4184 0.0010  0.0247  -0.0066 5   G   A O6    
104 N N1    . G   A 5  ? 0.4196 0.4017 0.4239 -0.0099 0.0157  -0.0029 5   G   A N1    
105 C C2    . G   A 5  ? 0.4326 0.3905 0.4150 -0.0095 0.0240  -0.0053 5   G   A C2    
106 N N2    . G   A 5  ? 0.4167 0.4017 0.4144 -0.0033 0.0178  0.0022  5   G   A N2    
107 N N3    . G   A 5  ? 0.4151 0.3674 0.4280 -0.0117 0.0410  -0.0011 5   G   A N3    
108 C C4    . G   A 5  ? 0.4213 0.3701 0.4152 -0.0076 0.0248  -0.0060 5   G   A C4    
109 P P     . M2G A 6  ? 0.4651 0.4249 0.4544 0.0367  0.0383  -0.0094 6   M2G A P     
110 O OP1   . M2G A 6  ? 0.4505 0.4502 0.4562 0.0346  0.0499  0.0016  6   M2G A OP1   
111 O OP2   . M2G A 6  ? 0.4703 0.4815 0.4453 0.0354  0.0350  0.0146  6   M2G A OP2   
112 O "O5'" . M2G A 6  ? 0.4425 0.4599 0.4366 0.0151  0.0296  0.0068  6   M2G A "O5'" 
113 C "C5'" . M2G A 6  ? 0.4396 0.4447 0.4552 0.0059  0.0132  0.0055  6   M2G A "C5'" 
114 C "C4'" . M2G A 6  ? 0.4415 0.4467 0.4428 -0.0021 0.0132  0.0011  6   M2G A "C4'" 
115 O "O4'" . M2G A 6  ? 0.4174 0.3950 0.4265 -0.0098 0.0148  0.0093  6   M2G A "O4'" 
116 C "C3'" . M2G A 6  ? 0.4333 0.4250 0.4513 0.0001  0.0099  -0.0004 6   M2G A "C3'" 
117 O "O3'" . M2G A 6  ? 0.4155 0.4293 0.4354 0.0069  0.0200  -0.0073 6   M2G A "O3'" 
118 C "C2'" . M2G A 6  ? 0.4330 0.4286 0.4483 0.0008  0.0109  -0.0068 6   M2G A "C2'" 
119 O "O2'" . M2G A 6  ? 0.4434 0.4188 0.4575 0.0127  0.0235  0.0119  6   M2G A "O2'" 
120 C "C1'" . M2G A 6  ? 0.4313 0.4256 0.4309 0.0061  0.0072  0.0017  6   M2G A "C1'" 
121 N N9    . M2G A 6  ? 0.4404 0.4285 0.4350 0.0029  0.0092  -0.0001 6   M2G A N9    
122 C C8    . M2G A 6  ? 0.4317 0.4341 0.4357 0.0010  0.0061  0.0001  6   M2G A C8    
123 N N7    . M2G A 6  ? 0.4345 0.4274 0.4145 0.0009  0.0104  0.0025  6   M2G A N7    
124 C C5    . M2G A 6  ? 0.4301 0.4179 0.4207 0.0015  0.0044  0.0011  6   M2G A C5    
125 C C6    . M2G A 6  ? 0.4187 0.4144 0.4196 0.0051  0.0048  0.0024  6   M2G A C6    
126 O O6    . M2G A 6  ? 0.4356 0.4054 0.4335 0.0120  0.0143  0.0023  6   M2G A O6    
127 N N1    . M2G A 6  ? 0.4484 0.4314 0.4368 0.0076  0.0101  0.0001  6   M2G A N1    
128 C C2    . M2G A 6  ? 0.4248 0.4213 0.4172 0.0047  0.0052  0.0015  6   M2G A C2    
129 N N2    . M2G A 6  ? 0.4402 0.4306 0.4279 0.0031  0.0070  0.0037  6   M2G A N2    
130 N N3    . M2G A 6  ? 0.4366 0.4111 0.4362 0.0049  0.0020  0.0113  6   M2G A N3    
131 C C4    . M2G A 6  ? 0.4332 0.4250 0.4265 0.0049  0.0090  0.0090  6   M2G A C4    
132 C CM1   . M2G A 6  ? 0.4309 0.4271 0.4277 0.0024  0.0080  0.0024  6   M2G A CM1   
133 C CM2   . M2G A 6  ? 0.4300 0.4254 0.4257 0.0011  0.0059  0.0000  6   M2G A CM2   
134 P P     . A   A 7  ? 0.4115 0.4154 0.4503 0.0004  0.0091  -0.0277 7   A   A P     
135 O OP1   . A   A 7  ? 0.3671 0.4112 0.4093 0.0208  0.0322  -0.0342 7   A   A OP1   
136 O OP2   . A   A 7  ? 0.3704 0.4314 0.4359 0.0009  -0.0051 -0.0127 7   A   A OP2   
137 O "O5'" . A   A 7  ? 0.3880 0.4050 0.3982 -0.0047 0.0088  -0.0382 7   A   A "O5'" 
138 C "C5'" . A   A 7  ? 0.3990 0.4092 0.4135 -0.0040 0.0079  -0.0114 7   A   A "C5'" 
139 C "C4'" . A   A 7  ? 0.3831 0.3876 0.3893 -0.0062 -0.0009 -0.0098 7   A   A "C4'" 
140 O "O4'" . A   A 7  ? 0.3862 0.4366 0.3875 -0.0054 -0.0043 -0.0081 7   A   A "O4'" 
141 C "C3'" . A   A 7  ? 0.3801 0.4007 0.3708 -0.0113 -0.0098 -0.0091 7   A   A "C3'" 
142 O "O3'" . A   A 7  ? 0.4020 0.3960 0.3718 0.0101  -0.0073 0.0177  7   A   A "O3'" 
143 C "C2'" . A   A 7  ? 0.3742 0.3936 0.3804 0.0036  -0.0132 -0.0147 7   A   A "C2'" 
144 O "O2'" . A   A 7  ? 0.4014 0.4076 0.3980 0.0166  0.0218  -0.0458 7   A   A "O2'" 
145 C "C1'" . A   A 7  ? 0.3685 0.3994 0.3792 -0.0095 -0.0023 -0.0073 7   A   A "C1'" 
146 N N9    . A   A 7  ? 0.3359 0.4070 0.3616 -0.0025 -0.0140 0.0015  7   A   A N9    
147 C C8    . A   A 7  ? 0.3622 0.4013 0.3767 -0.0144 -0.0028 -0.0060 7   A   A C8    
148 N N7    . A   A 7  ? 0.3107 0.3874 0.3712 -0.0135 -0.0104 0.0020  7   A   A N7    
149 C C5    . A   A 7  ? 0.3431 0.3910 0.3743 -0.0071 -0.0137 -0.0044 7   A   A C5    
150 C C6    . A   A 7  ? 0.3488 0.3825 0.3717 -0.0065 -0.0010 -0.0099 7   A   A C6    
151 N N6    . A   A 7  ? 0.3500 0.3757 0.3650 -0.0071 0.0043  -0.0168 7   A   A N6    
152 N N1    . A   A 7  ? 0.3474 0.3969 0.3780 -0.0106 -0.0150 -0.0050 7   A   A N1    
153 C C2    . A   A 7  ? 0.3649 0.3999 0.3835 -0.0113 -0.0001 -0.0058 7   A   A C2    
154 N N3    . A   A 7  ? 0.3509 0.3943 0.3635 -0.0160 -0.0049 -0.0065 7   A   A N3    
155 C C4    . A   A 7  ? 0.3354 0.3771 0.3858 -0.0040 -0.0072 -0.0045 7   A   A C4    
156 P P     . C   A 8  ? 0.4009 0.4211 0.3924 -0.0067 -0.0169 0.0126  8   C   A P     
157 O OP1   . C   A 8  ? 0.4378 0.4146 0.3827 0.0269  -0.0030 -0.0050 8   C   A OP1   
158 O OP2   . C   A 8  ? 0.4307 0.4276 0.3896 0.0025  -0.0268 0.0183  8   C   A OP2   
159 O "O5'" . C   A 8  ? 0.4291 0.3990 0.4074 0.0063  -0.0252 0.0185  8   C   A "O5'" 
160 C "C5'" . C   A 8  ? 0.4091 0.3943 0.4073 0.0055  -0.0198 0.0108  8   C   A "C5'" 
161 C "C4'" . C   A 8  ? 0.4179 0.3882 0.4141 -0.0052 -0.0176 0.0122  8   C   A "C4'" 
162 O "O4'" . C   A 8  ? 0.4465 0.3803 0.4290 0.0172  -0.0380 0.0200  8   C   A "O4'" 
163 C "C3'" . C   A 8  ? 0.4136 0.3749 0.4031 -0.0047 -0.0217 0.0107  8   C   A "C3'" 
164 O "O3'" . C   A 8  ? 0.4419 0.3742 0.4085 -0.0246 -0.0214 0.0121  8   C   A "O3'" 
165 C "C2'" . C   A 8  ? 0.4105 0.3708 0.3895 -0.0010 -0.0164 0.0034  8   C   A "C2'" 
166 O "O2'" . C   A 8  ? 0.3860 0.3394 0.3911 -0.0111 -0.0162 0.0008  8   C   A "O2'" 
167 C "C1'" . C   A 8  ? 0.3975 0.3669 0.3798 0.0007  -0.0186 -0.0020 8   C   A "C1'" 
168 N N1    . C   A 8  ? 0.3932 0.3687 0.3685 0.0126  -0.0257 0.0077  8   C   A N1    
169 C C2    . C   A 8  ? 0.3887 0.3717 0.3684 0.0045  -0.0240 -0.0058 8   C   A C2    
170 O O2    . C   A 8  ? 0.4009 0.4004 0.3791 -0.0032 -0.0309 -0.0063 8   C   A O2    
171 N N3    . C   A 8  ? 0.3800 0.3783 0.3605 0.0068  -0.0273 -0.0101 8   C   A N3    
172 C C4    . C   A 8  ? 0.3856 0.3815 0.3791 0.0050  -0.0330 0.0035  8   C   A C4    
173 N N4    . C   A 8  ? 0.3938 0.3779 0.3837 -0.0082 -0.0180 0.0085  8   C   A N4    
174 C C5    . C   A 8  ? 0.3902 0.3787 0.3609 0.0052  -0.0262 0.0001  8   C   A C5    
175 C C6    . C   A 8  ? 0.3919 0.3754 0.3538 0.0028  -0.0220 0.0039  8   C   A C6    
176 P P     . G   A 9  ? 0.4173 0.3891 0.4143 -0.0206 -0.0154 0.0091  9   G   A P     
177 O OP1   . G   A 9  ? 0.4532 0.3994 0.4441 0.0030  -0.0353 0.0176  9   G   A OP1   
178 O OP2   . G   A 9  ? 0.4447 0.3935 0.4216 -0.0261 -0.0347 0.0081  9   G   A OP2   
179 O "O5'" . G   A 9  ? 0.4272 0.4126 0.4248 -0.0105 -0.0147 0.0148  9   G   A "O5'" 
180 C "C5'" . G   A 9  ? 0.4292 0.4199 0.4253 -0.0047 -0.0053 -0.0023 9   G   A "C5'" 
181 C "C4'" . G   A 9  ? 0.4295 0.4353 0.4255 -0.0071 -0.0078 0.0024  9   G   A "C4'" 
182 O "O4'" . G   A 9  ? 0.4347 0.4325 0.4140 0.0015  -0.0077 0.0059  9   G   A "O4'" 
183 C "C3'" . G   A 9  ? 0.4329 0.4332 0.4389 0.0013  -0.0079 0.0005  9   G   A "C3'" 
184 O "O3'" . G   A 9  ? 0.4226 0.4507 0.4526 -0.0137 -0.0005 0.0193  9   G   A "O3'" 
185 C "C2'" . G   A 9  ? 0.4363 0.4420 0.4362 -0.0020 -0.0085 0.0020  9   G   A "C2'" 
186 O "O2'" . G   A 9  ? 0.4896 0.5226 0.4546 -0.0088 0.0249  -0.0040 9   G   A "O2'" 
187 C "C1'" . G   A 9  ? 0.4159 0.4169 0.4080 -0.0094 -0.0129 0.0002  9   G   A "C1'" 
188 N N9    . G   A 9  ? 0.4024 0.4154 0.4033 -0.0125 -0.0199 0.0013  9   G   A N9    
189 C C8    . G   A 9  ? 0.3991 0.4033 0.3936 -0.0103 -0.0115 -0.0096 9   G   A C8    
190 N N7    . G   A 9  ? 0.3972 0.3817 0.3913 -0.0102 -0.0131 -0.0093 9   G   A N7    
191 C C5    . G   A 9  ? 0.4008 0.3923 0.3963 -0.0035 -0.0107 0.0001  9   G   A C5    
192 C C6    . G   A 9  ? 0.4046 0.3848 0.3988 -0.0028 -0.0111 -0.0019 9   G   A C6    
193 O O6    . G   A 9  ? 0.4159 0.3982 0.3870 -0.0155 -0.0093 0.0008  9   G   A O6    
194 N N1    . G   A 9  ? 0.3993 0.3969 0.3983 -0.0081 -0.0108 -0.0015 9   G   A N1    
195 C C2    . G   A 9  ? 0.4128 0.4098 0.4019 -0.0079 -0.0130 -0.0034 9   G   A C2    
196 N N2    . G   A 9  ? 0.4136 0.4141 0.4024 -0.0218 -0.0221 -0.0075 9   G   A N2    
197 N N3    . G   A 9  ? 0.4068 0.3916 0.4039 -0.0199 -0.0168 -0.0067 9   G   A N3    
198 C C4    . G   A 9  ? 0.4218 0.4045 0.3985 -0.0135 -0.0107 -0.0004 9   G   A C4    
199 P P     . U   A 10 ? 0.4348 0.4714 0.5011 0.0005  -0.0160 0.0391  10  U   A P     
200 O OP1   . U   A 10 ? 0.4154 0.4653 0.5325 0.0181  -0.0117 0.0537  10  U   A OP1   
201 O OP2   . U   A 10 ? 0.3884 0.4479 0.4873 0.0080  -0.0026 0.0503  10  U   A OP2   
202 O "O5'" . U   A 10 ? 0.4581 0.4904 0.5044 0.0052  -0.0043 0.0360  10  U   A "O5'" 
203 C "C5'" . U   A 10 ? 0.4797 0.4928 0.4881 0.0056  -0.0042 0.0093  10  U   A "C5'" 
204 C "C4'" . U   A 10 ? 0.4838 0.4953 0.4959 0.0010  0.0087  0.0086  10  U   A "C4'" 
205 O "O4'" . U   A 10 ? 0.4820 0.4954 0.4841 0.0031  0.0021  0.0125  10  U   A "O4'" 
206 C "C3'" . U   A 10 ? 0.4838 0.5005 0.4995 0.0064  0.0035  0.0092  10  U   A "C3'" 
207 O "O3'" . U   A 10 ? 0.5014 0.5185 0.5069 0.0059  0.0083  0.0135  10  U   A "O3'" 
208 C "C2'" . U   A 10 ? 0.4768 0.5006 0.4950 0.0100  0.0068  0.0031  10  U   A "C2'" 
209 O "O2'" . U   A 10 ? 0.4712 0.5467 0.4793 0.0169  0.0200  -0.0093 10  U   A "O2'" 
210 C "C1'" . U   A 10 ? 0.4716 0.4850 0.4877 0.0026  0.0070  0.0037  10  U   A "C1'" 
211 N N1    . U   A 10 ? 0.4520 0.4634 0.4694 0.0034  0.0070  0.0001  10  U   A N1    
212 C C2    . U   A 10 ? 0.4474 0.4524 0.4680 0.0110  0.0091  0.0021  10  U   A C2    
213 O O2    . U   A 10 ? 0.4638 0.4038 0.4857 0.0076  0.0256  -0.0052 10  U   A O2    
214 N N3    . U   A 10 ? 0.4434 0.4428 0.4839 0.0092  0.0059  0.0007  10  U   A N3    
215 C C4    . U   A 10 ? 0.4582 0.4638 0.4742 0.0051  0.0174  -0.0078 10  U   A C4    
216 O O4    . U   A 10 ? 0.4584 0.4524 0.4863 0.0019  0.0102  0.0061  10  U   A O4    
217 C C5    . U   A 10 ? 0.4624 0.4500 0.4731 0.0034  0.0168  -0.0040 10  U   A C5    
218 C C6    . U   A 10 ? 0.4563 0.4635 0.4774 0.0022  0.0160  0.0031  10  U   A C6    
219 P P     . C   A 11 ? 0.4946 0.5090 0.5150 0.0254  0.0040  0.0168  11  C   A P     
220 O OP1   . C   A 11 ? 0.5222 0.5443 0.5150 0.0186  -0.0015 0.0290  11  C   A OP1   
221 O OP2   . C   A 11 ? 0.4984 0.5433 0.5117 0.0137  0.0046  -0.0066 11  C   A OP2   
222 O "O5'" . C   A 11 ? 0.5057 0.5057 0.5021 0.0123  0.0020  0.0084  11  C   A "O5'" 
223 C "C5'" . C   A 11 ? 0.4924 0.5040 0.4917 0.0066  -0.0002 0.0047  11  C   A "C5'" 
224 C "C4'" . C   A 11 ? 0.4849 0.4841 0.4781 0.0137  0.0075  0.0069  11  C   A "C4'" 
225 O "O4'" . C   A 11 ? 0.4753 0.4808 0.4627 0.0091  0.0039  -0.0040 11  C   A "O4'" 
226 C "C3'" . C   A 11 ? 0.4787 0.4893 0.4820 0.0125  0.0058  0.0092  11  C   A "C3'" 
227 O "O3'" . C   A 11 ? 0.4571 0.4998 0.4769 0.0290  0.0025  0.0175  11  C   A "O3'" 
228 C "C2'" . C   A 11 ? 0.4694 0.4723 0.4703 0.0152  0.0018  0.0026  11  C   A "C2'" 
229 O "O2'" . C   A 11 ? 0.4665 0.4859 0.4508 0.0254  -0.0107 -0.0033 11  C   A "O2'" 
230 C "C1'" . C   A 11 ? 0.4694 0.4699 0.4670 0.0180  0.0035  -0.0049 11  C   A "C1'" 
231 N N1    . C   A 11 ? 0.4607 0.4643 0.4659 0.0344  0.0092  -0.0034 11  C   A N1    
232 C C2    . C   A 11 ? 0.4664 0.4550 0.4676 0.0222  0.0102  -0.0055 11  C   A C2    
233 O O2    . C   A 11 ? 0.4661 0.4382 0.4768 0.0338  0.0097  -0.0163 11  C   A O2    
234 N N3    . C   A 11 ? 0.4663 0.4609 0.4879 0.0267  0.0125  0.0051  11  C   A N3    
235 C C4    . C   A 11 ? 0.4648 0.4583 0.4758 0.0188  0.0131  -0.0080 11  C   A C4    
236 N N4    . C   A 11 ? 0.4531 0.4508 0.4566 0.0314  0.0181  -0.0170 11  C   A N4    
237 C C5    . C   A 11 ? 0.4672 0.4558 0.4762 0.0264  0.0130  -0.0073 11  C   A C5    
238 C C6    . C   A 11 ? 0.4495 0.4344 0.4550 0.0186  -0.0001 -0.0027 11  C   A C6    
239 P P     . C   A 12 ? 0.4907 0.5197 0.5057 0.0259  0.0133  0.0147  12  C   A P     
240 O OP1   . C   A 12 ? 0.4502 0.5226 0.4544 0.0347  -0.0196 0.0303  12  C   A OP1   
241 O OP2   . C   A 12 ? 0.4691 0.4899 0.4693 0.0289  -0.0058 -0.0166 12  C   A OP2   
242 O "O5'" . C   A 12 ? 0.4586 0.4924 0.4617 0.0247  0.0034  0.0114  12  C   A "O5'" 
243 C "C5'" . C   A 12 ? 0.4720 0.4699 0.4681 0.0126  0.0075  0.0073  12  C   A "C5'" 
244 C "C4'" . C   A 12 ? 0.4740 0.4673 0.4596 0.0104  0.0016  0.0096  12  C   A "C4'" 
245 O "O4'" . C   A 12 ? 0.4575 0.4517 0.4378 0.0188  -0.0033 0.0212  12  C   A "O4'" 
246 C "C3'" . C   A 12 ? 0.4693 0.4644 0.4440 0.0128  0.0047  0.0071  12  C   A "C3'" 
247 O "O3'" . C   A 12 ? 0.4982 0.4969 0.4588 0.0153  0.0061  0.0114  12  C   A "O3'" 
248 C "C2'" . C   A 12 ? 0.4605 0.4605 0.4422 0.0065  -0.0063 0.0022  12  C   A "C2'" 
249 O "O2'" . C   A 12 ? 0.4671 0.4720 0.4372 0.0033  0.0015  0.0068  12  C   A "O2'" 
250 C "C1'" . C   A 12 ? 0.4408 0.4316 0.4273 0.0154  -0.0024 0.0003  12  C   A "C1'" 
251 N N1    . C   A 12 ? 0.4344 0.4212 0.4179 0.0084  -0.0013 -0.0001 12  C   A N1    
252 C C2    . C   A 12 ? 0.4297 0.4121 0.4000 0.0073  0.0020  -0.0061 12  C   A C2    
253 O O2    . C   A 12 ? 0.4345 0.4315 0.3909 0.0110  -0.0055 0.0021  12  C   A O2    
254 N N3    . C   A 12 ? 0.4136 0.3963 0.3962 0.0121  -0.0042 -0.0041 12  C   A N3    
255 C C4    . C   A 12 ? 0.4151 0.4199 0.4149 0.0213  0.0026  -0.0041 12  C   A C4    
256 N N4    . C   A 12 ? 0.4292 0.4049 0.4107 0.0193  -0.0064 -0.0164 12  C   A N4    
257 C C5    . C   A 12 ? 0.4162 0.4226 0.3972 0.0050  0.0043  0.0043  12  C   A C5    
258 C C6    . C   A 12 ? 0.4077 0.4106 0.4106 0.0026  0.0039  0.0001  12  C   A C6    
259 P P     . U   A 13 ? 0.5268 0.5293 0.4856 0.0126  0.0154  0.0143  13  U   A P     
260 O OP1   . U   A 13 ? 0.5365 0.4995 0.4815 0.0333  -0.0045 -0.0175 13  U   A OP1   
261 O OP2   . U   A 13 ? 0.5148 0.5531 0.5128 0.0213  0.0211  0.0014  13  U   A OP2   
262 O "O5'" . U   A 13 ? 0.5257 0.5314 0.5344 0.0105  0.0054  0.0016  13  U   A "O5'" 
263 C "C5'" . U   A 13 ? 0.5195 0.5174 0.5212 0.0001  -0.0018 -0.0015 13  U   A "C5'" 
264 C "C4'" . U   A 13 ? 0.5174 0.5147 0.5134 -0.0008 0.0005  0.0043  13  U   A "C4'" 
265 O "O4'" . U   A 13 ? 0.5105 0.5151 0.4881 -0.0176 -0.0002 0.0107  13  U   A "O4'" 
266 C "C3'" . U   A 13 ? 0.5156 0.5121 0.4984 -0.0027 -0.0024 0.0031  13  U   A "C3'" 
267 O "O3'" . U   A 13 ? 0.5468 0.5218 0.5223 -0.0195 0.0149  -0.0174 13  U   A "O3'" 
268 C "C2'" . U   A 13 ? 0.5029 0.5071 0.4969 -0.0021 -0.0055 0.0022  13  U   A "C2'" 
269 O "O2'" . U   A 13 ? 0.5197 0.5182 0.5202 0.0062  0.0042  0.0096  13  U   A "O2'" 
270 C "C1'" . U   A 13 ? 0.5020 0.5100 0.4887 -0.0082 -0.0097 -0.0028 13  U   A "C1'" 
271 N N1    . U   A 13 ? 0.4868 0.5104 0.4811 -0.0119 -0.0231 -0.0047 13  U   A N1    
272 C C2    . U   A 13 ? 0.4887 0.4998 0.4719 -0.0138 -0.0335 -0.0097 13  U   A C2    
273 O O2    . U   A 13 ? 0.5008 0.5260 0.4800 -0.0261 -0.0310 -0.0189 13  U   A O2    
274 N N3    . U   A 13 ? 0.4749 0.4887 0.4461 -0.0139 -0.0293 -0.0124 13  U   A N3    
275 C C4    . U   A 13 ? 0.4800 0.5072 0.4595 -0.0138 -0.0299 -0.0139 13  U   A C4    
276 O O4    . U   A 13 ? 0.4764 0.5128 0.4670 -0.0191 -0.0285 -0.0213 13  U   A O4    
277 C C5    . U   A 13 ? 0.4839 0.5071 0.4663 -0.0138 -0.0216 -0.0099 13  U   A C5    
278 C C6    . U   A 13 ? 0.4845 0.5063 0.4773 -0.0110 -0.0259 -0.0059 13  U   A C6    
279 O "O5'" . G   B 1  ? 0.4489 0.4744 0.4443 -0.0003 -0.0035 0.0243  14  G   B "O5'" 
280 C "C5'" . G   B 1  ? 0.4254 0.4339 0.4257 -0.0068 0.0068  0.0167  14  G   B "C5'" 
281 C "C4'" . G   B 1  ? 0.4072 0.4111 0.4174 -0.0013 0.0064  0.0121  14  G   B "C4'" 
282 O "O4'" . G   B 1  ? 0.3952 0.4184 0.4123 -0.0046 0.0166  0.0089  14  G   B "O4'" 
283 C "C3'" . G   B 1  ? 0.4159 0.4084 0.4215 -0.0047 0.0051  0.0110  14  G   B "C3'" 
284 O "O3'" . G   B 1  ? 0.4558 0.3807 0.4281 0.0097  0.0135  0.0198  14  G   B "O3'" 
285 C "C2'" . G   B 1  ? 0.4072 0.4060 0.4123 0.0006  0.0037  0.0181  14  G   B "C2'" 
286 O "O2'" . G   B 1  ? 0.3506 0.4117 0.4416 -0.0060 -0.0115 0.0179  14  G   B "O2'" 
287 C "C1'" . G   B 1  ? 0.3895 0.4014 0.4056 0.0027  0.0048  0.0028  14  G   B "C1'" 
288 N N9    . G   B 1  ? 0.3930 0.3877 0.4110 -0.0020 0.0094  0.0010  14  G   B N9    
289 C C8    . G   B 1  ? 0.3778 0.3982 0.4094 0.0043  0.0003  -0.0022 14  G   B C8    
290 N N7    . G   B 1  ? 0.3643 0.3935 0.3794 0.0114  0.0039  -0.0015 14  G   B N7    
291 C C5    . G   B 1  ? 0.3884 0.3942 0.4029 0.0074  0.0089  -0.0096 14  G   B C5    
292 C C6    . G   B 1  ? 0.3885 0.3856 0.3940 0.0115  0.0198  -0.0122 14  G   B C6    
293 O O6    . G   B 1  ? 0.3897 0.3931 0.4086 0.0034  0.0122  -0.0154 14  G   B O6    
294 N N1    . G   B 1  ? 0.3791 0.3837 0.3923 0.0079  0.0047  -0.0023 14  G   B N1    
295 C C2    . G   B 1  ? 0.3834 0.3880 0.3931 0.0071  0.0053  -0.0043 14  G   B C2    
296 N N2    . G   B 1  ? 0.3745 0.3863 0.3923 0.0054  0.0072  -0.0110 14  G   B N2    
297 N N3    . G   B 1  ? 0.3873 0.3862 0.4218 0.0145  0.0131  -0.0064 14  G   B N3    
298 C C4    . G   B 1  ? 0.3878 0.3711 0.3912 -0.0007 0.0045  -0.0081 14  G   B C4    
299 P P     . G   B 2  ? 0.4794 0.3908 0.4400 -0.0046 0.0208  0.0088  15  G   B P     
300 O OP1   . G   B 2  ? 0.4840 0.3672 0.4565 -0.0117 0.0108  -0.0042 15  G   B OP1   
301 O OP2   . G   B 2  ? 0.4789 0.3795 0.4561 0.0062  0.0215  0.0134  15  G   B OP2   
302 O "O5'" . G   B 2  ? 0.4476 0.3787 0.4287 0.0062  0.0143  -0.0102 15  G   B "O5'" 
303 C "C5'" . G   B 2  ? 0.4544 0.4159 0.4327 0.0024  0.0093  -0.0036 15  G   B "C5'" 
304 C "C4'" . G   B 2  ? 0.4577 0.4224 0.4429 0.0038  0.0025  -0.0049 15  G   B "C4'" 
305 O "O4'" . G   B 2  ? 0.4513 0.4273 0.4456 0.0206  0.0053  -0.0064 15  G   B "O4'" 
306 C "C3'" . G   B 2  ? 0.4521 0.4195 0.4321 -0.0003 0.0068  -0.0014 15  G   B "C3'" 
307 O "O3'" . G   B 2  ? 0.4689 0.4374 0.4469 -0.0002 -0.0056 -0.0156 15  G   B "O3'" 
308 C "C2'" . G   B 2  ? 0.4490 0.4313 0.4537 0.0001  -0.0011 -0.0054 15  G   B "C2'" 
309 O "O2'" . G   B 2  ? 0.4417 0.4211 0.4760 -0.0089 0.0036  -0.0029 15  G   B "O2'" 
310 C "C1'" . G   B 2  ? 0.4340 0.4199 0.4253 0.0176  0.0076  -0.0107 15  G   B "C1'" 
311 N N9    . G   B 2  ? 0.4419 0.4100 0.4143 0.0115  0.0118  -0.0136 15  G   B N9    
312 C C8    . G   B 2  ? 0.4236 0.4113 0.4167 0.0157  0.0106  -0.0081 15  G   B C8    
313 N N7    . G   B 2  ? 0.4304 0.4091 0.4103 0.0287  0.0120  0.0003  15  G   B N7    
314 C C5    . G   B 2  ? 0.4347 0.4006 0.4101 0.0175  0.0171  -0.0196 15  G   B C5    
315 C C6    . G   B 2  ? 0.4244 0.4155 0.4182 0.0238  0.0133  -0.0112 15  G   B C6    
316 O O6    . G   B 2  ? 0.4394 0.4229 0.4319 0.0144  0.0066  -0.0120 15  G   B O6    
317 N N1    . G   B 2  ? 0.4210 0.4094 0.4082 0.0157  0.0212  -0.0205 15  G   B N1    
318 C C2    . G   B 2  ? 0.4338 0.4246 0.4155 0.0237  0.0143  -0.0145 15  G   B C2    
319 N N2    . G   B 2  ? 0.4368 0.4265 0.4143 0.0221  0.0120  -0.0112 15  G   B N2    
320 N N3    . G   B 2  ? 0.4444 0.4225 0.4229 0.0165  0.0160  -0.0106 15  G   B N3    
321 C C4    . G   B 2  ? 0.4311 0.4091 0.4143 0.0264  0.0120  -0.0059 15  G   B C4    
322 P P     . A   B 3  ? 0.4630 0.4213 0.4601 0.0006  -0.0112 -0.0168 16  A   B P     
323 O OP1   . A   B 3  ? 0.4659 0.4107 0.4597 -0.0083 -0.0093 -0.0336 16  A   B OP1   
324 O OP2   . A   B 3  ? 0.4498 0.4289 0.4716 0.0053  -0.0069 -0.0069 16  A   B OP2   
325 O "O5'" . A   B 3  ? 0.4213 0.4183 0.4356 -0.0008 -0.0054 -0.0135 16  A   B "O5'" 
326 C "C5'" . A   B 3  ? 0.4353 0.4284 0.4292 0.0046  0.0073  -0.0142 16  A   B "C5'" 
327 C "C4'" . A   B 3  ? 0.4277 0.4326 0.4322 -0.0026 0.0016  -0.0012 16  A   B "C4'" 
328 O "O4'" . A   B 3  ? 0.4191 0.4229 0.4246 0.0046  0.0157  -0.0102 16  A   B "O4'" 
329 C "C3'" . A   B 3  ? 0.4276 0.4144 0.4152 -0.0020 0.0041  -0.0111 16  A   B "C3'" 
330 O "O3'" . A   B 3  ? 0.4198 0.4470 0.4246 -0.0051 0.0015  -0.0116 16  A   B "O3'" 
331 C "C2'" . A   B 3  ? 0.4195 0.4274 0.4052 -0.0061 0.0069  -0.0086 16  A   B "C2'" 
332 O "O2'" . A   B 3  ? 0.4364 0.4216 0.4084 -0.0086 0.0136  -0.0027 16  A   B "O2'" 
333 C "C1'" . A   B 3  ? 0.4147 0.4084 0.4135 -0.0069 0.0058  0.0004  16  A   B "C1'" 
334 N N9    . A   B 3  ? 0.4065 0.4083 0.3997 -0.0173 0.0007  -0.0012 16  A   B N9    
335 C C8    . A   B 3  ? 0.3951 0.4000 0.3936 -0.0062 0.0102  -0.0023 16  A   B C8    
336 N N7    . A   B 3  ? 0.4122 0.4102 0.3818 -0.0126 0.0033  -0.0102 16  A   B N7    
337 C C5    . A   B 3  ? 0.4047 0.3877 0.3977 -0.0165 0.0041  -0.0090 16  A   B C5    
338 C C6    . A   B 3  ? 0.4046 0.3922 0.3962 0.0005  0.0115  -0.0137 16  A   B C6    
339 N N6    . A   B 3  ? 0.3883 0.3784 0.3945 0.0006  0.0008  0.0008  16  A   B N6    
340 N N1    . A   B 3  ? 0.4051 0.3917 0.4035 -0.0134 0.0009  0.0056  16  A   B N1    
341 C C2    . A   B 3  ? 0.4076 0.4008 0.4050 -0.0066 0.0025  0.0076  16  A   B C2    
342 N N3    . A   B 3  ? 0.4094 0.4143 0.4154 -0.0160 -0.0025 0.0093  16  A   B N3    
343 C C4    . A   B 3  ? 0.4080 0.4160 0.3942 -0.0096 0.0039  0.0054  16  A   B C4    
344 P P     . C   B 4  ? 0.4249 0.4290 0.4147 -0.0140 0.0189  -0.0274 17  C   B P     
345 O OP1   . C   B 4  ? 0.4332 0.4071 0.4373 0.0027  0.0152  -0.0201 17  C   B OP1   
346 O OP2   . C   B 4  ? 0.4065 0.3984 0.4081 -0.0197 0.0066  0.0150  17  C   B OP2   
347 O "O5'" . C   B 4  ? 0.4221 0.4358 0.4217 -0.0194 0.0033  -0.0064 17  C   B "O5'" 
348 C "C5'" . C   B 4  ? 0.4478 0.4454 0.4423 -0.0060 0.0072  -0.0113 17  C   B "C5'" 
349 C "C4'" . C   B 4  ? 0.4526 0.4333 0.4481 -0.0136 0.0000  -0.0079 17  C   B "C4'" 
350 O "O4'" . C   B 4  ? 0.4531 0.4546 0.4363 -0.0160 -0.0034 -0.0203 17  C   B "O4'" 
351 C "C3'" . C   B 4  ? 0.4358 0.4276 0.4346 -0.0071 -0.0002 -0.0082 17  C   B "C3'" 
352 O "O3'" . C   B 4  ? 0.4159 0.4081 0.4066 -0.0062 -0.0072 -0.0082 17  C   B "O3'" 
353 C "C2'" . C   B 4  ? 0.4401 0.4301 0.4333 -0.0055 -0.0048 -0.0135 17  C   B "C2'" 
354 O "O2'" . C   B 4  ? 0.4545 0.4751 0.4509 -0.0097 0.0112  -0.0163 17  C   B "O2'" 
355 C "C1'" . C   B 4  ? 0.4200 0.4134 0.4270 -0.0134 -0.0031 -0.0168 17  C   B "C1'" 
356 N N1    . C   B 4  ? 0.4222 0.3823 0.4277 -0.0077 -0.0019 -0.0219 17  C   B N1    
357 C C2    . C   B 4  ? 0.4110 0.3732 0.4299 -0.0208 -0.0167 -0.0161 17  C   B C2    
358 O O2    . C   B 4  ? 0.4110 0.3574 0.4185 -0.0315 -0.0152 -0.0151 17  C   B O2    
359 N N3    . C   B 4  ? 0.4374 0.3644 0.4285 -0.0358 -0.0049 -0.0175 17  C   B N3    
360 C C4    . C   B 4  ? 0.4119 0.4002 0.4311 -0.0128 0.0042  -0.0162 17  C   B C4    
361 N N4    . C   B 4  ? 0.3883 0.3763 0.4124 0.0023  0.0015  -0.0231 17  C   B N4    
362 C C5    . C   B 4  ? 0.4174 0.3791 0.4240 -0.0233 -0.0092 -0.0132 17  C   B C5    
363 C C6    . C   B 4  ? 0.4189 0.3738 0.4087 -0.0057 0.0030  -0.0152 17  C   B C6    
364 P P     . G   B 5  ? 0.4438 0.3985 0.4227 -0.0135 -0.0087 -0.0201 18  G   B P     
365 O OP1   . G   B 5  ? 0.5083 0.4133 0.4271 -0.0296 -0.0081 -0.0382 18  G   B OP1   
366 O OP2   . G   B 5  ? 0.4804 0.3955 0.4562 -0.0050 -0.0012 -0.0131 18  G   B OP2   
367 O "O5'" . G   B 5  ? 0.4158 0.3966 0.4018 0.0044  0.0004  -0.0066 18  G   B "O5'" 
368 C "C5'" . G   B 5  ? 0.3925 0.3991 0.3897 -0.0005 -0.0001 -0.0046 18  G   B "C5'" 
369 C "C4'" . G   B 5  ? 0.3861 0.3879 0.3814 0.0000  0.0019  -0.0004 18  G   B "C4'" 
370 O "O4'" . G   B 5  ? 0.3613 0.4099 0.3770 -0.0205 0.0008  0.0099  18  G   B "O4'" 
371 C "C3'" . G   B 5  ? 0.3902 0.3986 0.3839 -0.0004 -0.0057 0.0046  18  G   B "C3'" 
372 O "O3'" . G   B 5  ? 0.4300 0.4332 0.4126 0.0003  -0.0024 -0.0085 18  G   B "O3'" 
373 C "C2'" . G   B 5  ? 0.3763 0.3864 0.3710 0.0026  -0.0040 0.0000  18  G   B "C2'" 
374 O "O2'" . G   B 5  ? 0.3993 0.4251 0.3739 -0.0008 -0.0091 0.0150  18  G   B "O2'" 
375 C "C1'" . G   B 5  ? 0.3682 0.3744 0.3629 -0.0051 -0.0090 0.0009  18  G   B "C1'" 
376 N N9    . G   B 5  ? 0.3470 0.3691 0.3604 -0.0084 -0.0079 -0.0088 18  G   B N9    
377 C C8    . G   B 5  ? 0.3565 0.3855 0.3655 -0.0129 -0.0136 -0.0148 18  G   B C8    
378 N N7    . G   B 5  ? 0.3595 0.3892 0.3697 -0.0087 -0.0127 0.0068  18  G   B N7    
379 C C5    . G   B 5  ? 0.3382 0.3733 0.3546 -0.0072 -0.0125 -0.0037 18  G   B C5    
380 C C6    . G   B 5  ? 0.3402 0.3749 0.3687 -0.0071 -0.0153 0.0128  18  G   B C6    
381 O O6    . G   B 5  ? 0.3405 0.3929 0.3616 -0.0028 -0.0284 -0.0244 18  G   B O6    
382 N N1    . G   B 5  ? 0.3520 0.3806 0.3878 -0.0093 -0.0064 -0.0057 18  G   B N1    
383 C C2    . G   B 5  ? 0.3516 0.3853 0.3622 -0.0092 -0.0120 -0.0021 18  G   B C2    
384 N N2    . G   B 5  ? 0.3462 0.3896 0.3736 -0.0152 -0.0099 -0.0063 18  G   B N2    
385 N N3    . G   B 5  ? 0.3113 0.3611 0.3760 0.0107  -0.0234 -0.0003 18  G   B N3    
386 C C4    . G   B 5  ? 0.3345 0.3644 0.3821 0.0017  -0.0203 0.0057  18  G   B C4    
387 P P     . M2G B 6  ? 0.4776 0.4489 0.4745 -0.0085 -0.0058 -0.0111 19  M2G B P     
388 O OP1   . M2G B 6  ? 0.4946 0.4759 0.4789 0.0017  0.0053  -0.0123 19  M2G B OP1   
389 O OP2   . M2G B 6  ? 0.4587 0.4450 0.4467 -0.0039 0.0026  -0.0154 19  M2G B OP2   
390 O "O5'" . M2G B 6  ? 0.4621 0.4561 0.4614 0.0068  -0.0018 -0.0060 19  M2G B "O5'" 
391 C "C5'" . M2G B 6  ? 0.4659 0.4500 0.4585 0.0005  -0.0005 0.0001  19  M2G B "C5'" 
392 C "C4'" . M2G B 6  ? 0.4633 0.4550 0.4567 0.0002  -0.0054 -0.0157 19  M2G B "C4'" 
393 O "O4'" . M2G B 6  ? 0.4675 0.4683 0.4519 -0.0154 -0.0184 -0.0138 19  M2G B "O4'" 
394 C "C3'" . M2G B 6  ? 0.4689 0.4525 0.4567 -0.0057 -0.0028 -0.0097 19  M2G B "C3'" 
395 O "O3'" . M2G B 6  ? 0.4717 0.4765 0.4581 0.0033  0.0138  -0.0062 19  M2G B "O3'" 
396 C "C2'" . M2G B 6  ? 0.4433 0.4543 0.4316 0.0036  -0.0026 -0.0044 19  M2G B "C2'" 
397 O "O2'" . M2G B 6  ? 0.4555 0.4583 0.4330 -0.0191 -0.0083 0.0063  19  M2G B "O2'" 
398 C "C1'" . M2G B 6  ? 0.4367 0.4379 0.4229 -0.0069 -0.0077 -0.0106 19  M2G B "C1'" 
399 N N9    . M2G B 6  ? 0.4220 0.4384 0.4206 -0.0045 -0.0054 -0.0105 19  M2G B N9    
400 C C8    . M2G B 6  ? 0.4253 0.4357 0.4147 -0.0129 -0.0079 -0.0101 19  M2G B C8    
401 N N7    . M2G B 6  ? 0.4199 0.4405 0.4148 -0.0106 -0.0024 -0.0130 19  M2G B N7    
402 C C5    . M2G B 6  ? 0.4231 0.4356 0.4252 -0.0083 0.0000  -0.0131 19  M2G B C5    
403 C C6    . M2G B 6  ? 0.4162 0.4177 0.4037 0.0001  -0.0091 -0.0115 19  M2G B C6    
404 O O6    . M2G B 6  ? 0.4052 0.4069 0.4063 -0.0111 -0.0139 -0.0095 19  M2G B O6    
405 N N1    . M2G B 6  ? 0.4141 0.4132 0.4050 -0.0048 -0.0019 -0.0134 19  M2G B N1    
406 C C2    . M2G B 6  ? 0.4216 0.4173 0.4134 -0.0053 -0.0034 -0.0135 19  M2G B C2    
407 N N2    . M2G B 6  ? 0.4180 0.4317 0.4176 -0.0071 -0.0025 -0.0106 19  M2G B N2    
408 N N3    . M2G B 6  ? 0.4172 0.4220 0.4118 -0.0011 -0.0099 0.0018  19  M2G B N3    
409 C C4    . M2G B 6  ? 0.4228 0.4326 0.4109 -0.0086 -0.0044 -0.0090 19  M2G B C4    
410 C CM1   . M2G B 6  ? 0.4222 0.4332 0.4138 -0.0091 -0.0035 -0.0079 19  M2G B CM1   
411 C CM2   . M2G B 6  ? 0.4196 0.4313 0.4147 -0.0093 -0.0044 -0.0066 19  M2G B CM2   
412 P P     . A   B 7  ? 0.4828 0.5025 0.5140 0.0114  0.0046  -0.0130 20  A   B P     
413 O OP1   . A   B 7  ? 0.5043 0.5071 0.4999 0.0049  0.0108  -0.0236 20  A   B OP1   
414 O OP2   . A   B 7  ? 0.4877 0.4846 0.4939 0.0018  0.0029  0.0002  20  A   B OP2   
415 O "O5'" . A   B 7  ? 0.5064 0.4954 0.5333 0.0151  0.0091  -0.0523 20  A   B "O5'" 
416 C "C5'" . A   B 7  ? 0.4754 0.4731 0.4824 -0.0001 -0.0009 -0.0043 20  A   B "C5'" 
417 C "C4'" . A   B 7  ? 0.4971 0.4933 0.4987 0.0035  0.0061  -0.0067 20  A   B "C4'" 
418 O "O4'" . A   B 7  ? 0.5000 0.4907 0.4874 0.0079  0.0112  -0.0055 20  A   B "O4'" 
419 C "C3'" . A   B 7  ? 0.4841 0.4957 0.4994 0.0101  0.0112  -0.0042 20  A   B "C3'" 
420 O "O3'" . A   B 7  ? 0.4800 0.5153 0.5067 0.0121  0.0072  -0.0070 20  A   B "O3'" 
421 C "C2'" . A   B 7  ? 0.4859 0.4950 0.4909 0.0032  0.0027  -0.0002 20  A   B "C2'" 
422 O "O2'" . A   B 7  ? 0.4960 0.5132 0.4869 -0.0084 0.0197  -0.0013 20  A   B "O2'" 
423 C "C1'" . A   B 7  ? 0.4974 0.4740 0.4966 0.0080  0.0030  0.0020  20  A   B "C1'" 
424 N N9    . A   B 7  ? 0.4906 0.4674 0.4978 0.0078  0.0030  0.0046  20  A   B N9    
425 C C8    . A   B 7  ? 0.4921 0.4676 0.4990 0.0076  -0.0052 0.0037  20  A   B C8    
426 N N7    . A   B 7  ? 0.4749 0.4641 0.4698 0.0093  -0.0042 0.0019  20  A   B N7    
427 C C5    . A   B 7  ? 0.4957 0.4634 0.5042 0.0114  0.0013  0.0191  20  A   B C5    
428 C C6    . A   B 7  ? 0.4941 0.4585 0.4969 0.0190  0.0030  0.0042  20  A   B C6    
429 N N6    . A   B 7  ? 0.4987 0.4699 0.5060 0.0140  0.0060  0.0107  20  A   B N6    
430 N N1    . A   B 7  ? 0.4842 0.4549 0.4980 0.0029  0.0010  0.0027  20  A   B N1    
431 C C2    . A   B 7  ? 0.4896 0.4583 0.4913 0.0095  -0.0050 0.0012  20  A   B C2    
432 N N3    . A   B 7  ? 0.4693 0.4553 0.4868 0.0125  -0.0009 0.0117  20  A   B N3    
433 C C4    . A   B 7  ? 0.4907 0.4567 0.4976 0.0092  0.0032  0.0148  20  A   B C4    
434 P P     . C   B 8  ? 0.4686 0.5371 0.4925 0.0344  -0.0019 0.0085  21  C   B P     
435 O OP1   . C   B 8  ? 0.4698 0.5416 0.4827 0.0354  0.0121  -0.0114 21  C   B OP1   
436 O OP2   . C   B 8  ? 0.4467 0.5536 0.4904 0.0307  0.0074  0.0001  21  C   B OP2   
437 O "O5'" . C   B 8  ? 0.4593 0.5295 0.4914 0.0210  0.0029  -0.0051 21  C   B "O5'" 
438 C "C5'" . C   B 8  ? 0.4764 0.4936 0.4837 0.0036  0.0065  0.0009  21  C   B "C5'" 
439 C "C4'" . C   B 8  ? 0.4623 0.4794 0.4778 0.0027  0.0044  0.0018  21  C   B "C4'" 
440 O "O4'" . C   B 8  ? 0.4434 0.4712 0.4791 -0.0003 0.0036  0.0159  21  C   B "O4'" 
441 C "C3'" . C   B 8  ? 0.4573 0.4744 0.4569 0.0005  0.0039  0.0075  21  C   B "C3'" 
442 O "O3'" . C   B 8  ? 0.4507 0.5060 0.4668 0.0297  0.0153  -0.0063 21  C   B "O3'" 
443 C "C2'" . C   B 8  ? 0.4378 0.4637 0.4567 -0.0002 0.0051  0.0073  21  C   B "C2'" 
444 O "O2'" . C   B 8  ? 0.4866 0.4795 0.4722 -0.0005 0.0085  0.0088  21  C   B "O2'" 
445 C "C1'" . C   B 8  ? 0.4239 0.4431 0.4367 -0.0039 0.0066  0.0107  21  C   B "C1'" 
446 N N1    . C   B 8  ? 0.4069 0.4234 0.4288 0.0011  0.0003  0.0173  21  C   B N1    
447 C C2    . C   B 8  ? 0.3951 0.4189 0.3997 0.0010  0.0103  0.0166  21  C   B C2    
448 O O2    . C   B 8  ? 0.3840 0.4093 0.4092 -0.0061 -0.0067 0.0331  21  C   B O2    
449 N N3    . C   B 8  ? 0.3994 0.4314 0.3980 -0.0211 0.0090  0.0017  21  C   B N3    
450 C C4    . C   B 8  ? 0.4144 0.4373 0.4248 -0.0081 0.0140  0.0053  21  C   B C4    
451 N N4    . C   B 8  ? 0.3816 0.4181 0.4180 -0.0064 -0.0064 -0.0013 21  C   B N4    
452 C C5    . C   B 8  ? 0.3955 0.4341 0.4117 -0.0026 0.0137  0.0063  21  C   B C5    
453 C C6    . C   B 8  ? 0.4052 0.4242 0.4059 0.0051  0.0071  0.0056  21  C   B C6    
454 P P     . G   B 9  ? 0.4452 0.4969 0.4400 0.0099  0.0169  -0.0172 22  G   B P     
455 O OP1   . G   B 9  ? 0.5070 0.5401 0.4660 0.0307  0.0054  -0.0101 22  G   B OP1   
456 O OP2   . G   B 9  ? 0.4801 0.5258 0.4460 0.0272  0.0187  -0.0281 22  G   B OP2   
457 O "O5'" . G   B 9  ? 0.4555 0.4933 0.4520 0.0003  0.0049  -0.0268 22  G   B "O5'" 
458 C "C5'" . G   B 9  ? 0.4445 0.4663 0.4362 0.0076  -0.0006 0.0019  22  G   B "C5'" 
459 C "C4'" . G   B 9  ? 0.4252 0.4280 0.4188 0.0063  0.0032  0.0050  22  G   B "C4'" 
460 O "O4'" . G   B 9  ? 0.4169 0.4182 0.4129 -0.0068 -0.0033 0.0125  22  G   B "O4'" 
461 C "C3'" . G   B 9  ? 0.4154 0.4081 0.4110 0.0011  0.0082  0.0045  22  G   B "C3'" 
462 O "O3'" . G   B 9  ? 0.4293 0.4017 0.4093 0.0047  0.0201  -0.0021 22  G   B "O3'" 
463 C "C2'" . G   B 9  ? 0.4057 0.3977 0.4022 -0.0047 0.0038  0.0084  22  G   B "C2'" 
464 O "O2'" . G   B 9  ? 0.3919 0.3560 0.3731 -0.0098 -0.0033 0.0084  22  G   B "O2'" 
465 C "C1'" . G   B 9  ? 0.3994 0.4040 0.3945 -0.0074 -0.0043 0.0048  22  G   B "C1'" 
466 N N9    . G   B 9  ? 0.4032 0.4004 0.3906 -0.0101 -0.0021 0.0077  22  G   B N9    
467 C C8    . G   B 9  ? 0.4090 0.4188 0.3892 -0.0116 0.0011  -0.0019 22  G   B C8    
468 N N7    . G   B 9  ? 0.3814 0.4054 0.3870 -0.0145 -0.0004 -0.0010 22  G   B N7    
469 C C5    . G   B 9  ? 0.4099 0.4014 0.4102 -0.0183 -0.0083 -0.0001 22  G   B C5    
470 C C6    . G   B 9  ? 0.3939 0.3987 0.4048 -0.0244 -0.0136 0.0028  22  G   B C6    
471 O O6    . G   B 9  ? 0.4052 0.3960 0.3871 -0.0245 -0.0021 0.0088  22  G   B O6    
472 N N1    . G   B 9  ? 0.3953 0.4137 0.3869 -0.0212 -0.0092 0.0027  22  G   B N1    
473 C C2    . G   B 9  ? 0.4056 0.4172 0.4062 -0.0209 -0.0055 0.0002  22  G   B C2    
474 N N2    . G   B 9  ? 0.3977 0.4143 0.3832 -0.0137 -0.0002 0.0009  22  G   B N2    
475 N N3    . G   B 9  ? 0.3947 0.4013 0.4074 -0.0162 -0.0066 0.0057  22  G   B N3    
476 C C4    . G   B 9  ? 0.4006 0.4053 0.3866 -0.0156 -0.0134 0.0053  22  G   B C4    
477 P P     . U   B 10 ? 0.4317 0.4121 0.4401 -0.0061 0.0190  -0.0081 23  U   B P     
478 O OP1   . U   B 10 ? 0.4782 0.3992 0.4369 -0.0127 0.0230  -0.0020 23  U   B OP1   
479 O OP2   . U   B 10 ? 0.4676 0.3745 0.4165 0.0034  0.0305  -0.0121 23  U   B OP2   
480 O "O5'" . U   B 10 ? 0.4471 0.4315 0.4235 -0.0072 -0.0037 -0.0052 23  U   B "O5'" 
481 C "C5'" . U   B 10 ? 0.4280 0.4112 0.4183 -0.0073 -0.0042 0.0018  23  U   B "C5'" 
482 C "C4'" . U   B 10 ? 0.4361 0.4092 0.4064 -0.0077 -0.0108 0.0006  23  U   B "C4'" 
483 O "O4'" . U   B 10 ? 0.4221 0.4002 0.3884 -0.0143 -0.0277 -0.0058 23  U   B "O4'" 
484 C "C3'" . U   B 10 ? 0.4312 0.4067 0.4182 -0.0075 -0.0105 0.0115  23  U   B "C3'" 
485 O "O3'" . U   B 10 ? 0.4575 0.4155 0.4133 0.0055  -0.0268 0.0229  23  U   B "O3'" 
486 C "C2'" . U   B 10 ? 0.4388 0.4033 0.4076 -0.0081 -0.0090 0.0029  23  U   B "C2'" 
487 O "O2'" . U   B 10 ? 0.4643 0.4001 0.4175 -0.0173 0.0027  0.0141  23  U   B "O2'" 
488 C "C1'" . U   B 10 ? 0.4225 0.3962 0.3953 -0.0116 -0.0152 0.0080  23  U   B "C1'" 
489 N N1    . U   B 10 ? 0.4080 0.4010 0.3945 -0.0132 -0.0201 -0.0073 23  U   B N1    
490 C C2    . U   B 10 ? 0.3971 0.4036 0.3927 -0.0134 -0.0258 -0.0018 23  U   B C2    
491 O O2    . U   B 10 ? 0.4042 0.4004 0.4054 0.0027  -0.0208 -0.0054 23  U   B O2    
492 N N3    . U   B 10 ? 0.3891 0.3743 0.3716 -0.0219 -0.0253 -0.0146 23  U   B N3    
493 C C4    . U   B 10 ? 0.3890 0.3740 0.3820 -0.0265 -0.0246 0.0105  23  U   B C4    
494 O O4    . U   B 10 ? 0.4176 0.3940 0.4006 -0.0244 -0.0220 -0.0095 23  U   B O4    
495 C C5    . U   B 10 ? 0.4124 0.3883 0.3957 -0.0121 -0.0180 0.0062  23  U   B C5    
496 C C6    . U   B 10 ? 0.3907 0.3999 0.3799 -0.0156 -0.0247 -0.0020 23  U   B C6    
497 P P     . C   B 11 ? 0.4439 0.4070 0.4177 0.0086  -0.0206 0.0267  24  C   B P     
498 O OP1   . C   B 11 ? 0.4256 0.3962 0.4147 0.0165  -0.0380 0.0110  24  C   B OP1   
499 O OP2   . C   B 11 ? 0.4606 0.3951 0.3441 0.0194  -0.0316 0.0303  24  C   B OP2   
500 O "O5'" . C   B 11 ? 0.4279 0.4078 0.3939 0.0042  -0.0220 0.0257  24  C   B "O5'" 
501 C "C5'" . C   B 11 ? 0.4342 0.4324 0.4294 0.0030  -0.0123 0.0025  24  C   B "C5'" 
502 C "C4'" . C   B 11 ? 0.4299 0.4327 0.4162 -0.0089 -0.0192 0.0007  24  C   B "C4'" 
503 O "O4'" . C   B 11 ? 0.4157 0.3981 0.4247 -0.0208 -0.0300 -0.0058 24  C   B "O4'" 
504 C "C3'" . C   B 11 ? 0.4363 0.4263 0.4134 -0.0106 -0.0134 -0.0054 24  C   B "C3'" 
505 O "O3'" . C   B 11 ? 0.4441 0.4394 0.3840 -0.0170 -0.0162 0.0094  24  C   B "O3'" 
506 C "C2'" . C   B 11 ? 0.4133 0.4131 0.3971 -0.0124 -0.0197 -0.0037 24  C   B "C2'" 
507 O "O2'" . C   B 11 ? 0.4342 0.4187 0.3726 -0.0170 -0.0035 -0.0022 24  C   B "O2'" 
508 C "C1'" . C   B 11 ? 0.4137 0.4033 0.4047 -0.0057 -0.0255 -0.0068 24  C   B "C1'" 
509 N N1    . C   B 11 ? 0.3975 0.3852 0.4062 -0.0120 -0.0267 -0.0192 24  C   B N1    
510 C C2    . C   B 11 ? 0.3900 0.3959 0.4147 0.0012  -0.0341 -0.0165 24  C   B C2    
511 O O2    . C   B 11 ? 0.3831 0.3954 0.4258 -0.0178 -0.0302 -0.0305 24  C   B O2    
512 N N3    . C   B 11 ? 0.3682 0.3816 0.3953 -0.0097 -0.0484 -0.0149 24  C   B N3    
513 C C4    . C   B 11 ? 0.4013 0.3979 0.4081 -0.0082 -0.0269 -0.0094 24  C   B C4    
514 N N4    . C   B 11 ? 0.4008 0.3868 0.3994 -0.0165 -0.0347 -0.0156 24  C   B N4    
515 C C5    . C   B 11 ? 0.3998 0.4053 0.3996 -0.0170 -0.0278 -0.0142 24  C   B C5    
516 C C6    . C   B 11 ? 0.4019 0.3928 0.4084 -0.0134 -0.0256 -0.0143 24  C   B C6    
517 P P     . C   B 12 ? 0.4195 0.4574 0.3951 -0.0028 -0.0212 0.0026  25  C   B P     
518 O OP1   . C   B 12 ? 0.4215 0.4354 0.3800 -0.0009 -0.0127 0.0278  25  C   B OP1   
519 O OP2   . C   B 12 ? 0.4265 0.4755 0.4082 -0.0220 -0.0108 0.0150  25  C   B OP2   
520 O "O5'" . C   B 12 ? 0.4196 0.4351 0.3740 0.0034  -0.0087 0.0073  25  C   B "O5'" 
521 C "C5'" . C   B 12 ? 0.4011 0.4164 0.3851 -0.0071 -0.0072 -0.0044 25  C   B "C5'" 
522 C "C4'" . C   B 12 ? 0.4008 0.4076 0.3869 -0.0043 -0.0027 0.0083  25  C   B "C4'" 
523 O "O4'" . C   B 12 ? 0.4217 0.3702 0.3752 -0.0073 0.0122  -0.0122 25  C   B "O4'" 
524 C "C3'" . C   B 12 ? 0.3907 0.3843 0.3667 -0.0036 -0.0044 0.0037  25  C   B "C3'" 
525 O "O3'" . C   B 12 ? 0.3873 0.4090 0.4090 -0.0027 -0.0166 0.0016  25  C   B "O3'" 
526 C "C2'" . C   B 12 ? 0.3937 0.3961 0.3906 -0.0089 -0.0004 0.0012  25  C   B "C2'" 
527 O "O2'" . C   B 12 ? 0.3819 0.4244 0.3900 -0.0054 -0.0246 0.0170  25  C   B "O2'" 
528 C "C1'" . C   B 12 ? 0.3922 0.3766 0.3571 -0.0051 -0.0020 0.0061  25  C   B "C1'" 
529 N N1    . C   B 12 ? 0.3753 0.3781 0.3381 -0.0129 0.0098  0.0120  25  C   B N1    
530 C C2    . C   B 12 ? 0.3676 0.3756 0.3450 0.0047  0.0015  0.0125  25  C   B C2    
531 O O2    . C   B 12 ? 0.3296 0.3803 0.3090 -0.0046 0.0055  0.0061  25  C   B O2    
532 N N3    . C   B 12 ? 0.3732 0.3689 0.3157 -0.0126 -0.0063 0.0224  25  C   B N3    
533 C C4    . C   B 12 ? 0.3789 0.3895 0.3493 -0.0197 0.0003  0.0106  25  C   B C4    
534 N N4    . C   B 12 ? 0.3819 0.3928 0.3301 -0.0167 0.0100  0.0146  25  C   B N4    
535 C C5    . C   B 12 ? 0.3767 0.3924 0.3422 -0.0054 0.0003  0.0069  25  C   B C5    
536 C C6    . C   B 12 ? 0.3853 0.3646 0.3333 -0.0175 -0.0023 0.0121  25  C   B C6    
537 P P     . U   B 13 ? 0.4308 0.4184 0.4213 -0.0179 0.0185  -0.0238 26  U   B P     
538 O OP1   . U   B 13 ? 0.3896 0.4000 0.4361 -0.0170 0.0071  -0.0304 26  U   B OP1   
539 O OP2   . U   B 13 ? 0.4238 0.4212 0.3904 -0.0227 0.0279  -0.0182 26  U   B OP2   
540 O "O5'" . U   B 13 ? 0.4056 0.4209 0.4145 -0.0077 -0.0041 -0.0141 26  U   B "O5'" 
541 C "C5'" . U   B 13 ? 0.4315 0.4203 0.4246 0.0003  0.0072  0.0015  26  U   B "C5'" 
542 C "C4'" . U   B 13 ? 0.4338 0.4466 0.4366 0.0098  -0.0009 0.0064  26  U   B "C4'" 
543 O "O4'" . U   B 13 ? 0.4335 0.4577 0.4470 -0.0007 0.0037  0.0162  26  U   B "O4'" 
544 C "C3'" . U   B 13 ? 0.4292 0.4492 0.4281 0.0011  0.0028  0.0101  26  U   B "C3'" 
545 O "O3'" . U   B 13 ? 0.4371 0.4444 0.4298 0.0189  -0.0124 0.0142  26  U   B "O3'" 
546 C "C2'" . U   B 13 ? 0.4283 0.4517 0.4285 0.0084  -0.0024 0.0141  26  U   B "C2'" 
547 O "O2'" . U   B 13 ? 0.3976 0.4561 0.4140 -0.0232 -0.0263 0.0324  26  U   B "O2'" 
548 C "C1'" . U   B 13 ? 0.4357 0.4769 0.4556 0.0094  0.0054  0.0257  26  U   B "C1'" 
549 N N1    . U   B 13 ? 0.4412 0.4775 0.4617 0.0152  0.0091  0.0262  26  U   B N1    
550 C C2    . U   B 13 ? 0.4487 0.5053 0.4764 0.0220  0.0125  0.0263  26  U   B C2    
551 O O2    . U   B 13 ? 0.4402 0.4967 0.4640 0.0279  0.0200  0.0275  26  U   B O2    
552 N N3    . U   B 13 ? 0.4673 0.5237 0.4854 0.0173  0.0166  0.0296  26  U   B N3    
553 C C4    . U   B 13 ? 0.4492 0.5079 0.4748 0.0124  0.0131  0.0258  26  U   B C4    
554 O O4    . U   B 13 ? 0.4490 0.5097 0.4696 0.0250  0.0185  0.0347  26  U   B O4    
555 C C5    . U   B 13 ? 0.4543 0.4926 0.4657 0.0138  0.0077  0.0235  26  U   B C5    
556 C C6    . U   B 13 ? 0.4461 0.4870 0.4607 0.0157  0.0061  0.0143  26  U   B C6    
557 O O     . HOH C .  ? 0.5065 0.3824 0.3252 0.0676  -0.0542 0.1197  102 HOH A O     
558 O O     . HOH C .  ? 0.8275 0.4716 0.4581 0.0405  0.2335  0.0443  103 HOH A O     
559 O O     . HOH C .  ? 0.2316 0.7102 0.2599 0.0278  0.0520  0.1395  104 HOH A O     
560 O O     . HOH C .  ? 0.4662 0.1246 0.3664 0.0494  -0.2374 0.1147  107 HOH A O     
561 O O     . HOH C .  ? 0.3416 0.4738 0.3687 -0.0238 -0.0285 0.2264  112 HOH A O     
562 O O     . HOH C .  ? 0.4081 0.7201 0.4245 0.0851  -0.0868 0.2476  114 HOH A O     
563 O O     . HOH C .  ? 0.3316 0.3152 0.5734 0.1020  0.0023  0.0205  116 HOH A O     
564 O O     . HOH C .  ? 0.2595 0.6283 0.6562 0.0043  0.0565  0.0018  121 HOH A O     
565 O O     . HOH C .  ? 0.8517 0.3683 0.4497 0.0235  0.1234  0.0724  125 HOH A O     
566 O O     . HOH C .  ? 0.3515 0.6184 0.4504 -0.1216 0.0286  0.0390  126 HOH A O     
567 O O     . HOH C .  ? 0.3435 0.5356 0.2947 0.0870  -0.1423 -0.1120 127 HOH A O     
568 O O     . HOH C .  ? 0.6259 0.4944 0.3724 0.0644  0.0943  0.1060  134 HOH A O     
569 O O     . HOH C .  ? 0.5568 0.3493 0.5284 0.1141  0.2530  0.0213  136 HOH A O     
570 O O     . HOH C .  ? 0.4282 0.4107 0.4996 -0.0667 -0.1071 0.0916  140 HOH A O     
571 O O     . HOH C .  ? 0.4600 0.3368 0.8577 0.1594  0.0248  0.1174  144 HOH A O     
572 O O     . HOH C .  ? 0.5600 0.5557 0.3686 0.0253  -0.0196 -0.1261 148 HOH A O     
573 O O     . HOH C .  ? 0.2888 0.7247 0.9003 -0.0219 -0.1843 0.0635  151 HOH A O     
574 O O     . HOH C .  ? 0.4552 0.4917 0.4748 0.1264  -0.0618 -0.0773 152 HOH A O     
575 O O     . HOH C .  ? 0.0859 0.2692 0.4553 -0.0244 0.0430  -0.0459 154 HOH A O     
576 O O     . HOH C .  ? 1.0672 0.7995 0.1260 0.1341  0.0330  -0.1233 156 HOH A O     
577 O O     . HOH C .  ? 0.2454 1.3402 0.6808 0.0817  -0.2914 -0.1311 161 HOH A O     
578 O O     . HOH C .  ? 0.2036 0.7266 1.0012 0.0172  -0.0158 0.0849  169 HOH A O     
579 O O     . HOH C .  ? 0.6896 0.1039 0.8757 -0.0167 0.2353  -0.0975 171 HOH A O     
581 O O     . HOH C .  ? 0.5570 0.5552 0.5476 0.0209  0.0514  0.0132  179 HOH A O     
582 O O     . HOH C .  ? 0.4847 0.5323 0.9117 0.0388  0.0911  0.2397  180 HOH A O     
583 O O     . HOH C .  ? 0.5687 0.4151 0.3811 -0.1460 0.1272  -0.0567 181 HOH A O     
584 O O     . HOH C .  ? 0.6157 0.7682 0.7326 0.0513  -0.3002 0.2453  183 HOH A O     
585 O O     . HOH C .  ? 0.2852 0.5899 1.0073 0.0913  0.1686  0.0533  189 HOH A O     
586 O O     . HOH C .  ? 0.5609 0.4429 0.6913 0.0949  -0.1780 0.0249  190 HOH A O     
587 O O     . HOH C .  ? 0.6468 0.3088 0.6044 0.0606  0.0263  0.0240  191 HOH A O     
588 O O     . HOH C .  ? 0.9201 0.5386 0.4069 0.1680  -0.0189 0.1565  192 HOH A O     
589 O O     . HOH C .  ? 0.4366 0.5183 0.5261 0.1459  0.0237  0.0412  193 HOH A O     
590 O O     . HOH C .  ? 0.3517 0.9364 0.3652 0.2096  -0.1741 0.0690  194 HOH A O     
591 O O     . HOH C .  ? 0.8510 0.2977 1.0030 0.1567  -0.0476 -0.1931 196 HOH A O     
592 O O     . HOH C .  ? 0.3286 0.5080 0.4034 0.0137  -0.1066 -0.0471 198 HOH A O     
593 O O     . HOH C .  ? 0.1012 0.4763 1.2085 -0.0836 0.2860  -0.1211 199 HOH A O     
594 O O     . HOH C .  ? 0.2294 0.7319 0.6876 0.1087  -0.1155 -0.1885 202 HOH A O     
595 O O     . HOH C .  ? 0.4162 0.3961 0.5020 0.1335  0.0974  0.0878  211 HOH A O     
596 O O     . HOH C .  ? 0.5712 0.4089 0.3077 0.0482  0.0041  0.0508  212 HOH A O     
597 O O     . HOH C .  ? 0.4207 0.4801 0.8777 0.0483  0.0448  0.2025  215 HOH A O     
598 O O     . HOH C .  ? 0.3531 0.9645 0.3630 0.2153  -0.0150 -0.0156 218 HOH A O     
599 O O     . HOH C .  ? 0.7759 0.4027 0.4241 0.0825  0.2034  -0.0224 219 HOH A O     
600 O O     . HOH C .  ? 0.3622 0.7653 0.7908 0.1161  -0.1432 -0.2368 221 HOH A O     
601 O O     . HOH C .  ? 0.3955 1.2221 0.3918 0.1987  -0.1692 -0.1225 224 HOH A O     
602 O O     . HOH C .  ? 0.3729 0.6310 1.1984 -0.0384 -0.4458 -0.1564 229 HOH A O     
607 O O     . HOH D .  ? 0.6120 1.2887 0.3018 -0.0865 -0.1404 -0.0134 101 HOH B O     
608 O O     . HOH D .  ? 0.3974 0.6328 0.3526 0.0318  -0.0174 0.0142  105 HOH B O     
609 O O     . HOH D .  ? 0.6923 0.3550 0.4549 0.1139  -0.1156 0.1523  106 HOH B O     
610 O O     . HOH D .  ? 0.5439 0.6049 0.5421 -0.0313 0.2916  -0.0603 108 HOH B O     
611 O O     . HOH D .  ? 0.6068 0.5427 0.3379 -0.0163 0.2574  0.0863  109 HOH B O     
612 O O     . HOH D .  ? 0.2966 0.7207 0.5736 -0.0316 -0.1597 0.1442  110 HOH B O     
613 O O     . HOH D .  ? 0.2029 0.3363 0.2766 0.0827  0.0536  0.0532  111 HOH B O     
614 O O     . HOH D .  ? 0.7633 0.5440 0.4912 0.1270  0.0262  -0.2085 113 HOH B O     
615 O O     . HOH D .  ? 0.3120 0.5415 0.3019 0.0006  -0.1690 0.0518  115 HOH B O     
616 O O     . HOH D .  ? 0.9188 0.4695 0.6065 -0.3240 0.2812  -0.0902 117 HOH B O     
617 O O     . HOH D .  ? 0.3734 0.3573 0.4639 0.0282  -0.0759 -0.0359 118 HOH B O     
618 O O     . HOH D .  ? 0.3269 0.3561 0.5438 0.0780  0.1104  -0.0026 119 HOH B O     
620 O O     . HOH D .  ? 0.8180 0.6189 0.3614 0.3219  0.1827  -0.0157 122 HOH B O     
621 O O     . HOH D .  ? 0.7503 0.5419 0.5063 -0.1708 -0.2573 -0.1316 123 HOH B O     
622 O O     . HOH D .  ? 0.4494 0.6256 0.6373 0.0522  0.0292  -0.1221 124 HOH B O     
623 O O     . HOH D .  ? 0.4839 0.9302 0.4496 0.3831  0.3289  -0.0571 129 HOH B O     
624 O O     . HOH D .  ? 0.4436 0.6331 0.5698 -0.1200 0.1445  -0.0260 130 HOH B O     
625 O O     . HOH D .  ? 0.5644 0.3898 0.3618 0.0343  -0.0602 0.0263  131 HOH B O     
626 O O     . HOH D .  ? 0.6359 0.5951 0.3955 -0.1012 -0.1966 0.0513  132 HOH B O     
627 O O     . HOH D .  ? 0.4449 0.5346 0.3545 0.0819  -0.0286 0.0005  133 HOH B O     
628 O O     . HOH D .  ? 0.6882 0.5325 1.1025 0.0905  0.2642  -0.2495 135 HOH B O     
629 O O     . HOH D .  ? 0.5904 0.8377 0.6816 -0.1062 0.4590  -0.1587 137 HOH B O     
630 O O     . HOH D .  ? 0.7797 0.6781 0.6086 0.0895  -0.1591 -0.3644 138 HOH B O     
631 O O     . HOH D .  ? 0.5312 0.8605 0.2922 0.2005  -0.1406 -0.0428 139 HOH B O     
632 O O     . HOH D .  ? 0.4832 0.4936 0.5253 0.0430  -0.0049 -0.1508 141 HOH B O     
633 O O     . HOH D .  ? 0.8402 0.5954 0.4683 -0.4044 -0.0493 0.1696  145 HOH B O     
634 O O     . HOH D .  ? 0.2930 0.7261 0.3026 -0.0149 -0.1491 0.0092  149 HOH B O     
635 O O     . HOH D .  ? 0.7578 0.3398 0.7194 -0.0890 0.0309  -0.1795 153 HOH B O     
636 O O     . HOH D .  ? 0.4460 0.5099 0.0977 -0.2447 -0.0268 0.0731  155 HOH B O     
637 O O     . HOH D .  ? 0.8101 0.7423 0.5787 0.0205  0.3755  0.0144  158 HOH B O     
638 O O     . HOH D .  ? 0.3970 1.2285 0.2216 -0.0138 -0.1191 0.0177  159 HOH B O     
639 O O     . HOH D .  ? 0.4790 0.6040 0.4761 -0.2303 0.0088  0.0836  160 HOH B O     
641 O O     . HOH D .  ? 0.9621 0.4936 0.3041 -0.1540 -0.1840 0.0547  163 HOH B O     
642 O O     . HOH D .  ? 1.0537 0.5501 0.5212 0.3937  0.2234  -0.1001 164 HOH B O     
643 O O     . HOH D .  ? 1.0631 0.4333 0.3407 0.0985  0.1225  0.1249  166 HOH B O     
645 O O     . HOH D .  ? 0.4118 0.5763 0.1818 0.1276  0.0185  -0.0656 170 HOH B O     
648 O O     . HOH D .  ? 0.4223 1.0120 0.6522 0.3284  -0.2653 -0.0273 184 HOH B O     
649 O O     . HOH D .  ? 0.8491 0.8441 0.2250 -0.0323 -0.0519 -0.1177 186 HOH B O     
652 O O     . HOH D .  ? 0.5866 1.4017 0.3618 -0.5130 0.2009  -0.1292 203 HOH B O     
653 O O     . HOH D .  ? 0.1657 0.2080 0.4491 0.1217  0.0454  0.0369  204 HOH B O     
654 O O     . HOH D .  ? 0.2746 0.5814 0.5206 0.2236  -0.1138 -0.2497 205 HOH B O     
655 O O     . HOH D .  ? 0.4938 0.6130 0.0645 -0.1290 -0.1345 0.0190  207 HOH B O     
657 O O     . HOH D .  ? 0.5123 0.5258 0.2690 0.0268  -0.0962 0.0984  209 HOH B O     
658 O O     . HOH D .  ? 0.4712 0.7489 0.7146 -0.1725 0.0060  0.2183  210 HOH B O     
659 O O     . HOH D .  ? 0.4608 0.3843 0.2296 -0.2470 0.0065  -0.0520 213 HOH B O     
660 O O     . HOH D .  ? 0.3607 0.3315 0.6538 0.1052  -0.0992 -0.0121 217 HOH B O     
661 O O     . HOH D .  ? 0.7259 0.6605 1.6759 0.0769  -0.7161 -0.4030 222 HOH B O     
662 O O     . HOH D .  ? 0.5212 0.3547 0.1958 -0.0402 -0.2641 0.0855  223 HOH B O     
664 O O     . HOH D .  ? 0.4951 1.2468 1.0162 -0.0401 0.2545  -0.4584 230 HOH B O     
665 O O     . HOH D .  ? 0.4560 0.7195 0.7564 0.0040  0.0460  0.0500  232 HOH B O     
666 O O     . HOH D .  ? 0.6944 0.7020 0.5835 0.1339  0.1214  0.3246  233 HOH B O     
# 
